data_8K9D
# 
_entry.id   8K9D 
# 
_audit_conform.dict_name       mmcif_pdbx.dic 
_audit_conform.dict_version    5.402 
_audit_conform.dict_location   http://mmcif.pdb.org/dictionaries/ascii/mmcif_pdbx.dic 
# 
loop_
_database_2.database_id 
_database_2.database_code 
_database_2.pdbx_database_accession 
_database_2.pdbx_DOI 
PDB   8K9D         pdb_00008k9d 10.2210/pdb8k9d/pdb 
WWPDB D_1300039736 ?            ?                   
# 
loop_
_pdbx_audit_revision_history.ordinal 
_pdbx_audit_revision_history.data_content_type 
_pdbx_audit_revision_history.major_revision 
_pdbx_audit_revision_history.minor_revision 
_pdbx_audit_revision_history.revision_date 
_pdbx_audit_revision_history.part_number 
1 'Structure model' 1 0 2024-08-21 ? 
2 'Structure model' 1 1 2024-11-13 ? 
3 'Structure model' 1 2 2025-03-05 ? 
# 
_pdbx_audit_revision_details.ordinal             1 
_pdbx_audit_revision_details.revision_ordinal    1 
_pdbx_audit_revision_details.data_content_type   'Structure model' 
_pdbx_audit_revision_details.provider            repository 
_pdbx_audit_revision_details.type                'Initial release' 
_pdbx_audit_revision_details.description         ? 
_pdbx_audit_revision_details.details             ? 
# 
loop_
_pdbx_audit_revision_group.ordinal 
_pdbx_audit_revision_group.revision_ordinal 
_pdbx_audit_revision_group.data_content_type 
_pdbx_audit_revision_group.group 
1 2 'Structure model' 'Structure summary'   
2 3 'Structure model' 'Database references' 
# 
loop_
_pdbx_audit_revision_category.ordinal 
_pdbx_audit_revision_category.revision_ordinal 
_pdbx_audit_revision_category.data_content_type 
_pdbx_audit_revision_category.category 
1 2 'Structure model' pdbx_entry_details        
2 2 'Structure model' pdbx_modification_feature 
3 3 'Structure model' citation                  
4 3 'Structure model' citation_author           
# 
loop_
_pdbx_audit_revision_item.ordinal 
_pdbx_audit_revision_item.revision_ordinal 
_pdbx_audit_revision_item.data_content_type 
_pdbx_audit_revision_item.item 
1  2 'Structure model' '_pdbx_entry_details.has_protein_modification' 
2  3 'Structure model' '_citation.country'                            
3  3 'Structure model' '_citation.journal_abbrev'                     
4  3 'Structure model' '_citation.journal_id_ASTM'                    
5  3 'Structure model' '_citation.journal_id_CSD'                     
6  3 'Structure model' '_citation.journal_id_ISSN'                    
7  3 'Structure model' '_citation.journal_volume'                     
8  3 'Structure model' '_citation.page_first'                         
9  3 'Structure model' '_citation.page_last'                          
10 3 'Structure model' '_citation.pdbx_database_id_DOI'               
11 3 'Structure model' '_citation.pdbx_database_id_PubMed'            
12 3 'Structure model' '_citation.title'                              
13 3 'Structure model' '_citation.year'                               
# 
_pdbx_database_status.status_code                     REL 
_pdbx_database_status.status_code_sf                  REL 
_pdbx_database_status.status_code_mr                  ? 
_pdbx_database_status.entry_id                        8K9D 
_pdbx_database_status.recvd_initial_deposition_date   2023-07-31 
_pdbx_database_status.SG_entry                        N 
_pdbx_database_status.deposit_site                    PDBJ 
_pdbx_database_status.process_site                    PDBC 
_pdbx_database_status.status_code_cs                  ? 
_pdbx_database_status.status_code_nmr_data            ? 
_pdbx_database_status.methods_development_category    ? 
_pdbx_database_status.pdb_format_compatible           Y 
# 
_pdbx_contact_author.id                 2 
_pdbx_contact_author.email              xmsong01@sibcb.ac.cn 
_pdbx_contact_author.name_first         Xiaomin 
_pdbx_contact_author.name_last          Song 
_pdbx_contact_author.name_mi            ? 
_pdbx_contact_author.role               'principal investigator/group leader' 
_pdbx_contact_author.identifier_ORCID   0000-0002-9721-0682 
# 
_audit_author.name               'Song, X.M.' 
_audit_author.pdbx_ordinal       1 
_audit_author.identifier_ORCID   0000-0002-9721-0682 
# 
_citation.abstract                  ? 
_citation.abstract_id_CAS           ? 
_citation.book_id_ISBN              ? 
_citation.book_publisher            ? 
_citation.book_publisher_city       ? 
_citation.book_title                ? 
_citation.coordinate_linkage        ? 
_citation.country                   US 
_citation.database_id_Medline       ? 
_citation.details                   ? 
_citation.id                        primary 
_citation.journal_abbrev            J.Biol.Chem. 
_citation.journal_id_ASTM           JBCHA3 
_citation.journal_id_CSD            0071 
_citation.journal_id_ISSN           1083-351X 
_citation.journal_full              ? 
_citation.journal_issue             ? 
_citation.journal_volume            300 
_citation.language                  ? 
_citation.page_first                107694 
_citation.page_last                 107694 
_citation.title                     'Structural insights into the Caprin-2 HR1 domain in canonical Wnt signaling.' 
_citation.year                      2024 
_citation.database_id_CSD           ? 
_citation.pdbx_database_id_DOI      10.1016/j.jbc.2024.107694 
_citation.pdbx_database_id_PubMed   39159816 
_citation.pdbx_database_id_patent   ? 
_citation.unpublished_flag          ? 
# 
loop_
_citation_author.citation_id 
_citation_author.name 
_citation_author.ordinal 
_citation_author.identifier_ORCID 
primary 'Su, C.'    1  ? 
primary 'Zhong, Y.' 2  ? 
primary 'Zhou, Z.'  3  ? 
primary 'Li, Y.'    4  ? 
primary 'Jia, Y.'   5  ? 
primary 'Xie, S.'   6  ? 
primary 'Zhao, J.'  7  ? 
primary 'Miao, H.'  8  ? 
primary 'Luo, H.'   9  ? 
primary 'Li, Z.'    10 ? 
primary 'Shi, Z.'   11 ? 
primary 'Li, L.'    12 ? 
primary 'Song, X.'  13 ? 
# 
_entity.id                         1 
_entity.type                       polymer 
_entity.src_method                 man 
_entity.pdbx_description           Caprin-2 
_entity.formula_weight             30547.910 
_entity.pdbx_number_of_molecules   1 
_entity.pdbx_ec                    ? 
_entity.pdbx_mutation              ? 
_entity.pdbx_fragment              ? 
_entity.details                    ? 
# 
_entity_name_com.entity_id   1 
_entity_name_com.name        
;C1q domain-containing protein 1,Cytoplasmic activation/proliferation-associated protein 2,Gastric cancer multidrug resistance-associated protein,Protein EEG-1,RNA granule protein 140
;
# 
_entity_poly.entity_id                      1 
_entity_poly.type                           'polypeptide(L)' 
_entity_poly.nstd_linkage                   no 
_entity_poly.nstd_monomer                   yes 
_entity_poly.pdbx_seq_one_letter_code       
;(MSE)DSPLQSTLSSAASPSQAYETYIENGLICLKHKIRNIEKKKLKLEDYKDRLKSGEHLNPDQLEAVEKYEEVLHNLE
FAKELQKTFSGLSLDLLKAQKKAQRREH(MSE)LKLEAEKKKLRT(MSE)LQVQYVLQNLTQEHVQKDFKGGLNGAVYLP
SKE(MSE)DYLIKFSKLTCPERNESLSVEDQ(MSE)EQSSLYFWDLLEGSEKAVVGTTYKH(MSE)KDLLSKLLNSGYFE
SIPVPKNAKEKEVPLEEE(MSE)LIQSEKKTQLSKTESVKLEHHHHHH
;
_entity_poly.pdbx_seq_one_letter_code_can   
;MDSPLQSTLSSAASPSQAYETYIENGLICLKHKIRNIEKKKLKLEDYKDRLKSGEHLNPDQLEAVEKYEEVLHNLEFAKE
LQKTFSGLSLDLLKAQKKAQRREHMLKLEAEKKKLRTMLQVQYVLQNLTQEHVQKDFKGGLNGAVYLPSKEMDYLIKFSK
LTCPERNESLSVEDQMEQSSLYFWDLLEGSEKAVVGTTYKHMKDLLSKLLNSGYFESIPVPKNAKEKEVPLEEEMLIQSE
KKTQLSKTESVKLEHHHHHH
;
_entity_poly.pdbx_strand_id                 A 
_entity_poly.pdbx_target_identifier         ? 
# 
loop_
_entity_poly_seq.entity_id 
_entity_poly_seq.num 
_entity_poly_seq.mon_id 
_entity_poly_seq.hetero 
1 1   MSE n 
1 2   ASP n 
1 3   SER n 
1 4   PRO n 
1 5   LEU n 
1 6   GLN n 
1 7   SER n 
1 8   THR n 
1 9   LEU n 
1 10  SER n 
1 11  SER n 
1 12  ALA n 
1 13  ALA n 
1 14  SER n 
1 15  PRO n 
1 16  SER n 
1 17  GLN n 
1 18  ALA n 
1 19  TYR n 
1 20  GLU n 
1 21  THR n 
1 22  TYR n 
1 23  ILE n 
1 24  GLU n 
1 25  ASN n 
1 26  GLY n 
1 27  LEU n 
1 28  ILE n 
1 29  CYS n 
1 30  LEU n 
1 31  LYS n 
1 32  HIS n 
1 33  LYS n 
1 34  ILE n 
1 35  ARG n 
1 36  ASN n 
1 37  ILE n 
1 38  GLU n 
1 39  LYS n 
1 40  LYS n 
1 41  LYS n 
1 42  LEU n 
1 43  LYS n 
1 44  LEU n 
1 45  GLU n 
1 46  ASP n 
1 47  TYR n 
1 48  LYS n 
1 49  ASP n 
1 50  ARG n 
1 51  LEU n 
1 52  LYS n 
1 53  SER n 
1 54  GLY n 
1 55  GLU n 
1 56  HIS n 
1 57  LEU n 
1 58  ASN n 
1 59  PRO n 
1 60  ASP n 
1 61  GLN n 
1 62  LEU n 
1 63  GLU n 
1 64  ALA n 
1 65  VAL n 
1 66  GLU n 
1 67  LYS n 
1 68  TYR n 
1 69  GLU n 
1 70  GLU n 
1 71  VAL n 
1 72  LEU n 
1 73  HIS n 
1 74  ASN n 
1 75  LEU n 
1 76  GLU n 
1 77  PHE n 
1 78  ALA n 
1 79  LYS n 
1 80  GLU n 
1 81  LEU n 
1 82  GLN n 
1 83  LYS n 
1 84  THR n 
1 85  PHE n 
1 86  SER n 
1 87  GLY n 
1 88  LEU n 
1 89  SER n 
1 90  LEU n 
1 91  ASP n 
1 92  LEU n 
1 93  LEU n 
1 94  LYS n 
1 95  ALA n 
1 96  GLN n 
1 97  LYS n 
1 98  LYS n 
1 99  ALA n 
1 100 GLN n 
1 101 ARG n 
1 102 ARG n 
1 103 GLU n 
1 104 HIS n 
1 105 MSE n 
1 106 LEU n 
1 107 LYS n 
1 108 LEU n 
1 109 GLU n 
1 110 ALA n 
1 111 GLU n 
1 112 LYS n 
1 113 LYS n 
1 114 LYS n 
1 115 LEU n 
1 116 ARG n 
1 117 THR n 
1 118 MSE n 
1 119 LEU n 
1 120 GLN n 
1 121 VAL n 
1 122 GLN n 
1 123 TYR n 
1 124 VAL n 
1 125 LEU n 
1 126 GLN n 
1 127 ASN n 
1 128 LEU n 
1 129 THR n 
1 130 GLN n 
1 131 GLU n 
1 132 HIS n 
1 133 VAL n 
1 134 GLN n 
1 135 LYS n 
1 136 ASP n 
1 137 PHE n 
1 138 LYS n 
1 139 GLY n 
1 140 GLY n 
1 141 LEU n 
1 142 ASN n 
1 143 GLY n 
1 144 ALA n 
1 145 VAL n 
1 146 TYR n 
1 147 LEU n 
1 148 PRO n 
1 149 SER n 
1 150 LYS n 
1 151 GLU n 
1 152 MSE n 
1 153 ASP n 
1 154 TYR n 
1 155 LEU n 
1 156 ILE n 
1 157 LYS n 
1 158 PHE n 
1 159 SER n 
1 160 LYS n 
1 161 LEU n 
1 162 THR n 
1 163 CYS n 
1 164 PRO n 
1 165 GLU n 
1 166 ARG n 
1 167 ASN n 
1 168 GLU n 
1 169 SER n 
1 170 LEU n 
1 171 SER n 
1 172 VAL n 
1 173 GLU n 
1 174 ASP n 
1 175 GLN n 
1 176 MSE n 
1 177 GLU n 
1 178 GLN n 
1 179 SER n 
1 180 SER n 
1 181 LEU n 
1 182 TYR n 
1 183 PHE n 
1 184 TRP n 
1 185 ASP n 
1 186 LEU n 
1 187 LEU n 
1 188 GLU n 
1 189 GLY n 
1 190 SER n 
1 191 GLU n 
1 192 LYS n 
1 193 ALA n 
1 194 VAL n 
1 195 VAL n 
1 196 GLY n 
1 197 THR n 
1 198 THR n 
1 199 TYR n 
1 200 LYS n 
1 201 HIS n 
1 202 MSE n 
1 203 LYS n 
1 204 ASP n 
1 205 LEU n 
1 206 LEU n 
1 207 SER n 
1 208 LYS n 
1 209 LEU n 
1 210 LEU n 
1 211 ASN n 
1 212 SER n 
1 213 GLY n 
1 214 TYR n 
1 215 PHE n 
1 216 GLU n 
1 217 SER n 
1 218 ILE n 
1 219 PRO n 
1 220 VAL n 
1 221 PRO n 
1 222 LYS n 
1 223 ASN n 
1 224 ALA n 
1 225 LYS n 
1 226 GLU n 
1 227 LYS n 
1 228 GLU n 
1 229 VAL n 
1 230 PRO n 
1 231 LEU n 
1 232 GLU n 
1 233 GLU n 
1 234 GLU n 
1 235 MSE n 
1 236 LEU n 
1 237 ILE n 
1 238 GLN n 
1 239 SER n 
1 240 GLU n 
1 241 LYS n 
1 242 LYS n 
1 243 THR n 
1 244 GLN n 
1 245 LEU n 
1 246 SER n 
1 247 LYS n 
1 248 THR n 
1 249 GLU n 
1 250 SER n 
1 251 VAL n 
1 252 LYS n 
1 253 LEU n 
1 254 GLU n 
1 255 HIS n 
1 256 HIS n 
1 257 HIS n 
1 258 HIS n 
1 259 HIS n 
1 260 HIS n 
# 
_entity_src_gen.entity_id                          1 
_entity_src_gen.pdbx_src_id                        1 
_entity_src_gen.pdbx_alt_source_flag               sample 
_entity_src_gen.pdbx_seq_type                      'Biological sequence' 
_entity_src_gen.pdbx_beg_seq_num                   1 
_entity_src_gen.pdbx_end_seq_num                   260 
_entity_src_gen.gene_src_common_name               human 
_entity_src_gen.gene_src_genus                     ? 
_entity_src_gen.pdbx_gene_src_gene                 'CAPRIN2, C1QDC1, EEG1, KIAA1873, RNG140' 
_entity_src_gen.gene_src_species                   ? 
_entity_src_gen.gene_src_strain                    ? 
_entity_src_gen.gene_src_tissue                    ? 
_entity_src_gen.gene_src_tissue_fraction           ? 
_entity_src_gen.gene_src_details                   ? 
_entity_src_gen.pdbx_gene_src_fragment             ? 
_entity_src_gen.pdbx_gene_src_scientific_name      'Homo sapiens' 
_entity_src_gen.pdbx_gene_src_ncbi_taxonomy_id     9606 
_entity_src_gen.pdbx_gene_src_variant              ? 
_entity_src_gen.pdbx_gene_src_cell_line            ? 
_entity_src_gen.pdbx_gene_src_atcc                 ? 
_entity_src_gen.pdbx_gene_src_organ                ? 
_entity_src_gen.pdbx_gene_src_organelle            ? 
_entity_src_gen.pdbx_gene_src_cell                 ? 
_entity_src_gen.pdbx_gene_src_cellular_location    ? 
_entity_src_gen.host_org_common_name               ? 
_entity_src_gen.pdbx_host_org_scientific_name      'Escherichia coli' 
_entity_src_gen.pdbx_host_org_ncbi_taxonomy_id     562 
_entity_src_gen.host_org_genus                     ? 
_entity_src_gen.pdbx_host_org_gene                 ? 
_entity_src_gen.pdbx_host_org_organ                ? 
_entity_src_gen.host_org_species                   ? 
_entity_src_gen.pdbx_host_org_tissue               ? 
_entity_src_gen.pdbx_host_org_tissue_fraction      ? 
_entity_src_gen.pdbx_host_org_strain               ? 
_entity_src_gen.pdbx_host_org_variant              ? 
_entity_src_gen.pdbx_host_org_cell_line            ? 
_entity_src_gen.pdbx_host_org_atcc                 ? 
_entity_src_gen.pdbx_host_org_culture_collection   ? 
_entity_src_gen.pdbx_host_org_cell                 ? 
_entity_src_gen.pdbx_host_org_organelle            ? 
_entity_src_gen.pdbx_host_org_cellular_location    ? 
_entity_src_gen.pdbx_host_org_vector_type          ? 
_entity_src_gen.pdbx_host_org_vector               ? 
_entity_src_gen.host_org_details                   ? 
_entity_src_gen.expression_system_id               ? 
_entity_src_gen.plasmid_name                       ? 
_entity_src_gen.plasmid_details                    ? 
_entity_src_gen.pdbx_description                   ? 
# 
loop_
_chem_comp.id 
_chem_comp.type 
_chem_comp.mon_nstd_flag 
_chem_comp.name 
_chem_comp.pdbx_synonyms 
_chem_comp.formula 
_chem_comp.formula_weight 
ALA 'L-peptide linking' y ALANINE          ? 'C3 H7 N O2'     89.093  
ARG 'L-peptide linking' y ARGININE         ? 'C6 H15 N4 O2 1' 175.209 
ASN 'L-peptide linking' y ASPARAGINE       ? 'C4 H8 N2 O3'    132.118 
ASP 'L-peptide linking' y 'ASPARTIC ACID'  ? 'C4 H7 N O4'     133.103 
CYS 'L-peptide linking' y CYSTEINE         ? 'C3 H7 N O2 S'   121.158 
GLN 'L-peptide linking' y GLUTAMINE        ? 'C5 H10 N2 O3'   146.144 
GLU 'L-peptide linking' y 'GLUTAMIC ACID'  ? 'C5 H9 N O4'     147.129 
GLY 'peptide linking'   y GLYCINE          ? 'C2 H5 N O2'     75.067  
HIS 'L-peptide linking' y HISTIDINE        ? 'C6 H10 N3 O2 1' 156.162 
ILE 'L-peptide linking' y ISOLEUCINE       ? 'C6 H13 N O2'    131.173 
LEU 'L-peptide linking' y LEUCINE          ? 'C6 H13 N O2'    131.173 
LYS 'L-peptide linking' y LYSINE           ? 'C6 H15 N2 O2 1' 147.195 
MSE 'L-peptide linking' n SELENOMETHIONINE ? 'C5 H11 N O2 Se' 196.106 
PHE 'L-peptide linking' y PHENYLALANINE    ? 'C9 H11 N O2'    165.189 
PRO 'L-peptide linking' y PROLINE          ? 'C5 H9 N O2'     115.130 
SER 'L-peptide linking' y SERINE           ? 'C3 H7 N O3'     105.093 
THR 'L-peptide linking' y THREONINE        ? 'C4 H9 N O3'     119.119 
TRP 'L-peptide linking' y TRYPTOPHAN       ? 'C11 H12 N2 O2'  204.225 
TYR 'L-peptide linking' y TYROSINE         ? 'C9 H11 N O3'    181.189 
VAL 'L-peptide linking' y VALINE           ? 'C5 H11 N O2'    117.146 
# 
loop_
_pdbx_poly_seq_scheme.asym_id 
_pdbx_poly_seq_scheme.entity_id 
_pdbx_poly_seq_scheme.seq_id 
_pdbx_poly_seq_scheme.mon_id 
_pdbx_poly_seq_scheme.ndb_seq_num 
_pdbx_poly_seq_scheme.pdb_seq_num 
_pdbx_poly_seq_scheme.auth_seq_num 
_pdbx_poly_seq_scheme.pdb_mon_id 
_pdbx_poly_seq_scheme.auth_mon_id 
_pdbx_poly_seq_scheme.pdb_strand_id 
_pdbx_poly_seq_scheme.pdb_ins_code 
_pdbx_poly_seq_scheme.hetero 
A 1 1   MSE 1   100 ?   ?   ?   A . n 
A 1 2   ASP 2   101 ?   ?   ?   A . n 
A 1 3   SER 3   102 ?   ?   ?   A . n 
A 1 4   PRO 4   103 ?   ?   ?   A . n 
A 1 5   LEU 5   104 ?   ?   ?   A . n 
A 1 6   GLN 6   105 ?   ?   ?   A . n 
A 1 7   SER 7   106 ?   ?   ?   A . n 
A 1 8   THR 8   107 ?   ?   ?   A . n 
A 1 9   LEU 9   108 ?   ?   ?   A . n 
A 1 10  SER 10  109 ?   ?   ?   A . n 
A 1 11  SER 11  110 ?   ?   ?   A . n 
A 1 12  ALA 12  111 ?   ?   ?   A . n 
A 1 13  ALA 13  112 ?   ?   ?   A . n 
A 1 14  SER 14  113 ?   ?   ?   A . n 
A 1 15  PRO 15  114 ?   ?   ?   A . n 
A 1 16  SER 16  115 ?   ?   ?   A . n 
A 1 17  GLN 17  116 ?   ?   ?   A . n 
A 1 18  ALA 18  117 ?   ?   ?   A . n 
A 1 19  TYR 19  118 ?   ?   ?   A . n 
A 1 20  GLU 20  119 ?   ?   ?   A . n 
A 1 21  THR 21  120 ?   ?   ?   A . n 
A 1 22  TYR 22  121 ?   ?   ?   A . n 
A 1 23  ILE 23  122 ?   ?   ?   A . n 
A 1 24  GLU 24  123 ?   ?   ?   A . n 
A 1 25  ASN 25  124 ?   ?   ?   A . n 
A 1 26  GLY 26  125 ?   ?   ?   A . n 
A 1 27  LEU 27  126 ?   ?   ?   A . n 
A 1 28  ILE 28  127 ?   ?   ?   A . n 
A 1 29  CYS 29  128 ?   ?   ?   A . n 
A 1 30  LEU 30  129 ?   ?   ?   A . n 
A 1 31  LYS 31  130 ?   ?   ?   A . n 
A 1 32  HIS 32  131 ?   ?   ?   A . n 
A 1 33  LYS 33  132 ?   ?   ?   A . n 
A 1 34  ILE 34  133 ?   ?   ?   A . n 
A 1 35  ARG 35  134 ?   ?   ?   A . n 
A 1 36  ASN 36  135 ?   ?   ?   A . n 
A 1 37  ILE 37  136 ?   ?   ?   A . n 
A 1 38  GLU 38  137 ?   ?   ?   A . n 
A 1 39  LYS 39  138 ?   ?   ?   A . n 
A 1 40  LYS 40  139 ?   ?   ?   A . n 
A 1 41  LYS 41  140 ?   ?   ?   A . n 
A 1 42  LEU 42  141 ?   ?   ?   A . n 
A 1 43  LYS 43  142 ?   ?   ?   A . n 
A 1 44  LEU 44  143 ?   ?   ?   A . n 
A 1 45  GLU 45  144 ?   ?   ?   A . n 
A 1 46  ASP 46  145 ?   ?   ?   A . n 
A 1 47  TYR 47  146 ?   ?   ?   A . n 
A 1 48  LYS 48  147 ?   ?   ?   A . n 
A 1 49  ASP 49  148 ?   ?   ?   A . n 
A 1 50  ARG 50  149 ?   ?   ?   A . n 
A 1 51  LEU 51  150 ?   ?   ?   A . n 
A 1 52  LYS 52  151 ?   ?   ?   A . n 
A 1 53  SER 53  152 ?   ?   ?   A . n 
A 1 54  GLY 54  153 ?   ?   ?   A . n 
A 1 55  GLU 55  154 ?   ?   ?   A . n 
A 1 56  HIS 56  155 ?   ?   ?   A . n 
A 1 57  LEU 57  156 ?   ?   ?   A . n 
A 1 58  ASN 58  157 ?   ?   ?   A . n 
A 1 59  PRO 59  158 ?   ?   ?   A . n 
A 1 60  ASP 60  159 ?   ?   ?   A . n 
A 1 61  GLN 61  160 ?   ?   ?   A . n 
A 1 62  LEU 62  161 ?   ?   ?   A . n 
A 1 63  GLU 63  162 ?   ?   ?   A . n 
A 1 64  ALA 64  163 ?   ?   ?   A . n 
A 1 65  VAL 65  164 ?   ?   ?   A . n 
A 1 66  GLU 66  165 ?   ?   ?   A . n 
A 1 67  LYS 67  166 ?   ?   ?   A . n 
A 1 68  TYR 68  167 ?   ?   ?   A . n 
A 1 69  GLU 69  168 ?   ?   ?   A . n 
A 1 70  GLU 70  169 ?   ?   ?   A . n 
A 1 71  VAL 71  170 ?   ?   ?   A . n 
A 1 72  LEU 72  171 ?   ?   ?   A . n 
A 1 73  HIS 73  172 ?   ?   ?   A . n 
A 1 74  ASN 74  173 ?   ?   ?   A . n 
A 1 75  LEU 75  174 ?   ?   ?   A . n 
A 1 76  GLU 76  175 ?   ?   ?   A . n 
A 1 77  PHE 77  176 ?   ?   ?   A . n 
A 1 78  ALA 78  177 ?   ?   ?   A . n 
A 1 79  LYS 79  178 ?   ?   ?   A . n 
A 1 80  GLU 80  179 ?   ?   ?   A . n 
A 1 81  LEU 81  180 ?   ?   ?   A . n 
A 1 82  GLN 82  181 ?   ?   ?   A . n 
A 1 83  LYS 83  182 ?   ?   ?   A . n 
A 1 84  THR 84  183 ?   ?   ?   A . n 
A 1 85  PHE 85  184 ?   ?   ?   A . n 
A 1 86  SER 86  185 ?   ?   ?   A . n 
A 1 87  GLY 87  186 ?   ?   ?   A . n 
A 1 88  LEU 88  187 ?   ?   ?   A . n 
A 1 89  SER 89  188 ?   ?   ?   A . n 
A 1 90  LEU 90  189 ?   ?   ?   A . n 
A 1 91  ASP 91  190 ?   ?   ?   A . n 
A 1 92  LEU 92  191 ?   ?   ?   A . n 
A 1 93  LEU 93  192 ?   ?   ?   A . n 
A 1 94  LYS 94  193 ?   ?   ?   A . n 
A 1 95  ALA 95  194 ?   ?   ?   A . n 
A 1 96  GLN 96  195 ?   ?   ?   A . n 
A 1 97  LYS 97  196 196 LYS LYS A . n 
A 1 98  LYS 98  197 197 LYS LYS A . n 
A 1 99  ALA 99  198 198 ALA ALA A . n 
A 1 100 GLN 100 199 199 GLN GLN A . n 
A 1 101 ARG 101 200 200 ARG ARG A . n 
A 1 102 ARG 102 201 201 ARG ARG A . n 
A 1 103 GLU 103 202 202 GLU GLU A . n 
A 1 104 HIS 104 203 203 HIS HIS A . n 
A 1 105 MSE 105 204 204 MSE MSE A . n 
A 1 106 LEU 106 205 205 LEU LEU A . n 
A 1 107 LYS 107 206 206 LYS LYS A . n 
A 1 108 LEU 108 207 207 LEU LEU A . n 
A 1 109 GLU 109 208 208 GLU GLU A . n 
A 1 110 ALA 110 209 209 ALA ALA A . n 
A 1 111 GLU 111 210 210 GLU GLU A . n 
A 1 112 LYS 112 211 211 LYS LYS A . n 
A 1 113 LYS 113 212 212 LYS LYS A . n 
A 1 114 LYS 114 213 213 LYS LYS A . n 
A 1 115 LEU 115 214 214 LEU LEU A . n 
A 1 116 ARG 116 215 215 ARG ARG A . n 
A 1 117 THR 117 216 216 THR THR A . n 
A 1 118 MSE 118 217 217 MSE MSE A . n 
A 1 119 LEU 119 218 218 LEU LEU A . n 
A 1 120 GLN 120 219 219 GLN GLN A . n 
A 1 121 VAL 121 220 220 VAL VAL A . n 
A 1 122 GLN 122 221 221 GLN GLN A . n 
A 1 123 TYR 123 222 222 TYR TYR A . n 
A 1 124 VAL 124 223 223 VAL VAL A . n 
A 1 125 LEU 125 224 224 LEU LEU A . n 
A 1 126 GLN 126 225 225 GLN GLN A . n 
A 1 127 ASN 127 226 226 ASN ASN A . n 
A 1 128 LEU 128 227 227 LEU LEU A . n 
A 1 129 THR 129 228 228 THR THR A . n 
A 1 130 GLN 130 229 229 GLN GLN A . n 
A 1 131 GLU 131 230 230 GLU GLU A . n 
A 1 132 HIS 132 231 231 HIS HIS A . n 
A 1 133 VAL 133 232 232 VAL VAL A . n 
A 1 134 GLN 134 233 233 GLN GLN A . n 
A 1 135 LYS 135 234 234 LYS LYS A . n 
A 1 136 ASP 136 235 235 ASP ASP A . n 
A 1 137 PHE 137 236 236 PHE PHE A . n 
A 1 138 LYS 138 237 237 LYS LYS A . n 
A 1 139 GLY 139 238 238 GLY GLY A . n 
A 1 140 GLY 140 239 239 GLY GLY A . n 
A 1 141 LEU 141 240 240 LEU LEU A . n 
A 1 142 ASN 142 241 241 ASN ASN A . n 
A 1 143 GLY 143 242 242 GLY GLY A . n 
A 1 144 ALA 144 243 243 ALA ALA A . n 
A 1 145 VAL 145 244 244 VAL VAL A . n 
A 1 146 TYR 146 245 245 TYR TYR A . n 
A 1 147 LEU 147 246 246 LEU LEU A . n 
A 1 148 PRO 148 247 247 PRO PRO A . n 
A 1 149 SER 149 248 248 SER SER A . n 
A 1 150 LYS 150 249 249 LYS LYS A . n 
A 1 151 GLU 151 250 250 GLU GLU A . n 
A 1 152 MSE 152 251 251 MSE MSE A . n 
A 1 153 ASP 153 252 252 ASP ASP A . n 
A 1 154 TYR 154 253 253 TYR TYR A . n 
A 1 155 LEU 155 254 254 LEU LEU A . n 
A 1 156 ILE 156 255 255 ILE ILE A . n 
A 1 157 LYS 157 256 256 LYS LYS A . n 
A 1 158 PHE 158 257 257 PHE PHE A . n 
A 1 159 SER 159 258 258 SER SER A . n 
A 1 160 LYS 160 259 259 LYS LYS A . n 
A 1 161 LEU 161 260 260 LEU LEU A . n 
A 1 162 THR 162 261 261 THR THR A . n 
A 1 163 CYS 163 262 262 CYS CYS A . n 
A 1 164 PRO 164 263 263 PRO PRO A . n 
A 1 165 GLU 165 264 264 GLU GLU A . n 
A 1 166 ARG 166 265 265 ARG ARG A . n 
A 1 167 ASN 167 266 266 ASN ASN A . n 
A 1 168 GLU 168 267 267 GLU GLU A . n 
A 1 169 SER 169 268 268 SER SER A . n 
A 1 170 LEU 170 269 269 LEU LEU A . n 
A 1 171 SER 171 270 270 SER SER A . n 
A 1 172 VAL 172 271 271 VAL VAL A . n 
A 1 173 GLU 173 272 272 GLU GLU A . n 
A 1 174 ASP 174 273 273 ASP ASP A . n 
A 1 175 GLN 175 274 274 GLN GLN A . n 
A 1 176 MSE 176 275 275 MSE MSE A . n 
A 1 177 GLU 177 276 276 GLU GLU A . n 
A 1 178 GLN 178 277 277 GLN GLN A . n 
A 1 179 SER 179 278 278 SER SER A . n 
A 1 180 SER 180 279 279 SER SER A . n 
A 1 181 LEU 181 280 280 LEU LEU A . n 
A 1 182 TYR 182 281 281 TYR TYR A . n 
A 1 183 PHE 183 282 282 PHE PHE A . n 
A 1 184 TRP 184 283 283 TRP TRP A . n 
A 1 185 ASP 185 284 284 ASP ASP A . n 
A 1 186 LEU 186 285 285 LEU LEU A . n 
A 1 187 LEU 187 286 286 LEU LEU A . n 
A 1 188 GLU 188 287 287 GLU GLU A . n 
A 1 189 GLY 189 288 288 GLY GLY A . n 
A 1 190 SER 190 289 289 SER SER A . n 
A 1 191 GLU 191 290 290 GLU GLU A . n 
A 1 192 LYS 192 291 291 LYS LYS A . n 
A 1 193 ALA 193 292 292 ALA ALA A . n 
A 1 194 VAL 194 293 293 VAL VAL A . n 
A 1 195 VAL 195 294 294 VAL VAL A . n 
A 1 196 GLY 196 295 295 GLY GLY A . n 
A 1 197 THR 197 296 296 THR THR A . n 
A 1 198 THR 198 297 297 THR THR A . n 
A 1 199 TYR 199 298 298 TYR TYR A . n 
A 1 200 LYS 200 299 299 LYS LYS A . n 
A 1 201 HIS 201 300 300 HIS HIS A . n 
A 1 202 MSE 202 301 301 MSE MSE A . n 
A 1 203 LYS 203 302 302 LYS LYS A . n 
A 1 204 ASP 204 303 303 ASP ASP A . n 
A 1 205 LEU 205 304 304 LEU LEU A . n 
A 1 206 LEU 206 305 305 LEU LEU A . n 
A 1 207 SER 207 306 306 SER SER A . n 
A 1 208 LYS 208 307 307 LYS LYS A . n 
A 1 209 LEU 209 308 308 LEU LEU A . n 
A 1 210 LEU 210 309 309 LEU LEU A . n 
A 1 211 ASN 211 310 310 ASN ASN A . n 
A 1 212 SER 212 311 311 SER SER A . n 
A 1 213 GLY 213 312 312 GLY GLY A . n 
A 1 214 TYR 214 313 313 TYR TYR A . n 
A 1 215 PHE 215 314 314 PHE PHE A . n 
A 1 216 GLU 216 315 315 GLU GLU A . n 
A 1 217 SER 217 316 316 SER SER A . n 
A 1 218 ILE 218 317 317 ILE ILE A . n 
A 1 219 PRO 219 318 318 PRO PRO A . n 
A 1 220 VAL 220 319 ?   ?   ?   A . n 
A 1 221 PRO 221 320 ?   ?   ?   A . n 
A 1 222 LYS 222 321 ?   ?   ?   A . n 
A 1 223 ASN 223 322 ?   ?   ?   A . n 
A 1 224 ALA 224 323 ?   ?   ?   A . n 
A 1 225 LYS 225 324 ?   ?   ?   A . n 
A 1 226 GLU 226 325 ?   ?   ?   A . n 
A 1 227 LYS 227 326 ?   ?   ?   A . n 
A 1 228 GLU 228 327 ?   ?   ?   A . n 
A 1 229 VAL 229 328 ?   ?   ?   A . n 
A 1 230 PRO 230 329 ?   ?   ?   A . n 
A 1 231 LEU 231 330 ?   ?   ?   A . n 
A 1 232 GLU 232 331 ?   ?   ?   A . n 
A 1 233 GLU 233 332 ?   ?   ?   A . n 
A 1 234 GLU 234 333 ?   ?   ?   A . n 
A 1 235 MSE 235 334 ?   ?   ?   A . n 
A 1 236 LEU 236 335 ?   ?   ?   A . n 
A 1 237 ILE 237 336 ?   ?   ?   A . n 
A 1 238 GLN 238 337 ?   ?   ?   A . n 
A 1 239 SER 239 338 ?   ?   ?   A . n 
A 1 240 GLU 240 339 ?   ?   ?   A . n 
A 1 241 LYS 241 340 ?   ?   ?   A . n 
A 1 242 LYS 242 341 ?   ?   ?   A . n 
A 1 243 THR 243 342 ?   ?   ?   A . n 
A 1 244 GLN 244 343 ?   ?   ?   A . n 
A 1 245 LEU 245 344 ?   ?   ?   A . n 
A 1 246 SER 246 345 ?   ?   ?   A . n 
A 1 247 LYS 247 346 ?   ?   ?   A . n 
A 1 248 THR 248 347 ?   ?   ?   A . n 
A 1 249 GLU 249 348 ?   ?   ?   A . n 
A 1 250 SER 250 349 ?   ?   ?   A . n 
A 1 251 VAL 251 350 ?   ?   ?   A . n 
A 1 252 LYS 252 351 ?   ?   ?   A . n 
A 1 253 LEU 253 352 ?   ?   ?   A . n 
A 1 254 GLU 254 353 ?   ?   ?   A . n 
A 1 255 HIS 255 354 ?   ?   ?   A . n 
A 1 256 HIS 256 355 ?   ?   ?   A . n 
A 1 257 HIS 257 356 ?   ?   ?   A . n 
A 1 258 HIS 258 357 ?   ?   ?   A . n 
A 1 259 HIS 259 358 ?   ?   ?   A . n 
A 1 260 HIS 260 359 ?   ?   ?   A . n 
# 
loop_
_pdbx_unobs_or_zero_occ_atoms.id 
_pdbx_unobs_or_zero_occ_atoms.PDB_model_num 
_pdbx_unobs_or_zero_occ_atoms.polymer_flag 
_pdbx_unobs_or_zero_occ_atoms.occupancy_flag 
_pdbx_unobs_or_zero_occ_atoms.auth_asym_id 
_pdbx_unobs_or_zero_occ_atoms.auth_comp_id 
_pdbx_unobs_or_zero_occ_atoms.auth_seq_id 
_pdbx_unobs_or_zero_occ_atoms.PDB_ins_code 
_pdbx_unobs_or_zero_occ_atoms.auth_atom_id 
_pdbx_unobs_or_zero_occ_atoms.label_alt_id 
_pdbx_unobs_or_zero_occ_atoms.label_asym_id 
_pdbx_unobs_or_zero_occ_atoms.label_comp_id 
_pdbx_unobs_or_zero_occ_atoms.label_seq_id 
_pdbx_unobs_or_zero_occ_atoms.label_atom_id 
1  1 Y 1 A LYS 196 ? CG  ? A LYS 97  CG  
2  1 Y 1 A LYS 196 ? CD  ? A LYS 97  CD  
3  1 Y 1 A LYS 196 ? CE  ? A LYS 97  CE  
4  1 Y 1 A LYS 196 ? NZ  ? A LYS 97  NZ  
5  1 Y 1 A LYS 197 ? CG  ? A LYS 98  CG  
6  1 Y 1 A LYS 197 ? CD  ? A LYS 98  CD  
7  1 Y 1 A LYS 197 ? CE  ? A LYS 98  CE  
8  1 Y 1 A LYS 197 ? NZ  ? A LYS 98  NZ  
9  1 Y 1 A GLN 199 ? CG  ? A GLN 100 CG  
10 1 Y 1 A GLN 199 ? CD  ? A GLN 100 CD  
11 1 Y 1 A GLN 199 ? OE1 ? A GLN 100 OE1 
12 1 Y 1 A GLN 199 ? NE2 ? A GLN 100 NE2 
13 1 Y 1 A ARG 200 ? CG  ? A ARG 101 CG  
14 1 Y 1 A ARG 200 ? CD  ? A ARG 101 CD  
15 1 Y 1 A ARG 200 ? NE  ? A ARG 101 NE  
16 1 Y 1 A ARG 200 ? CZ  ? A ARG 101 CZ  
17 1 Y 1 A ARG 200 ? NH1 ? A ARG 101 NH1 
18 1 Y 1 A ARG 200 ? NH2 ? A ARG 101 NH2 
19 1 Y 1 A ARG 201 ? CG  ? A ARG 102 CG  
20 1 Y 1 A ARG 201 ? CD  ? A ARG 102 CD  
21 1 Y 1 A ARG 201 ? NE  ? A ARG 102 NE  
22 1 Y 1 A ARG 201 ? CZ  ? A ARG 102 CZ  
23 1 Y 1 A ARG 201 ? NH1 ? A ARG 102 NH1 
24 1 Y 1 A ARG 201 ? NH2 ? A ARG 102 NH2 
25 1 Y 1 A GLU 202 ? CG  ? A GLU 103 CG  
26 1 Y 1 A GLU 202 ? CD  ? A GLU 103 CD  
27 1 Y 1 A GLU 202 ? OE1 ? A GLU 103 OE1 
28 1 Y 1 A GLU 202 ? OE2 ? A GLU 103 OE2 
29 1 Y 1 A HIS 203 ? CG  ? A HIS 104 CG  
30 1 Y 1 A HIS 203 ? ND1 ? A HIS 104 ND1 
31 1 Y 1 A HIS 203 ? CD2 ? A HIS 104 CD2 
32 1 Y 1 A HIS 203 ? CE1 ? A HIS 104 CE1 
33 1 Y 1 A HIS 203 ? NE2 ? A HIS 104 NE2 
34 1 Y 1 A MSE 204 ? CG  ? A MSE 105 CG  
35 1 Y 1 A MSE 204 ? SE  ? A MSE 105 SE  
36 1 Y 1 A MSE 204 ? CE  ? A MSE 105 CE  
37 1 Y 1 A LEU 205 ? CG  ? A LEU 106 CG  
38 1 Y 1 A LEU 205 ? CD1 ? A LEU 106 CD1 
39 1 Y 1 A LEU 205 ? CD2 ? A LEU 106 CD2 
40 1 Y 1 A LYS 206 ? CG  ? A LYS 107 CG  
41 1 Y 1 A LYS 206 ? CD  ? A LYS 107 CD  
42 1 Y 1 A LYS 206 ? CE  ? A LYS 107 CE  
43 1 Y 1 A LYS 206 ? NZ  ? A LYS 107 NZ  
44 1 Y 1 A LEU 207 ? CG  ? A LEU 108 CG  
45 1 Y 1 A LEU 207 ? CD1 ? A LEU 108 CD1 
46 1 Y 1 A LEU 207 ? CD2 ? A LEU 108 CD2 
47 1 Y 1 A GLU 208 ? CG  ? A GLU 109 CG  
48 1 Y 1 A GLU 208 ? CD  ? A GLU 109 CD  
49 1 Y 1 A GLU 208 ? OE1 ? A GLU 109 OE1 
50 1 Y 1 A GLU 208 ? OE2 ? A GLU 109 OE2 
51 1 Y 1 A GLU 210 ? CG  ? A GLU 111 CG  
52 1 Y 1 A GLU 210 ? CD  ? A GLU 111 CD  
53 1 Y 1 A GLU 210 ? OE1 ? A GLU 111 OE1 
54 1 Y 1 A GLU 210 ? OE2 ? A GLU 111 OE2 
55 1 Y 1 A LYS 211 ? CG  ? A LYS 112 CG  
56 1 Y 1 A LYS 211 ? CD  ? A LYS 112 CD  
57 1 Y 1 A LYS 211 ? CE  ? A LYS 112 CE  
58 1 Y 1 A LYS 211 ? NZ  ? A LYS 112 NZ  
59 1 Y 1 A LYS 212 ? CG  ? A LYS 113 CG  
60 1 Y 1 A LYS 212 ? CD  ? A LYS 113 CD  
61 1 Y 1 A LYS 212 ? CE  ? A LYS 113 CE  
62 1 Y 1 A LYS 212 ? NZ  ? A LYS 113 NZ  
63 1 Y 1 A LYS 213 ? CG  ? A LYS 114 CG  
64 1 Y 1 A LYS 213 ? CD  ? A LYS 114 CD  
65 1 Y 1 A LYS 213 ? CE  ? A LYS 114 CE  
66 1 Y 1 A LYS 213 ? NZ  ? A LYS 114 NZ  
67 1 Y 1 A LEU 214 ? CG  ? A LEU 115 CG  
68 1 Y 1 A LEU 214 ? CD1 ? A LEU 115 CD1 
69 1 Y 1 A LEU 214 ? CD2 ? A LEU 115 CD2 
70 1 Y 1 A ARG 215 ? CG  ? A ARG 116 CG  
71 1 Y 1 A ARG 215 ? CD  ? A ARG 116 CD  
72 1 Y 1 A ARG 215 ? NE  ? A ARG 116 NE  
73 1 Y 1 A ARG 215 ? CZ  ? A ARG 116 CZ  
74 1 Y 1 A ARG 215 ? NH1 ? A ARG 116 NH1 
75 1 Y 1 A ARG 215 ? NH2 ? A ARG 116 NH2 
# 
loop_
_software.citation_id 
_software.classification 
_software.compiler_name 
_software.compiler_version 
_software.contact_author 
_software.contact_author_email 
_software.date 
_software.description 
_software.dependencies 
_software.hardware 
_software.language 
_software.location 
_software.mods 
_software.name 
_software.os 
_software.os_version 
_software.type 
_software.version 
_software.pdbx_ordinal 
? refinement       ? ? ? ? ? ? ? ? ? ? ? PHENIX   ? ? ? 1.20.1_4487 1 
? 'data reduction' ? ? ? ? ? ? ? ? ? ? ? HKL-2000 ? ? ? .           2 
? 'data scaling'   ? ? ? ? ? ? ? ? ? ? ? HKL-2000 ? ? ? .           3 
? phasing          ? ? ? ? ? ? ? ? ? ? ? PHASER   ? ? ? .           4 
? 'model building' ? ? ? ? ? ? ? ? ? ? ? Coot     ? ? ? .           5 
# 
_cell.angle_alpha                  90.000 
_cell.angle_alpha_esd              ? 
_cell.angle_beta                   90.000 
_cell.angle_beta_esd               ? 
_cell.angle_gamma                  90.000 
_cell.angle_gamma_esd              ? 
_cell.entry_id                     8K9D 
_cell.details                      ? 
_cell.formula_units_Z              ? 
_cell.length_a                     56.852 
_cell.length_a_esd                 ? 
_cell.length_b                     281.903 
_cell.length_b_esd                 ? 
_cell.length_c                     63.449 
_cell.length_c_esd                 ? 
_cell.volume                       1016881.220 
_cell.volume_esd                   ? 
_cell.Z_PDB                        8 
_cell.reciprocal_angle_alpha       ? 
_cell.reciprocal_angle_beta        ? 
_cell.reciprocal_angle_gamma       ? 
_cell.reciprocal_angle_alpha_esd   ? 
_cell.reciprocal_angle_beta_esd    ? 
_cell.reciprocal_angle_gamma_esd   ? 
_cell.reciprocal_length_a          ? 
_cell.reciprocal_length_b          ? 
_cell.reciprocal_length_c          ? 
_cell.reciprocal_length_a_esd      ? 
_cell.reciprocal_length_b_esd      ? 
_cell.reciprocal_length_c_esd      ? 
_cell.pdbx_unique_axis             ? 
_cell.pdbx_esd_method              ? 
# 
_symmetry.entry_id                         8K9D 
_symmetry.cell_setting                     ? 
_symmetry.Int_Tables_number                20 
_symmetry.space_group_name_Hall            'C 2c 2' 
_symmetry.space_group_name_H-M             'C 2 2 21' 
_symmetry.pdbx_full_space_group_name_H-M   ? 
# 
_exptl.absorpt_coefficient_mu     ? 
_exptl.absorpt_correction_T_max   ? 
_exptl.absorpt_correction_T_min   ? 
_exptl.absorpt_correction_type    ? 
_exptl.absorpt_process_details    ? 
_exptl.entry_id                   8K9D 
_exptl.crystals_number            1 
_exptl.details                    ? 
_exptl.method                     'X-RAY DIFFRACTION' 
_exptl.method_details             ? 
# 
_exptl_crystal.colour                       ? 
_exptl_crystal.density_diffrn               ? 
_exptl_crystal.density_Matthews             4.19 
_exptl_crystal.density_method               ? 
_exptl_crystal.density_percent_sol          70.62 
_exptl_crystal.description                  ? 
_exptl_crystal.F_000                        ? 
_exptl_crystal.id                           1 
_exptl_crystal.preparation                  ? 
_exptl_crystal.size_max                     ? 
_exptl_crystal.size_mid                     ? 
_exptl_crystal.size_min                     ? 
_exptl_crystal.size_rad                     ? 
_exptl_crystal.colour_lustre                ? 
_exptl_crystal.colour_modifier              ? 
_exptl_crystal.colour_primary               ? 
_exptl_crystal.density_meas                 ? 
_exptl_crystal.density_meas_esd             ? 
_exptl_crystal.density_meas_gt              ? 
_exptl_crystal.density_meas_lt              ? 
_exptl_crystal.density_meas_temp            ? 
_exptl_crystal.density_meas_temp_esd        ? 
_exptl_crystal.density_meas_temp_gt         ? 
_exptl_crystal.density_meas_temp_lt         ? 
_exptl_crystal.pdbx_crystal_image_url       ? 
_exptl_crystal.pdbx_crystal_image_format    ? 
_exptl_crystal.pdbx_mosaicity               ? 
_exptl_crystal.pdbx_mosaicity_esd           ? 
_exptl_crystal.pdbx_mosaic_method           ? 
_exptl_crystal.pdbx_mosaic_block_size       ? 
_exptl_crystal.pdbx_mosaic_block_size_esd   ? 
# 
_exptl_crystal_grow.apparatus       ? 
_exptl_crystal_grow.atmosphere      ? 
_exptl_crystal_grow.crystal_id      1 
_exptl_crystal_grow.details         ? 
_exptl_crystal_grow.method          'VAPOR DIFFUSION' 
_exptl_crystal_grow.method_ref      ? 
_exptl_crystal_grow.pH              ? 
_exptl_crystal_grow.pressure        ? 
_exptl_crystal_grow.pressure_esd    ? 
_exptl_crystal_grow.seeding         ? 
_exptl_crystal_grow.seeding_ref     ? 
_exptl_crystal_grow.temp_details    ? 
_exptl_crystal_grow.temp_esd        ? 
_exptl_crystal_grow.time            ? 
_exptl_crystal_grow.pdbx_details    '20-25% PEG3350, 1.6M potassium thiocyanate' 
_exptl_crystal_grow.pdbx_pH_range   ? 
_exptl_crystal_grow.temp            291 
# 
_diffrn.ambient_environment              ? 
_diffrn.ambient_temp                     100 
_diffrn.ambient_temp_details             ? 
_diffrn.ambient_temp_esd                 ? 
_diffrn.crystal_id                       1 
_diffrn.crystal_support                  ? 
_diffrn.crystal_treatment                ? 
_diffrn.details                          ? 
_diffrn.id                               1 
_diffrn.ambient_pressure                 ? 
_diffrn.ambient_pressure_esd             ? 
_diffrn.ambient_pressure_gt              ? 
_diffrn.ambient_pressure_lt              ? 
_diffrn.ambient_temp_gt                  ? 
_diffrn.ambient_temp_lt                  ? 
_diffrn.pdbx_serial_crystal_experiment   N 
# 
_diffrn_detector.details                      ? 
_diffrn_detector.detector                     CCD 
_diffrn_detector.diffrn_id                    1 
_diffrn_detector.type                         'ADSC QUANTUM 315' 
_diffrn_detector.area_resol_mean              ? 
_diffrn_detector.dtime                        ? 
_diffrn_detector.pdbx_frames_total            ? 
_diffrn_detector.pdbx_collection_time_total   ? 
_diffrn_detector.pdbx_collection_date         2012-05-07 
_diffrn_detector.pdbx_frequency               ? 
_diffrn_detector.id                           ? 
_diffrn_detector.number_of_axes               ? 
# 
_diffrn_radiation.collimation                      ? 
_diffrn_radiation.diffrn_id                        1 
_diffrn_radiation.filter_edge                      ? 
_diffrn_radiation.inhomogeneity                    ? 
_diffrn_radiation.monochromator                    ? 
_diffrn_radiation.polarisn_norm                    ? 
_diffrn_radiation.polarisn_ratio                   ? 
_diffrn_radiation.probe                            ? 
_diffrn_radiation.type                             ? 
_diffrn_radiation.xray_symbol                      ? 
_diffrn_radiation.wavelength_id                    1 
_diffrn_radiation.pdbx_monochromatic_or_laue_m_l   M 
_diffrn_radiation.pdbx_wavelength_list             ? 
_diffrn_radiation.pdbx_wavelength                  ? 
_diffrn_radiation.pdbx_diffrn_protocol             MAD 
_diffrn_radiation.pdbx_analyzer                    ? 
_diffrn_radiation.pdbx_scattering_type             x-ray 
# 
_diffrn_radiation_wavelength.id           1 
_diffrn_radiation_wavelength.wavelength   0.97922 
_diffrn_radiation_wavelength.wt           1.0 
# 
_diffrn_source.current                     ? 
_diffrn_source.details                     ? 
_diffrn_source.diffrn_id                   1 
_diffrn_source.power                       ? 
_diffrn_source.size                        ? 
_diffrn_source.source                      SYNCHROTRON 
_diffrn_source.target                      ? 
_diffrn_source.type                        'SSRF BEAMLINE BL17U' 
_diffrn_source.voltage                     ? 
_diffrn_source.take-off_angle              ? 
_diffrn_source.pdbx_wavelength_list        0.97922 
_diffrn_source.pdbx_wavelength             ? 
_diffrn_source.pdbx_synchrotron_beamline   BL17U 
_diffrn_source.pdbx_synchrotron_site       SSRF 
# 
_reflns.B_iso_Wilson_estimate                          ? 
_reflns.entry_id                                       8K9D 
_reflns.data_reduction_details                         ? 
_reflns.data_reduction_method                          ? 
_reflns.d_resolution_high                              3.11 
_reflns.d_resolution_low                               50 
_reflns.details                                        ? 
_reflns.limit_h_max                                    ? 
_reflns.limit_h_min                                    ? 
_reflns.limit_k_max                                    ? 
_reflns.limit_k_min                                    ? 
_reflns.limit_l_max                                    ? 
_reflns.limit_l_min                                    ? 
_reflns.number_all                                     ? 
_reflns.number_obs                                     14540 
_reflns.observed_criterion                             ? 
_reflns.observed_criterion_F_max                       ? 
_reflns.observed_criterion_F_min                       ? 
_reflns.observed_criterion_I_max                       ? 
_reflns.observed_criterion_I_min                       ? 
_reflns.observed_criterion_sigma_F                     ? 
_reflns.observed_criterion_sigma_I                     ? 
_reflns.percent_possible_obs                           96.5 
_reflns.R_free_details                                 ? 
_reflns.Rmerge_F_all                                   ? 
_reflns.Rmerge_F_obs                                   ? 
_reflns.Friedel_coverage                               ? 
_reflns.number_gt                                      ? 
_reflns.threshold_expression                           ? 
_reflns.pdbx_redundancy                                6.0 
_reflns.pdbx_netI_over_av_sigmaI                       ? 
_reflns.pdbx_netI_over_sigmaI                          17.30 
_reflns.pdbx_res_netI_over_av_sigmaI_2                 ? 
_reflns.pdbx_res_netI_over_sigmaI_2                    ? 
_reflns.pdbx_chi_squared                               ? 
_reflns.pdbx_scaling_rejects                           ? 
_reflns.pdbx_d_res_high_opt                            ? 
_reflns.pdbx_d_res_low_opt                             ? 
_reflns.pdbx_d_res_opt_method                          ? 
_reflns.phase_calculation_details                      ? 
_reflns.pdbx_Rrim_I_all                                ? 
_reflns.pdbx_Rpim_I_all                                ? 
_reflns.pdbx_d_opt                                     ? 
_reflns.pdbx_number_measured_all                       ? 
_reflns.pdbx_diffrn_id                                 1 
_reflns.pdbx_ordinal                                   1 
_reflns.pdbx_CC_half                                   ? 
_reflns.pdbx_CC_star                                   ? 
_reflns.pdbx_R_split                                   ? 
_reflns.pdbx_Rmerge_I_obs                              0.116 
_reflns.pdbx_Rmerge_I_all                              ? 
_reflns.pdbx_Rsym_value                                ? 
_reflns.pdbx_CC_split_method                           ? 
_reflns.pdbx_aniso_diffraction_limit_axis_1_ortho[1]   ? 
_reflns.pdbx_aniso_diffraction_limit_axis_1_ortho[2]   ? 
_reflns.pdbx_aniso_diffraction_limit_axis_1_ortho[3]   ? 
_reflns.pdbx_aniso_diffraction_limit_axis_2_ortho[1]   ? 
_reflns.pdbx_aniso_diffraction_limit_axis_2_ortho[2]   ? 
_reflns.pdbx_aniso_diffraction_limit_axis_2_ortho[3]   ? 
_reflns.pdbx_aniso_diffraction_limit_axis_3_ortho[1]   ? 
_reflns.pdbx_aniso_diffraction_limit_axis_3_ortho[2]   ? 
_reflns.pdbx_aniso_diffraction_limit_axis_3_ortho[3]   ? 
_reflns.pdbx_aniso_diffraction_limit_1                 ? 
_reflns.pdbx_aniso_diffraction_limit_2                 ? 
_reflns.pdbx_aniso_diffraction_limit_3                 ? 
_reflns.pdbx_aniso_B_tensor_eigenvector_1_ortho[1]     ? 
_reflns.pdbx_aniso_B_tensor_eigenvector_1_ortho[2]     ? 
_reflns.pdbx_aniso_B_tensor_eigenvector_1_ortho[3]     ? 
_reflns.pdbx_aniso_B_tensor_eigenvector_2_ortho[1]     ? 
_reflns.pdbx_aniso_B_tensor_eigenvector_2_ortho[2]     ? 
_reflns.pdbx_aniso_B_tensor_eigenvector_2_ortho[3]     ? 
_reflns.pdbx_aniso_B_tensor_eigenvector_3_ortho[1]     ? 
_reflns.pdbx_aniso_B_tensor_eigenvector_3_ortho[2]     ? 
_reflns.pdbx_aniso_B_tensor_eigenvector_3_ortho[3]     ? 
_reflns.pdbx_aniso_B_tensor_eigenvalue_1               ? 
_reflns.pdbx_aniso_B_tensor_eigenvalue_2               ? 
_reflns.pdbx_aniso_B_tensor_eigenvalue_3               ? 
_reflns.pdbx_orthogonalization_convention              ? 
_reflns.pdbx_percent_possible_ellipsoidal              ? 
_reflns.pdbx_percent_possible_spherical                ? 
_reflns.pdbx_percent_possible_ellipsoidal_anomalous    ? 
_reflns.pdbx_percent_possible_spherical_anomalous      ? 
_reflns.pdbx_redundancy_anomalous                      ? 
_reflns.pdbx_CC_half_anomalous                         ? 
_reflns.pdbx_absDiff_over_sigma_anomalous              ? 
_reflns.pdbx_percent_possible_anomalous                ? 
_reflns.pdbx_observed_signal_threshold                 ? 
_reflns.pdbx_signal_type                               ? 
_reflns.pdbx_signal_details                            ? 
_reflns.pdbx_signal_software_id                        ? 
# 
_reflns_shell.d_res_high                                    3.11 
_reflns_shell.d_res_low                                     3.66 
_reflns_shell.meanI_over_sigI_all                           ? 
_reflns_shell.meanI_over_sigI_obs                           ? 
_reflns_shell.number_measured_all                           ? 
_reflns_shell.number_measured_obs                           ? 
_reflns_shell.number_possible                               ? 
_reflns_shell.number_unique_all                             ? 
_reflns_shell.number_unique_obs                             408 
_reflns_shell.percent_possible_obs                          ? 
_reflns_shell.Rmerge_F_all                                  ? 
_reflns_shell.Rmerge_F_obs                                  ? 
_reflns_shell.meanI_over_sigI_gt                            ? 
_reflns_shell.meanI_over_uI_all                             ? 
_reflns_shell.meanI_over_uI_gt                              ? 
_reflns_shell.number_measured_gt                            ? 
_reflns_shell.number_unique_gt                              ? 
_reflns_shell.percent_possible_gt                           ? 
_reflns_shell.Rmerge_F_gt                                   ? 
_reflns_shell.Rmerge_I_gt                                   ? 
_reflns_shell.pdbx_redundancy                               ? 
_reflns_shell.pdbx_chi_squared                              ? 
_reflns_shell.pdbx_netI_over_sigmaI_all                     ? 
_reflns_shell.pdbx_netI_over_sigmaI_obs                     ? 
_reflns_shell.pdbx_Rrim_I_all                               ? 
_reflns_shell.pdbx_Rpim_I_all                               ? 
_reflns_shell.pdbx_rejects                                  ? 
_reflns_shell.pdbx_ordinal                                  1 
_reflns_shell.pdbx_diffrn_id                                1 
_reflns_shell.pdbx_CC_half                                  ? 
_reflns_shell.pdbx_CC_star                                  ? 
_reflns_shell.pdbx_R_split                                  ? 
_reflns_shell.percent_possible_all                          ? 
_reflns_shell.Rmerge_I_all                                  ? 
_reflns_shell.Rmerge_I_obs                                  0.782 
_reflns_shell.pdbx_Rsym_value                               ? 
_reflns_shell.pdbx_percent_possible_ellipsoidal             ? 
_reflns_shell.pdbx_percent_possible_spherical               ? 
_reflns_shell.pdbx_percent_possible_ellipsoidal_anomalous   ? 
_reflns_shell.pdbx_percent_possible_spherical_anomalous     ? 
_reflns_shell.pdbx_redundancy_anomalous                     ? 
_reflns_shell.pdbx_CC_half_anomalous                        ? 
_reflns_shell.pdbx_absDiff_over_sigma_anomalous             ? 
_reflns_shell.pdbx_percent_possible_anomalous               ? 
# 
_refine.aniso_B[1][1]                            ? 
_refine.aniso_B[1][2]                            ? 
_refine.aniso_B[1][3]                            ? 
_refine.aniso_B[2][2]                            ? 
_refine.aniso_B[2][3]                            ? 
_refine.aniso_B[3][3]                            ? 
_refine.B_iso_max                                ? 
_refine.B_iso_mean                               ? 
_refine.B_iso_min                                ? 
_refine.correlation_coeff_Fo_to_Fc               ? 
_refine.correlation_coeff_Fo_to_Fc_free          ? 
_refine.details                                  ? 
_refine.diff_density_max                         ? 
_refine.diff_density_max_esd                     ? 
_refine.diff_density_min                         ? 
_refine.diff_density_min_esd                     ? 
_refine.diff_density_rms                         ? 
_refine.diff_density_rms_esd                     ? 
_refine.entry_id                                 8K9D 
_refine.pdbx_refine_id                           'X-RAY DIFFRACTION' 
_refine.ls_abs_structure_details                 ? 
_refine.ls_abs_structure_Flack                   ? 
_refine.ls_abs_structure_Flack_esd               ? 
_refine.ls_abs_structure_Rogers                  ? 
_refine.ls_abs_structure_Rogers_esd              ? 
_refine.ls_d_res_high                            3.30 
_refine.ls_d_res_low                             35.24 
_refine.ls_extinction_coef                       ? 
_refine.ls_extinction_coef_esd                   ? 
_refine.ls_extinction_expression                 ? 
_refine.ls_extinction_method                     ? 
_refine.ls_goodness_of_fit_all                   ? 
_refine.ls_goodness_of_fit_all_esd               ? 
_refine.ls_goodness_of_fit_obs                   ? 
_refine.ls_goodness_of_fit_obs_esd               ? 
_refine.ls_hydrogen_treatment                    ? 
_refine.ls_matrix_type                           ? 
_refine.ls_number_constraints                    ? 
_refine.ls_number_parameters                     ? 
_refine.ls_number_reflns_all                     ? 
_refine.ls_number_reflns_obs                     14540 
_refine.ls_number_reflns_R_free                  1457 
_refine.ls_number_reflns_R_work                  13083 
_refine.ls_number_restraints                     ? 
_refine.ls_percent_reflns_obs                    97.99 
_refine.ls_percent_reflns_R_free                 10.02 
_refine.ls_R_factor_all                          ? 
_refine.ls_R_factor_obs                          0.2907 
_refine.ls_R_factor_R_free                       0.3022 
_refine.ls_R_factor_R_free_error                 ? 
_refine.ls_R_factor_R_free_error_details         ? 
_refine.ls_R_factor_R_work                       0.2895 
_refine.ls_R_Fsqd_factor_obs                     ? 
_refine.ls_R_I_factor_obs                        ? 
_refine.ls_redundancy_reflns_all                 ? 
_refine.ls_redundancy_reflns_obs                 ? 
_refine.ls_restrained_S_all                      ? 
_refine.ls_restrained_S_obs                      ? 
_refine.ls_shift_over_esd_max                    ? 
_refine.ls_shift_over_esd_mean                   ? 
_refine.ls_structure_factor_coef                 ? 
_refine.ls_weighting_details                     ? 
_refine.ls_weighting_scheme                      ? 
_refine.ls_wR_factor_all                         ? 
_refine.ls_wR_factor_obs                         ? 
_refine.ls_wR_factor_R_free                      ? 
_refine.ls_wR_factor_R_work                      ? 
_refine.occupancy_max                            ? 
_refine.occupancy_min                            ? 
_refine.solvent_model_details                    'FLAT BULK SOLVENT MODEL' 
_refine.solvent_model_param_bsol                 ? 
_refine.solvent_model_param_ksol                 ? 
_refine.pdbx_R_complete                          ? 
_refine.ls_R_factor_gt                           ? 
_refine.ls_goodness_of_fit_gt                    ? 
_refine.ls_goodness_of_fit_ref                   ? 
_refine.ls_shift_over_su_max                     ? 
_refine.ls_shift_over_su_max_lt                  ? 
_refine.ls_shift_over_su_mean                    ? 
_refine.ls_shift_over_su_mean_lt                 ? 
_refine.pdbx_ls_sigma_I                          ? 
_refine.pdbx_ls_sigma_F                          1.34 
_refine.pdbx_ls_sigma_Fsqd                       ? 
_refine.pdbx_data_cutoff_high_absF               ? 
_refine.pdbx_data_cutoff_high_rms_absF           ? 
_refine.pdbx_data_cutoff_low_absF                ? 
_refine.pdbx_isotropic_thermal_model             ? 
_refine.pdbx_ls_cross_valid_method               'FREE R-VALUE' 
_refine.pdbx_method_to_determine_struct          MAD 
_refine.pdbx_starting_model                      ? 
_refine.pdbx_stereochemistry_target_values       'GeoStd + Monomer Library + CDL v1.2' 
_refine.pdbx_R_Free_selection_details            ? 
_refine.pdbx_stereochem_target_val_spec_case     ? 
_refine.pdbx_overall_ESU_R                       ? 
_refine.pdbx_overall_ESU_R_Free                  ? 
_refine.pdbx_solvent_vdw_probe_radii             1.1000 
_refine.pdbx_solvent_ion_probe_radii             ? 
_refine.pdbx_solvent_shrinkage_radii             0.9000 
_refine.pdbx_real_space_R                        ? 
_refine.pdbx_density_correlation                 ? 
_refine.pdbx_pd_number_of_powder_patterns        ? 
_refine.pdbx_pd_number_of_points                 ? 
_refine.pdbx_pd_meas_number_of_points            ? 
_refine.pdbx_pd_proc_ls_prof_R_factor            ? 
_refine.pdbx_pd_proc_ls_prof_wR_factor           ? 
_refine.pdbx_pd_Marquardt_correlation_coeff      ? 
_refine.pdbx_pd_Fsqrd_R_factor                   ? 
_refine.pdbx_pd_ls_matrix_band_width             ? 
_refine.pdbx_overall_phase_error                 43.5508 
_refine.pdbx_overall_SU_R_free_Cruickshank_DPI   ? 
_refine.pdbx_overall_SU_R_free_Blow_DPI          ? 
_refine.pdbx_overall_SU_R_Blow_DPI               ? 
_refine.pdbx_TLS_residual_ADP_flag               ? 
_refine.pdbx_diffrn_id                           1 
_refine.overall_SU_B                             ? 
_refine.overall_SU_ML                            0.5250 
_refine.overall_SU_R_Cruickshank_DPI             ? 
_refine.overall_SU_R_free                        ? 
_refine.overall_FOM_free_R_set                   ? 
_refine.overall_FOM_work_R_set                   ? 
_refine.pdbx_average_fsc_overall                 ? 
_refine.pdbx_average_fsc_work                    ? 
_refine.pdbx_average_fsc_free                    ? 
# 
_refine_hist.pdbx_refine_id                   'X-RAY DIFFRACTION' 
_refine_hist.cycle_id                         LAST 
_refine_hist.details                          ? 
_refine_hist.d_res_high                       3.30 
_refine_hist.d_res_low                        35.24 
_refine_hist.number_atoms_solvent             0 
_refine_hist.number_atoms_total               931 
_refine_hist.number_reflns_all                ? 
_refine_hist.number_reflns_obs                ? 
_refine_hist.number_reflns_R_free             ? 
_refine_hist.number_reflns_R_work             ? 
_refine_hist.R_factor_all                     ? 
_refine_hist.R_factor_obs                     ? 
_refine_hist.R_factor_R_free                  ? 
_refine_hist.R_factor_R_work                  ? 
_refine_hist.pdbx_number_residues_total       ? 
_refine_hist.pdbx_B_iso_mean_ligand           ? 
_refine_hist.pdbx_B_iso_mean_solvent          ? 
_refine_hist.pdbx_number_atoms_protein        931 
_refine_hist.pdbx_number_atoms_nucleic_acid   0 
_refine_hist.pdbx_number_atoms_ligand         0 
_refine_hist.pdbx_number_atoms_lipid          ? 
_refine_hist.pdbx_number_atoms_carb           ? 
_refine_hist.pdbx_pseudo_atom_details         ? 
# 
loop_
_refine_ls_restr.pdbx_refine_id 
_refine_ls_restr.criterion 
_refine_ls_restr.dev_ideal 
_refine_ls_restr.dev_ideal_target 
_refine_ls_restr.number 
_refine_ls_restr.rejects 
_refine_ls_restr.type 
_refine_ls_restr.weight 
_refine_ls_restr.pdbx_restraint_function 
'X-RAY DIFFRACTION' ? 0.0027 ? 947  ? f_bond_d           ? ? 
'X-RAY DIFFRACTION' ? 0.5758 ? 1281 ? f_angle_d          ? ? 
'X-RAY DIFFRACTION' ? 0.0361 ? 146  ? f_chiral_restr     ? ? 
'X-RAY DIFFRACTION' ? 0.0038 ? 164  ? f_plane_restr      ? ? 
'X-RAY DIFFRACTION' ? 4.5995 ? 129  ? f_dihedral_angle_d ? ? 
# 
loop_
_refine_ls_shell.pdbx_refine_id 
_refine_ls_shell.d_res_high 
_refine_ls_shell.d_res_low 
_refine_ls_shell.number_reflns_all 
_refine_ls_shell.number_reflns_obs 
_refine_ls_shell.number_reflns_R_free 
_refine_ls_shell.number_reflns_R_work 
_refine_ls_shell.percent_reflns_obs 
_refine_ls_shell.percent_reflns_R_free 
_refine_ls_shell.R_factor_all 
_refine_ls_shell.R_factor_obs 
_refine_ls_shell.R_factor_R_free_error 
_refine_ls_shell.R_factor_R_work 
_refine_ls_shell.redundancy_reflns_all 
_refine_ls_shell.redundancy_reflns_obs 
_refine_ls_shell.wR_factor_all 
_refine_ls_shell.wR_factor_obs 
_refine_ls_shell.wR_factor_R_free 
_refine_ls_shell.wR_factor_R_work 
_refine_ls_shell.pdbx_R_complete 
_refine_ls_shell.pdbx_total_number_of_bins_used 
_refine_ls_shell.pdbx_phase_error 
_refine_ls_shell.pdbx_fsc_work 
_refine_ls_shell.pdbx_fsc_free 
_refine_ls_shell.R_factor_R_free 
'X-RAY DIFFRACTION' 3.30 3.42  . . 136 1200 89.60 . . . . 0.4109 . . . . . . . . . . . 0.4842 
'X-RAY DIFFRACTION' 3.42 3.56  . . 148 1344 99.20 . . . . 0.3644 . . . . . . . . . . . 0.4210 
'X-RAY DIFFRACTION' 3.56 3.72  . . 139 1308 98.50 . . . . 0.4135 . . . . . . . . . . . 0.4707 
'X-RAY DIFFRACTION' 3.72 3.91  . . 148 1322 99.39 . . . . 0.3298 . . . . . . . . . . . 0.3676 
'X-RAY DIFFRACTION' 3.91 4.16  . . 150 1310 99.79 . . . . 0.2867 . . . . . . . . . . . 0.3620 
'X-RAY DIFFRACTION' 4.16 4.48  . . 149 1354 99.80 . . . . 0.2366 . . . . . . . . . . . 0.2324 
'X-RAY DIFFRACTION' 4.48 4.93  . . 147 1315 99.66 . . . . 0.2561 . . . . . . . . . . . 0.2636 
'X-RAY DIFFRACTION' 4.93 5.64  . . 149 1334 99.40 . . . . 0.3174 . . . . . . . . . . . 0.2952 
'X-RAY DIFFRACTION' 5.64 7.09  . . 151 1329 99.80 . . . . 0.3475 . . . . . . . . . . . 0.3386 
'X-RAY DIFFRACTION' 7.10 35.24 . . 140 1267 94.88 . . . . 0.2375 . . . . . . . . . . . 0.2502 
# 
_struct.entry_id                     8K9D 
_struct.title                        'Structure of human Caprin-2 HR1 domain' 
_struct.pdbx_model_details           ? 
_struct.pdbx_formula_weight          ? 
_struct.pdbx_formula_weight_method   ? 
_struct.pdbx_model_type_details      ? 
_struct.pdbx_CASP_flag               N 
# 
_struct_keywords.entry_id        8K9D 
_struct_keywords.text            'Wnt signaling, homodimer, SIGNALING PROTEIN' 
_struct_keywords.pdbx_keywords   'SIGNALING PROTEIN' 
# 
_struct_asym.id                            A 
_struct_asym.pdbx_blank_PDB_chainid_flag   N 
_struct_asym.pdbx_modified                 N 
_struct_asym.entity_id                     1 
_struct_asym.details                       ? 
# 
_struct_ref.id                         1 
_struct_ref.db_name                    UNP 
_struct_ref.db_code                    CAPR2_HUMAN 
_struct_ref.pdbx_db_accession          Q6IMN6 
_struct_ref.pdbx_db_isoform            ? 
_struct_ref.entity_id                  1 
_struct_ref.pdbx_seq_one_letter_code   
;SPLQSTLSSAASPSQAYETYIENGLICLKHKIRNIEKKKLKLEDYKDRLKSGEHLNPDQLEAVEKYEEVLHNLEFAKELQ
KTFSGLSLDLLKAQKKAQRREHMLKLEAEKKKLRTILQVQYVLQNLTQEHVQKDFKGGLNGAVYLPSKELDYLIKFSKLT
CPERNESLSVEDQMEQSSLYFWDLLEGSEKAVVGTTYKHLKDLLSKLLNSGYFESIPVPKNAKEKEVPLEEEMLIQSEKK
TQLSKTESVK
;
_struct_ref.pdbx_align_begin           102 
# 
_struct_ref_seq.align_id                      1 
_struct_ref_seq.ref_id                        1 
_struct_ref_seq.pdbx_PDB_id_code              8K9D 
_struct_ref_seq.pdbx_strand_id                A 
_struct_ref_seq.seq_align_beg                 3 
_struct_ref_seq.pdbx_seq_align_beg_ins_code   ? 
_struct_ref_seq.seq_align_end                 252 
_struct_ref_seq.pdbx_seq_align_end_ins_code   ? 
_struct_ref_seq.pdbx_db_accession             Q6IMN6 
_struct_ref_seq.db_align_beg                  102 
_struct_ref_seq.pdbx_db_align_beg_ins_code    ? 
_struct_ref_seq.db_align_end                  351 
_struct_ref_seq.pdbx_db_align_end_ins_code    ? 
_struct_ref_seq.pdbx_auth_seq_align_beg       102 
_struct_ref_seq.pdbx_auth_seq_align_end       351 
# 
loop_
_struct_ref_seq_dif.align_id 
_struct_ref_seq_dif.pdbx_pdb_id_code 
_struct_ref_seq_dif.mon_id 
_struct_ref_seq_dif.pdbx_pdb_strand_id 
_struct_ref_seq_dif.seq_num 
_struct_ref_seq_dif.pdbx_pdb_ins_code 
_struct_ref_seq_dif.pdbx_seq_db_name 
_struct_ref_seq_dif.pdbx_seq_db_accession_code 
_struct_ref_seq_dif.db_mon_id 
_struct_ref_seq_dif.pdbx_seq_db_seq_num 
_struct_ref_seq_dif.details 
_struct_ref_seq_dif.pdbx_auth_seq_num 
_struct_ref_seq_dif.pdbx_ordinal 
1 8K9D MSE A 1   ? UNP Q6IMN6 ?   ?   'initiating methionine' 100 1  
1 8K9D ASP A 2   ? UNP Q6IMN6 ?   ?   'expression tag'        101 2  
1 8K9D MSE A 118 ? UNP Q6IMN6 ILE 217 conflict                217 3  
1 8K9D MSE A 152 ? UNP Q6IMN6 LEU 251 conflict                251 4  
1 8K9D MSE A 202 ? UNP Q6IMN6 LEU 301 conflict                301 5  
1 8K9D LEU A 253 ? UNP Q6IMN6 ?   ?   'expression tag'        352 6  
1 8K9D GLU A 254 ? UNP Q6IMN6 ?   ?   'expression tag'        353 7  
1 8K9D HIS A 255 ? UNP Q6IMN6 ?   ?   'expression tag'        354 8  
1 8K9D HIS A 256 ? UNP Q6IMN6 ?   ?   'expression tag'        355 9  
1 8K9D HIS A 257 ? UNP Q6IMN6 ?   ?   'expression tag'        356 10 
1 8K9D HIS A 258 ? UNP Q6IMN6 ?   ?   'expression tag'        357 11 
1 8K9D HIS A 259 ? UNP Q6IMN6 ?   ?   'expression tag'        358 12 
1 8K9D HIS A 260 ? UNP Q6IMN6 ?   ?   'expression tag'        359 13 
# 
_pdbx_struct_assembly.id                   1 
_pdbx_struct_assembly.details              author_and_software_defined_assembly 
_pdbx_struct_assembly.method_details       PISA 
_pdbx_struct_assembly.oligomeric_details   dimeric 
_pdbx_struct_assembly.oligomeric_count     2 
# 
loop_
_pdbx_struct_assembly_prop.biol_id 
_pdbx_struct_assembly_prop.type 
_pdbx_struct_assembly_prop.value 
_pdbx_struct_assembly_prop.details 
1 'ABSA (A^2)' 2060  ? 
1 MORE         -17   ? 
1 'SSA (A^2)'  13500 ? 
# 
_pdbx_struct_assembly_gen.assembly_id       1 
_pdbx_struct_assembly_gen.oper_expression   1,2 
_pdbx_struct_assembly_gen.asym_id_list      A 
# 
_pdbx_struct_assembly_auth_evidence.id                     1 
_pdbx_struct_assembly_auth_evidence.assembly_id            1 
_pdbx_struct_assembly_auth_evidence.experimental_support   'gel filtration' 
_pdbx_struct_assembly_auth_evidence.details                ? 
# 
loop_
_pdbx_struct_oper_list.id 
_pdbx_struct_oper_list.type 
_pdbx_struct_oper_list.name 
_pdbx_struct_oper_list.symmetry_operation 
_pdbx_struct_oper_list.matrix[1][1] 
_pdbx_struct_oper_list.matrix[1][2] 
_pdbx_struct_oper_list.matrix[1][3] 
_pdbx_struct_oper_list.vector[1] 
_pdbx_struct_oper_list.matrix[2][1] 
_pdbx_struct_oper_list.matrix[2][2] 
_pdbx_struct_oper_list.matrix[2][3] 
_pdbx_struct_oper_list.vector[2] 
_pdbx_struct_oper_list.matrix[3][1] 
_pdbx_struct_oper_list.matrix[3][2] 
_pdbx_struct_oper_list.matrix[3][3] 
_pdbx_struct_oper_list.vector[3] 
1 'identity operation'         1_555 x,y,z       1.0000000000 0.0000000000 0.0000000000 0.0000000000 0.0000000000 1.0000000000  0.0000000000 0.0000000000 0.0000000000 0.0000000000 1.0000000000  0.0000000000   
2 'crystal symmetry operation' 3_555 -x,y,-z+1/2 0.2755403514 0.6434479231 0.7141794487 9.4779921535 0.6434479231 -0.6754118917 0.3602687147 1.5259233479 0.7141794487 0.3602687147 -0.6001284598 -18.3027020378 
# 
loop_
_struct_conf.conf_type_id 
_struct_conf.id 
_struct_conf.pdbx_PDB_helix_id 
_struct_conf.beg_label_comp_id 
_struct_conf.beg_label_asym_id 
_struct_conf.beg_label_seq_id 
_struct_conf.pdbx_beg_PDB_ins_code 
_struct_conf.end_label_comp_id 
_struct_conf.end_label_asym_id 
_struct_conf.end_label_seq_id 
_struct_conf.pdbx_end_PDB_ins_code 
_struct_conf.beg_auth_comp_id 
_struct_conf.beg_auth_asym_id 
_struct_conf.beg_auth_seq_id 
_struct_conf.end_auth_comp_id 
_struct_conf.end_auth_asym_id 
_struct_conf.end_auth_seq_id 
_struct_conf.pdbx_PDB_helix_class 
_struct_conf.details 
_struct_conf.pdbx_PDB_helix_length 
HELX_P HELX_P1 AA1 LYS A 97  ? THR A 129 ? LYS A 196 THR A 228 1 ? 33 
HELX_P HELX_P2 AA2 GLN A 130 ? LYS A 135 ? GLN A 229 LYS A 234 1 ? 6  
HELX_P HELX_P3 AA3 ASP A 136 ? GLY A 139 ? ASP A 235 GLY A 238 5 ? 4  
HELX_P HELX_P4 AA4 PRO A 148 ? CYS A 163 ? PRO A 247 CYS A 262 1 ? 16 
HELX_P HELX_P5 AA5 SER A 171 ? GLU A 188 ? SER A 270 GLU A 287 1 ? 18 
HELX_P HELX_P6 AA6 TYR A 199 ? LEU A 210 ? TYR A 298 LEU A 309 1 ? 12 
# 
_struct_conf_type.id          HELX_P 
_struct_conf_type.criteria    ? 
_struct_conf_type.reference   ? 
# 
loop_
_struct_conn.id 
_struct_conn.conn_type_id 
_struct_conn.pdbx_leaving_atom_flag 
_struct_conn.pdbx_PDB_id 
_struct_conn.ptnr1_label_asym_id 
_struct_conn.ptnr1_label_comp_id 
_struct_conn.ptnr1_label_seq_id 
_struct_conn.ptnr1_label_atom_id 
_struct_conn.pdbx_ptnr1_label_alt_id 
_struct_conn.pdbx_ptnr1_PDB_ins_code 
_struct_conn.pdbx_ptnr1_standard_comp_id 
_struct_conn.ptnr1_symmetry 
_struct_conn.ptnr2_label_asym_id 
_struct_conn.ptnr2_label_comp_id 
_struct_conn.ptnr2_label_seq_id 
_struct_conn.ptnr2_label_atom_id 
_struct_conn.pdbx_ptnr2_label_alt_id 
_struct_conn.pdbx_ptnr2_PDB_ins_code 
_struct_conn.ptnr1_auth_asym_id 
_struct_conn.ptnr1_auth_comp_id 
_struct_conn.ptnr1_auth_seq_id 
_struct_conn.ptnr2_auth_asym_id 
_struct_conn.ptnr2_auth_comp_id 
_struct_conn.ptnr2_auth_seq_id 
_struct_conn.ptnr2_symmetry 
_struct_conn.pdbx_ptnr3_label_atom_id 
_struct_conn.pdbx_ptnr3_label_seq_id 
_struct_conn.pdbx_ptnr3_label_comp_id 
_struct_conn.pdbx_ptnr3_label_asym_id 
_struct_conn.pdbx_ptnr3_label_alt_id 
_struct_conn.pdbx_ptnr3_PDB_ins_code 
_struct_conn.details 
_struct_conn.pdbx_dist_value 
_struct_conn.pdbx_value_order 
_struct_conn.pdbx_role 
covale1  covale both ? A HIS 104 C ? ? ? 1_555 A MSE 105 N ? ? A HIS 203 A MSE 204 1_555 ? ? ? ? ? ? ? 1.329 ? ? 
covale2  covale both ? A MSE 105 C ? ? ? 1_555 A LEU 106 N ? ? A MSE 204 A LEU 205 1_555 ? ? ? ? ? ? ? 1.335 ? ? 
covale3  covale both ? A THR 117 C ? ? ? 1_555 A MSE 118 N ? ? A THR 216 A MSE 217 1_555 ? ? ? ? ? ? ? 1.330 ? ? 
covale4  covale both ? A MSE 118 C ? ? ? 1_555 A LEU 119 N ? ? A MSE 217 A LEU 218 1_555 ? ? ? ? ? ? ? 1.335 ? ? 
covale5  covale both ? A GLU 151 C ? ? ? 1_555 A MSE 152 N ? ? A GLU 250 A MSE 251 1_555 ? ? ? ? ? ? ? 1.331 ? ? 
covale6  covale both ? A MSE 152 C ? ? ? 1_555 A ASP 153 N ? ? A MSE 251 A ASP 252 1_555 ? ? ? ? ? ? ? 1.336 ? ? 
covale7  covale both ? A GLN 175 C ? ? ? 1_555 A MSE 176 N ? ? A GLN 274 A MSE 275 1_555 ? ? ? ? ? ? ? 1.334 ? ? 
covale8  covale both ? A MSE 176 C ? ? ? 1_555 A GLU 177 N ? ? A MSE 275 A GLU 276 1_555 ? ? ? ? ? ? ? 1.335 ? ? 
covale9  covale both ? A HIS 201 C ? ? ? 1_555 A MSE 202 N ? ? A HIS 300 A MSE 301 1_555 ? ? ? ? ? ? ? 1.332 ? ? 
covale10 covale both ? A MSE 202 C ? ? ? 1_555 A LYS 203 N ? ? A MSE 301 A LYS 302 1_555 ? ? ? ? ? ? ? 1.335 ? ? 
# 
_struct_conn_type.id          covale 
_struct_conn_type.criteria    ? 
_struct_conn_type.reference   ? 
# 
loop_
_pdbx_modification_feature.ordinal 
_pdbx_modification_feature.label_comp_id 
_pdbx_modification_feature.label_asym_id 
_pdbx_modification_feature.label_seq_id 
_pdbx_modification_feature.label_alt_id 
_pdbx_modification_feature.modified_residue_label_comp_id 
_pdbx_modification_feature.modified_residue_label_asym_id 
_pdbx_modification_feature.modified_residue_label_seq_id 
_pdbx_modification_feature.modified_residue_label_alt_id 
_pdbx_modification_feature.auth_comp_id 
_pdbx_modification_feature.auth_asym_id 
_pdbx_modification_feature.auth_seq_id 
_pdbx_modification_feature.PDB_ins_code 
_pdbx_modification_feature.symmetry 
_pdbx_modification_feature.modified_residue_auth_comp_id 
_pdbx_modification_feature.modified_residue_auth_asym_id 
_pdbx_modification_feature.modified_residue_auth_seq_id 
_pdbx_modification_feature.modified_residue_PDB_ins_code 
_pdbx_modification_feature.modified_residue_symmetry 
_pdbx_modification_feature.comp_id_linking_atom 
_pdbx_modification_feature.modified_residue_id_linking_atom 
_pdbx_modification_feature.modified_residue_id 
_pdbx_modification_feature.ref_pcm_id 
_pdbx_modification_feature.ref_comp_id 
_pdbx_modification_feature.type 
_pdbx_modification_feature.category 
1 MSE A 105 ? . . . . MSE A 204 ? 1_555 . . . . . . . MET 1 MSE Selenomethionine 'Named protein modification' 
2 MSE A 118 ? . . . . MSE A 217 ? 1_555 . . . . . . . MET 1 MSE Selenomethionine 'Named protein modification' 
3 MSE A 152 ? . . . . MSE A 251 ? 1_555 . . . . . . . MET 1 MSE Selenomethionine 'Named protein modification' 
4 MSE A 176 ? . . . . MSE A 275 ? 1_555 . . . . . . . MET 1 MSE Selenomethionine 'Named protein modification' 
5 MSE A 202 ? . . . . MSE A 301 ? 1_555 . . . . . . . MET 1 MSE Selenomethionine 'Named protein modification' 
# 
_struct_sheet.id               AA1 
_struct_sheet.type             ? 
_struct_sheet.number_strands   2 
_struct_sheet.details          ? 
# 
_struct_sheet_order.sheet_id     AA1 
_struct_sheet_order.range_id_1   1 
_struct_sheet_order.range_id_2   2 
_struct_sheet_order.offset       ? 
_struct_sheet_order.sense        anti-parallel 
# 
loop_
_struct_sheet_range.sheet_id 
_struct_sheet_range.id 
_struct_sheet_range.beg_label_comp_id 
_struct_sheet_range.beg_label_asym_id 
_struct_sheet_range.beg_label_seq_id 
_struct_sheet_range.pdbx_beg_PDB_ins_code 
_struct_sheet_range.end_label_comp_id 
_struct_sheet_range.end_label_asym_id 
_struct_sheet_range.end_label_seq_id 
_struct_sheet_range.pdbx_end_PDB_ins_code 
_struct_sheet_range.beg_auth_comp_id 
_struct_sheet_range.beg_auth_asym_id 
_struct_sheet_range.beg_auth_seq_id 
_struct_sheet_range.end_auth_comp_id 
_struct_sheet_range.end_auth_asym_id 
_struct_sheet_range.end_auth_seq_id 
AA1 1 ALA A 193 ? VAL A 194 ? ALA A 292 VAL A 293 
AA1 2 THR A 197 ? THR A 198 ? THR A 296 THR A 297 
# 
_pdbx_struct_sheet_hbond.sheet_id                AA1 
_pdbx_struct_sheet_hbond.range_id_1              1 
_pdbx_struct_sheet_hbond.range_id_2              2 
_pdbx_struct_sheet_hbond.range_1_label_atom_id   N 
_pdbx_struct_sheet_hbond.range_1_label_comp_id   VAL 
_pdbx_struct_sheet_hbond.range_1_label_asym_id   A 
_pdbx_struct_sheet_hbond.range_1_label_seq_id    194 
_pdbx_struct_sheet_hbond.range_1_PDB_ins_code    ? 
_pdbx_struct_sheet_hbond.range_1_auth_atom_id    N 
_pdbx_struct_sheet_hbond.range_1_auth_comp_id    VAL 
_pdbx_struct_sheet_hbond.range_1_auth_asym_id    A 
_pdbx_struct_sheet_hbond.range_1_auth_seq_id     293 
_pdbx_struct_sheet_hbond.range_2_label_atom_id   O 
_pdbx_struct_sheet_hbond.range_2_label_comp_id   THR 
_pdbx_struct_sheet_hbond.range_2_label_asym_id   A 
_pdbx_struct_sheet_hbond.range_2_label_seq_id    197 
_pdbx_struct_sheet_hbond.range_2_PDB_ins_code    ? 
_pdbx_struct_sheet_hbond.range_2_auth_atom_id    O 
_pdbx_struct_sheet_hbond.range_2_auth_comp_id    THR 
_pdbx_struct_sheet_hbond.range_2_auth_asym_id    A 
_pdbx_struct_sheet_hbond.range_2_auth_seq_id     296 
# 
_pdbx_entry_details.entry_id                   8K9D 
_pdbx_entry_details.has_ligand_of_interest     N 
_pdbx_entry_details.compound_details           ? 
_pdbx_entry_details.source_details             ? 
_pdbx_entry_details.nonpolymer_details         ? 
_pdbx_entry_details.sequence_details           ? 
_pdbx_entry_details.has_protein_modification   Y 
# 
_pdbx_validate_torsion.id              1 
_pdbx_validate_torsion.PDB_model_num   1 
_pdbx_validate_torsion.auth_comp_id    ASN 
_pdbx_validate_torsion.auth_asym_id    A 
_pdbx_validate_torsion.auth_seq_id     241 
_pdbx_validate_torsion.PDB_ins_code    ? 
_pdbx_validate_torsion.label_alt_id    ? 
_pdbx_validate_torsion.phi             -150.48 
_pdbx_validate_torsion.psi             40.64 
# 
loop_
_pdbx_struct_mod_residue.id 
_pdbx_struct_mod_residue.label_asym_id 
_pdbx_struct_mod_residue.label_comp_id 
_pdbx_struct_mod_residue.label_seq_id 
_pdbx_struct_mod_residue.auth_asym_id 
_pdbx_struct_mod_residue.auth_comp_id 
_pdbx_struct_mod_residue.auth_seq_id 
_pdbx_struct_mod_residue.PDB_ins_code 
_pdbx_struct_mod_residue.parent_comp_id 
_pdbx_struct_mod_residue.details 
1 A MSE 105 A MSE 204 ? MET 'modified residue' 
2 A MSE 176 A MSE 275 ? MET 'modified residue' 
# 
loop_
_space_group_symop.id 
_space_group_symop.operation_xyz 
1 x,y,z               
2 x,-y,-z             
3 -x,y,-z+1/2         
4 -x,-y,z+1/2         
5 x+1/2,y+1/2,z       
6 x+1/2,-y+1/2,-z     
7 -x+1/2,y+1/2,-z+1/2 
8 -x+1/2,-y+1/2,z+1/2 
# 
loop_
_pdbx_unobs_or_zero_occ_residues.id 
_pdbx_unobs_or_zero_occ_residues.PDB_model_num 
_pdbx_unobs_or_zero_occ_residues.polymer_flag 
_pdbx_unobs_or_zero_occ_residues.occupancy_flag 
_pdbx_unobs_or_zero_occ_residues.auth_asym_id 
_pdbx_unobs_or_zero_occ_residues.auth_comp_id 
_pdbx_unobs_or_zero_occ_residues.auth_seq_id 
_pdbx_unobs_or_zero_occ_residues.PDB_ins_code 
_pdbx_unobs_or_zero_occ_residues.label_asym_id 
_pdbx_unobs_or_zero_occ_residues.label_comp_id 
_pdbx_unobs_or_zero_occ_residues.label_seq_id 
1   1 Y 1 A MSE 100 ? A MSE 1   
2   1 Y 1 A ASP 101 ? A ASP 2   
3   1 Y 1 A SER 102 ? A SER 3   
4   1 Y 1 A PRO 103 ? A PRO 4   
5   1 Y 1 A LEU 104 ? A LEU 5   
6   1 Y 1 A GLN 105 ? A GLN 6   
7   1 Y 1 A SER 106 ? A SER 7   
8   1 Y 1 A THR 107 ? A THR 8   
9   1 Y 1 A LEU 108 ? A LEU 9   
10  1 Y 1 A SER 109 ? A SER 10  
11  1 Y 1 A SER 110 ? A SER 11  
12  1 Y 1 A ALA 111 ? A ALA 12  
13  1 Y 1 A ALA 112 ? A ALA 13  
14  1 Y 1 A SER 113 ? A SER 14  
15  1 Y 1 A PRO 114 ? A PRO 15  
16  1 Y 1 A SER 115 ? A SER 16  
17  1 Y 1 A GLN 116 ? A GLN 17  
18  1 Y 1 A ALA 117 ? A ALA 18  
19  1 Y 1 A TYR 118 ? A TYR 19  
20  1 Y 1 A GLU 119 ? A GLU 20  
21  1 Y 1 A THR 120 ? A THR 21  
22  1 Y 1 A TYR 121 ? A TYR 22  
23  1 Y 1 A ILE 122 ? A ILE 23  
24  1 Y 1 A GLU 123 ? A GLU 24  
25  1 Y 1 A ASN 124 ? A ASN 25  
26  1 Y 1 A GLY 125 ? A GLY 26  
27  1 Y 1 A LEU 126 ? A LEU 27  
28  1 Y 1 A ILE 127 ? A ILE 28  
29  1 Y 1 A CYS 128 ? A CYS 29  
30  1 Y 1 A LEU 129 ? A LEU 30  
31  1 Y 1 A LYS 130 ? A LYS 31  
32  1 Y 1 A HIS 131 ? A HIS 32  
33  1 Y 1 A LYS 132 ? A LYS 33  
34  1 Y 1 A ILE 133 ? A ILE 34  
35  1 Y 1 A ARG 134 ? A ARG 35  
36  1 Y 1 A ASN 135 ? A ASN 36  
37  1 Y 1 A ILE 136 ? A ILE 37  
38  1 Y 1 A GLU 137 ? A GLU 38  
39  1 Y 1 A LYS 138 ? A LYS 39  
40  1 Y 1 A LYS 139 ? A LYS 40  
41  1 Y 1 A LYS 140 ? A LYS 41  
42  1 Y 1 A LEU 141 ? A LEU 42  
43  1 Y 1 A LYS 142 ? A LYS 43  
44  1 Y 1 A LEU 143 ? A LEU 44  
45  1 Y 1 A GLU 144 ? A GLU 45  
46  1 Y 1 A ASP 145 ? A ASP 46  
47  1 Y 1 A TYR 146 ? A TYR 47  
48  1 Y 1 A LYS 147 ? A LYS 48  
49  1 Y 1 A ASP 148 ? A ASP 49  
50  1 Y 1 A ARG 149 ? A ARG 50  
51  1 Y 1 A LEU 150 ? A LEU 51  
52  1 Y 1 A LYS 151 ? A LYS 52  
53  1 Y 1 A SER 152 ? A SER 53  
54  1 Y 1 A GLY 153 ? A GLY 54  
55  1 Y 1 A GLU 154 ? A GLU 55  
56  1 Y 1 A HIS 155 ? A HIS 56  
57  1 Y 1 A LEU 156 ? A LEU 57  
58  1 Y 1 A ASN 157 ? A ASN 58  
59  1 Y 1 A PRO 158 ? A PRO 59  
60  1 Y 1 A ASP 159 ? A ASP 60  
61  1 Y 1 A GLN 160 ? A GLN 61  
62  1 Y 1 A LEU 161 ? A LEU 62  
63  1 Y 1 A GLU 162 ? A GLU 63  
64  1 Y 1 A ALA 163 ? A ALA 64  
65  1 Y 1 A VAL 164 ? A VAL 65  
66  1 Y 1 A GLU 165 ? A GLU 66  
67  1 Y 1 A LYS 166 ? A LYS 67  
68  1 Y 1 A TYR 167 ? A TYR 68  
69  1 Y 1 A GLU 168 ? A GLU 69  
70  1 Y 1 A GLU 169 ? A GLU 70  
71  1 Y 1 A VAL 170 ? A VAL 71  
72  1 Y 1 A LEU 171 ? A LEU 72  
73  1 Y 1 A HIS 172 ? A HIS 73  
74  1 Y 1 A ASN 173 ? A ASN 74  
75  1 Y 1 A LEU 174 ? A LEU 75  
76  1 Y 1 A GLU 175 ? A GLU 76  
77  1 Y 1 A PHE 176 ? A PHE 77  
78  1 Y 1 A ALA 177 ? A ALA 78  
79  1 Y 1 A LYS 178 ? A LYS 79  
80  1 Y 1 A GLU 179 ? A GLU 80  
81  1 Y 1 A LEU 180 ? A LEU 81  
82  1 Y 1 A GLN 181 ? A GLN 82  
83  1 Y 1 A LYS 182 ? A LYS 83  
84  1 Y 1 A THR 183 ? A THR 84  
85  1 Y 1 A PHE 184 ? A PHE 85  
86  1 Y 1 A SER 185 ? A SER 86  
87  1 Y 1 A GLY 186 ? A GLY 87  
88  1 Y 1 A LEU 187 ? A LEU 88  
89  1 Y 1 A SER 188 ? A SER 89  
90  1 Y 1 A LEU 189 ? A LEU 90  
91  1 Y 1 A ASP 190 ? A ASP 91  
92  1 Y 1 A LEU 191 ? A LEU 92  
93  1 Y 1 A LEU 192 ? A LEU 93  
94  1 Y 1 A LYS 193 ? A LYS 94  
95  1 Y 1 A ALA 194 ? A ALA 95  
96  1 Y 1 A GLN 195 ? A GLN 96  
97  1 Y 1 A VAL 319 ? A VAL 220 
98  1 Y 1 A PRO 320 ? A PRO 221 
99  1 Y 1 A LYS 321 ? A LYS 222 
100 1 Y 1 A ASN 322 ? A ASN 223 
101 1 Y 1 A ALA 323 ? A ALA 224 
102 1 Y 1 A LYS 324 ? A LYS 225 
103 1 Y 1 A GLU 325 ? A GLU 226 
104 1 Y 1 A LYS 326 ? A LYS 227 
105 1 Y 1 A GLU 327 ? A GLU 228 
106 1 Y 1 A VAL 328 ? A VAL 229 
107 1 Y 1 A PRO 329 ? A PRO 230 
108 1 Y 1 A LEU 330 ? A LEU 231 
109 1 Y 1 A GLU 331 ? A GLU 232 
110 1 Y 1 A GLU 332 ? A GLU 233 
111 1 Y 1 A GLU 333 ? A GLU 234 
112 1 Y 1 A MSE 334 ? A MSE 235 
113 1 Y 1 A LEU 335 ? A LEU 236 
114 1 Y 1 A ILE 336 ? A ILE 237 
115 1 Y 1 A GLN 337 ? A GLN 238 
116 1 Y 1 A SER 338 ? A SER 239 
117 1 Y 1 A GLU 339 ? A GLU 240 
118 1 Y 1 A LYS 340 ? A LYS 241 
119 1 Y 1 A LYS 341 ? A LYS 242 
120 1 Y 1 A THR 342 ? A THR 243 
121 1 Y 1 A GLN 343 ? A GLN 244 
122 1 Y 1 A LEU 344 ? A LEU 245 
123 1 Y 1 A SER 345 ? A SER 246 
124 1 Y 1 A LYS 346 ? A LYS 247 
125 1 Y 1 A THR 347 ? A THR 248 
126 1 Y 1 A GLU 348 ? A GLU 249 
127 1 Y 1 A SER 349 ? A SER 250 
128 1 Y 1 A VAL 350 ? A VAL 251 
129 1 Y 1 A LYS 351 ? A LYS 252 
130 1 Y 1 A LEU 352 ? A LEU 253 
131 1 Y 1 A GLU 353 ? A GLU 254 
132 1 Y 1 A HIS 354 ? A HIS 255 
133 1 Y 1 A HIS 355 ? A HIS 256 
134 1 Y 1 A HIS 356 ? A HIS 257 
135 1 Y 1 A HIS 357 ? A HIS 258 
136 1 Y 1 A HIS 358 ? A HIS 259 
137 1 Y 1 A HIS 359 ? A HIS 260 
# 
loop_
_chem_comp_atom.comp_id 
_chem_comp_atom.atom_id 
_chem_comp_atom.type_symbol 
_chem_comp_atom.pdbx_aromatic_flag 
_chem_comp_atom.pdbx_stereo_config 
_chem_comp_atom.pdbx_ordinal 
ALA N    N  N N 1   
ALA CA   C  N S 2   
ALA C    C  N N 3   
ALA O    O  N N 4   
ALA CB   C  N N 5   
ALA OXT  O  N N 6   
ALA H    H  N N 7   
ALA H2   H  N N 8   
ALA HA   H  N N 9   
ALA HB1  H  N N 10  
ALA HB2  H  N N 11  
ALA HB3  H  N N 12  
ALA HXT  H  N N 13  
ARG N    N  N N 14  
ARG CA   C  N S 15  
ARG C    C  N N 16  
ARG O    O  N N 17  
ARG CB   C  N N 18  
ARG CG   C  N N 19  
ARG CD   C  N N 20  
ARG NE   N  N N 21  
ARG CZ   C  N N 22  
ARG NH1  N  N N 23  
ARG NH2  N  N N 24  
ARG OXT  O  N N 25  
ARG H    H  N N 26  
ARG H2   H  N N 27  
ARG HA   H  N N 28  
ARG HB2  H  N N 29  
ARG HB3  H  N N 30  
ARG HG2  H  N N 31  
ARG HG3  H  N N 32  
ARG HD2  H  N N 33  
ARG HD3  H  N N 34  
ARG HE   H  N N 35  
ARG HH11 H  N N 36  
ARG HH12 H  N N 37  
ARG HH21 H  N N 38  
ARG HH22 H  N N 39  
ARG HXT  H  N N 40  
ASN N    N  N N 41  
ASN CA   C  N S 42  
ASN C    C  N N 43  
ASN O    O  N N 44  
ASN CB   C  N N 45  
ASN CG   C  N N 46  
ASN OD1  O  N N 47  
ASN ND2  N  N N 48  
ASN OXT  O  N N 49  
ASN H    H  N N 50  
ASN H2   H  N N 51  
ASN HA   H  N N 52  
ASN HB2  H  N N 53  
ASN HB3  H  N N 54  
ASN HD21 H  N N 55  
ASN HD22 H  N N 56  
ASN HXT  H  N N 57  
ASP N    N  N N 58  
ASP CA   C  N S 59  
ASP C    C  N N 60  
ASP O    O  N N 61  
ASP CB   C  N N 62  
ASP CG   C  N N 63  
ASP OD1  O  N N 64  
ASP OD2  O  N N 65  
ASP OXT  O  N N 66  
ASP H    H  N N 67  
ASP H2   H  N N 68  
ASP HA   H  N N 69  
ASP HB2  H  N N 70  
ASP HB3  H  N N 71  
ASP HD2  H  N N 72  
ASP HXT  H  N N 73  
CYS N    N  N N 74  
CYS CA   C  N R 75  
CYS C    C  N N 76  
CYS O    O  N N 77  
CYS CB   C  N N 78  
CYS SG   S  N N 79  
CYS OXT  O  N N 80  
CYS H    H  N N 81  
CYS H2   H  N N 82  
CYS HA   H  N N 83  
CYS HB2  H  N N 84  
CYS HB3  H  N N 85  
CYS HG   H  N N 86  
CYS HXT  H  N N 87  
GLN N    N  N N 88  
GLN CA   C  N S 89  
GLN C    C  N N 90  
GLN O    O  N N 91  
GLN CB   C  N N 92  
GLN CG   C  N N 93  
GLN CD   C  N N 94  
GLN OE1  O  N N 95  
GLN NE2  N  N N 96  
GLN OXT  O  N N 97  
GLN H    H  N N 98  
GLN H2   H  N N 99  
GLN HA   H  N N 100 
GLN HB2  H  N N 101 
GLN HB3  H  N N 102 
GLN HG2  H  N N 103 
GLN HG3  H  N N 104 
GLN HE21 H  N N 105 
GLN HE22 H  N N 106 
GLN HXT  H  N N 107 
GLU N    N  N N 108 
GLU CA   C  N S 109 
GLU C    C  N N 110 
GLU O    O  N N 111 
GLU CB   C  N N 112 
GLU CG   C  N N 113 
GLU CD   C  N N 114 
GLU OE1  O  N N 115 
GLU OE2  O  N N 116 
GLU OXT  O  N N 117 
GLU H    H  N N 118 
GLU H2   H  N N 119 
GLU HA   H  N N 120 
GLU HB2  H  N N 121 
GLU HB3  H  N N 122 
GLU HG2  H  N N 123 
GLU HG3  H  N N 124 
GLU HE2  H  N N 125 
GLU HXT  H  N N 126 
GLY N    N  N N 127 
GLY CA   C  N N 128 
GLY C    C  N N 129 
GLY O    O  N N 130 
GLY OXT  O  N N 131 
GLY H    H  N N 132 
GLY H2   H  N N 133 
GLY HA2  H  N N 134 
GLY HA3  H  N N 135 
GLY HXT  H  N N 136 
HIS N    N  N N 137 
HIS CA   C  N S 138 
HIS C    C  N N 139 
HIS O    O  N N 140 
HIS CB   C  N N 141 
HIS CG   C  Y N 142 
HIS ND1  N  Y N 143 
HIS CD2  C  Y N 144 
HIS CE1  C  Y N 145 
HIS NE2  N  Y N 146 
HIS OXT  O  N N 147 
HIS H    H  N N 148 
HIS H2   H  N N 149 
HIS HA   H  N N 150 
HIS HB2  H  N N 151 
HIS HB3  H  N N 152 
HIS HD1  H  N N 153 
HIS HD2  H  N N 154 
HIS HE1  H  N N 155 
HIS HE2  H  N N 156 
HIS HXT  H  N N 157 
ILE N    N  N N 158 
ILE CA   C  N S 159 
ILE C    C  N N 160 
ILE O    O  N N 161 
ILE CB   C  N S 162 
ILE CG1  C  N N 163 
ILE CG2  C  N N 164 
ILE CD1  C  N N 165 
ILE OXT  O  N N 166 
ILE H    H  N N 167 
ILE H2   H  N N 168 
ILE HA   H  N N 169 
ILE HB   H  N N 170 
ILE HG12 H  N N 171 
ILE HG13 H  N N 172 
ILE HG21 H  N N 173 
ILE HG22 H  N N 174 
ILE HG23 H  N N 175 
ILE HD11 H  N N 176 
ILE HD12 H  N N 177 
ILE HD13 H  N N 178 
ILE HXT  H  N N 179 
LEU N    N  N N 180 
LEU CA   C  N S 181 
LEU C    C  N N 182 
LEU O    O  N N 183 
LEU CB   C  N N 184 
LEU CG   C  N N 185 
LEU CD1  C  N N 186 
LEU CD2  C  N N 187 
LEU OXT  O  N N 188 
LEU H    H  N N 189 
LEU H2   H  N N 190 
LEU HA   H  N N 191 
LEU HB2  H  N N 192 
LEU HB3  H  N N 193 
LEU HG   H  N N 194 
LEU HD11 H  N N 195 
LEU HD12 H  N N 196 
LEU HD13 H  N N 197 
LEU HD21 H  N N 198 
LEU HD22 H  N N 199 
LEU HD23 H  N N 200 
LEU HXT  H  N N 201 
LYS N    N  N N 202 
LYS CA   C  N S 203 
LYS C    C  N N 204 
LYS O    O  N N 205 
LYS CB   C  N N 206 
LYS CG   C  N N 207 
LYS CD   C  N N 208 
LYS CE   C  N N 209 
LYS NZ   N  N N 210 
LYS OXT  O  N N 211 
LYS H    H  N N 212 
LYS H2   H  N N 213 
LYS HA   H  N N 214 
LYS HB2  H  N N 215 
LYS HB3  H  N N 216 
LYS HG2  H  N N 217 
LYS HG3  H  N N 218 
LYS HD2  H  N N 219 
LYS HD3  H  N N 220 
LYS HE2  H  N N 221 
LYS HE3  H  N N 222 
LYS HZ1  H  N N 223 
LYS HZ2  H  N N 224 
LYS HZ3  H  N N 225 
LYS HXT  H  N N 226 
MSE N    N  N N 227 
MSE CA   C  N S 228 
MSE C    C  N N 229 
MSE O    O  N N 230 
MSE OXT  O  N N 231 
MSE CB   C  N N 232 
MSE CG   C  N N 233 
MSE SE   SE N N 234 
MSE CE   C  N N 235 
MSE H    H  N N 236 
MSE H2   H  N N 237 
MSE HA   H  N N 238 
MSE HXT  H  N N 239 
MSE HB2  H  N N 240 
MSE HB3  H  N N 241 
MSE HG2  H  N N 242 
MSE HG3  H  N N 243 
MSE HE1  H  N N 244 
MSE HE2  H  N N 245 
MSE HE3  H  N N 246 
PHE N    N  N N 247 
PHE CA   C  N S 248 
PHE C    C  N N 249 
PHE O    O  N N 250 
PHE CB   C  N N 251 
PHE CG   C  Y N 252 
PHE CD1  C  Y N 253 
PHE CD2  C  Y N 254 
PHE CE1  C  Y N 255 
PHE CE2  C  Y N 256 
PHE CZ   C  Y N 257 
PHE OXT  O  N N 258 
PHE H    H  N N 259 
PHE H2   H  N N 260 
PHE HA   H  N N 261 
PHE HB2  H  N N 262 
PHE HB3  H  N N 263 
PHE HD1  H  N N 264 
PHE HD2  H  N N 265 
PHE HE1  H  N N 266 
PHE HE2  H  N N 267 
PHE HZ   H  N N 268 
PHE HXT  H  N N 269 
PRO N    N  N N 270 
PRO CA   C  N S 271 
PRO C    C  N N 272 
PRO O    O  N N 273 
PRO CB   C  N N 274 
PRO CG   C  N N 275 
PRO CD   C  N N 276 
PRO OXT  O  N N 277 
PRO H    H  N N 278 
PRO HA   H  N N 279 
PRO HB2  H  N N 280 
PRO HB3  H  N N 281 
PRO HG2  H  N N 282 
PRO HG3  H  N N 283 
PRO HD2  H  N N 284 
PRO HD3  H  N N 285 
PRO HXT  H  N N 286 
SER N    N  N N 287 
SER CA   C  N S 288 
SER C    C  N N 289 
SER O    O  N N 290 
SER CB   C  N N 291 
SER OG   O  N N 292 
SER OXT  O  N N 293 
SER H    H  N N 294 
SER H2   H  N N 295 
SER HA   H  N N 296 
SER HB2  H  N N 297 
SER HB3  H  N N 298 
SER HG   H  N N 299 
SER HXT  H  N N 300 
THR N    N  N N 301 
THR CA   C  N S 302 
THR C    C  N N 303 
THR O    O  N N 304 
THR CB   C  N R 305 
THR OG1  O  N N 306 
THR CG2  C  N N 307 
THR OXT  O  N N 308 
THR H    H  N N 309 
THR H2   H  N N 310 
THR HA   H  N N 311 
THR HB   H  N N 312 
THR HG1  H  N N 313 
THR HG21 H  N N 314 
THR HG22 H  N N 315 
THR HG23 H  N N 316 
THR HXT  H  N N 317 
TRP N    N  N N 318 
TRP CA   C  N S 319 
TRP C    C  N N 320 
TRP O    O  N N 321 
TRP CB   C  N N 322 
TRP CG   C  Y N 323 
TRP CD1  C  Y N 324 
TRP CD2  C  Y N 325 
TRP NE1  N  Y N 326 
TRP CE2  C  Y N 327 
TRP CE3  C  Y N 328 
TRP CZ2  C  Y N 329 
TRP CZ3  C  Y N 330 
TRP CH2  C  Y N 331 
TRP OXT  O  N N 332 
TRP H    H  N N 333 
TRP H2   H  N N 334 
TRP HA   H  N N 335 
TRP HB2  H  N N 336 
TRP HB3  H  N N 337 
TRP HD1  H  N N 338 
TRP HE1  H  N N 339 
TRP HE3  H  N N 340 
TRP HZ2  H  N N 341 
TRP HZ3  H  N N 342 
TRP HH2  H  N N 343 
TRP HXT  H  N N 344 
TYR N    N  N N 345 
TYR CA   C  N S 346 
TYR C    C  N N 347 
TYR O    O  N N 348 
TYR CB   C  N N 349 
TYR CG   C  Y N 350 
TYR CD1  C  Y N 351 
TYR CD2  C  Y N 352 
TYR CE1  C  Y N 353 
TYR CE2  C  Y N 354 
TYR CZ   C  Y N 355 
TYR OH   O  N N 356 
TYR OXT  O  N N 357 
TYR H    H  N N 358 
TYR H2   H  N N 359 
TYR HA   H  N N 360 
TYR HB2  H  N N 361 
TYR HB3  H  N N 362 
TYR HD1  H  N N 363 
TYR HD2  H  N N 364 
TYR HE1  H  N N 365 
TYR HE2  H  N N 366 
TYR HH   H  N N 367 
TYR HXT  H  N N 368 
VAL N    N  N N 369 
VAL CA   C  N S 370 
VAL C    C  N N 371 
VAL O    O  N N 372 
VAL CB   C  N N 373 
VAL CG1  C  N N 374 
VAL CG2  C  N N 375 
VAL OXT  O  N N 376 
VAL H    H  N N 377 
VAL H2   H  N N 378 
VAL HA   H  N N 379 
VAL HB   H  N N 380 
VAL HG11 H  N N 381 
VAL HG12 H  N N 382 
VAL HG13 H  N N 383 
VAL HG21 H  N N 384 
VAL HG22 H  N N 385 
VAL HG23 H  N N 386 
VAL HXT  H  N N 387 
# 
loop_
_chem_comp_bond.comp_id 
_chem_comp_bond.atom_id_1 
_chem_comp_bond.atom_id_2 
_chem_comp_bond.value_order 
_chem_comp_bond.pdbx_aromatic_flag 
_chem_comp_bond.pdbx_stereo_config 
_chem_comp_bond.pdbx_ordinal 
ALA N   CA   sing N N 1   
ALA N   H    sing N N 2   
ALA N   H2   sing N N 3   
ALA CA  C    sing N N 4   
ALA CA  CB   sing N N 5   
ALA CA  HA   sing N N 6   
ALA C   O    doub N N 7   
ALA C   OXT  sing N N 8   
ALA CB  HB1  sing N N 9   
ALA CB  HB2  sing N N 10  
ALA CB  HB3  sing N N 11  
ALA OXT HXT  sing N N 12  
ARG N   CA   sing N N 13  
ARG N   H    sing N N 14  
ARG N   H2   sing N N 15  
ARG CA  C    sing N N 16  
ARG CA  CB   sing N N 17  
ARG CA  HA   sing N N 18  
ARG C   O    doub N N 19  
ARG C   OXT  sing N N 20  
ARG CB  CG   sing N N 21  
ARG CB  HB2  sing N N 22  
ARG CB  HB3  sing N N 23  
ARG CG  CD   sing N N 24  
ARG CG  HG2  sing N N 25  
ARG CG  HG3  sing N N 26  
ARG CD  NE   sing N N 27  
ARG CD  HD2  sing N N 28  
ARG CD  HD3  sing N N 29  
ARG NE  CZ   sing N N 30  
ARG NE  HE   sing N N 31  
ARG CZ  NH1  sing N N 32  
ARG CZ  NH2  doub N N 33  
ARG NH1 HH11 sing N N 34  
ARG NH1 HH12 sing N N 35  
ARG NH2 HH21 sing N N 36  
ARG NH2 HH22 sing N N 37  
ARG OXT HXT  sing N N 38  
ASN N   CA   sing N N 39  
ASN N   H    sing N N 40  
ASN N   H2   sing N N 41  
ASN CA  C    sing N N 42  
ASN CA  CB   sing N N 43  
ASN CA  HA   sing N N 44  
ASN C   O    doub N N 45  
ASN C   OXT  sing N N 46  
ASN CB  CG   sing N N 47  
ASN CB  HB2  sing N N 48  
ASN CB  HB3  sing N N 49  
ASN CG  OD1  doub N N 50  
ASN CG  ND2  sing N N 51  
ASN ND2 HD21 sing N N 52  
ASN ND2 HD22 sing N N 53  
ASN OXT HXT  sing N N 54  
ASP N   CA   sing N N 55  
ASP N   H    sing N N 56  
ASP N   H2   sing N N 57  
ASP CA  C    sing N N 58  
ASP CA  CB   sing N N 59  
ASP CA  HA   sing N N 60  
ASP C   O    doub N N 61  
ASP C   OXT  sing N N 62  
ASP CB  CG   sing N N 63  
ASP CB  HB2  sing N N 64  
ASP CB  HB3  sing N N 65  
ASP CG  OD1  doub N N 66  
ASP CG  OD2  sing N N 67  
ASP OD2 HD2  sing N N 68  
ASP OXT HXT  sing N N 69  
CYS N   CA   sing N N 70  
CYS N   H    sing N N 71  
CYS N   H2   sing N N 72  
CYS CA  C    sing N N 73  
CYS CA  CB   sing N N 74  
CYS CA  HA   sing N N 75  
CYS C   O    doub N N 76  
CYS C   OXT  sing N N 77  
CYS CB  SG   sing N N 78  
CYS CB  HB2  sing N N 79  
CYS CB  HB3  sing N N 80  
CYS SG  HG   sing N N 81  
CYS OXT HXT  sing N N 82  
GLN N   CA   sing N N 83  
GLN N   H    sing N N 84  
GLN N   H2   sing N N 85  
GLN CA  C    sing N N 86  
GLN CA  CB   sing N N 87  
GLN CA  HA   sing N N 88  
GLN C   O    doub N N 89  
GLN C   OXT  sing N N 90  
GLN CB  CG   sing N N 91  
GLN CB  HB2  sing N N 92  
GLN CB  HB3  sing N N 93  
GLN CG  CD   sing N N 94  
GLN CG  HG2  sing N N 95  
GLN CG  HG3  sing N N 96  
GLN CD  OE1  doub N N 97  
GLN CD  NE2  sing N N 98  
GLN NE2 HE21 sing N N 99  
GLN NE2 HE22 sing N N 100 
GLN OXT HXT  sing N N 101 
GLU N   CA   sing N N 102 
GLU N   H    sing N N 103 
GLU N   H2   sing N N 104 
GLU CA  C    sing N N 105 
GLU CA  CB   sing N N 106 
GLU CA  HA   sing N N 107 
GLU C   O    doub N N 108 
GLU C   OXT  sing N N 109 
GLU CB  CG   sing N N 110 
GLU CB  HB2  sing N N 111 
GLU CB  HB3  sing N N 112 
GLU CG  CD   sing N N 113 
GLU CG  HG2  sing N N 114 
GLU CG  HG3  sing N N 115 
GLU CD  OE1  doub N N 116 
GLU CD  OE2  sing N N 117 
GLU OE2 HE2  sing N N 118 
GLU OXT HXT  sing N N 119 
GLY N   CA   sing N N 120 
GLY N   H    sing N N 121 
GLY N   H2   sing N N 122 
GLY CA  C    sing N N 123 
GLY CA  HA2  sing N N 124 
GLY CA  HA3  sing N N 125 
GLY C   O    doub N N 126 
GLY C   OXT  sing N N 127 
GLY OXT HXT  sing N N 128 
HIS N   CA   sing N N 129 
HIS N   H    sing N N 130 
HIS N   H2   sing N N 131 
HIS CA  C    sing N N 132 
HIS CA  CB   sing N N 133 
HIS CA  HA   sing N N 134 
HIS C   O    doub N N 135 
HIS C   OXT  sing N N 136 
HIS CB  CG   sing N N 137 
HIS CB  HB2  sing N N 138 
HIS CB  HB3  sing N N 139 
HIS CG  ND1  sing Y N 140 
HIS CG  CD2  doub Y N 141 
HIS ND1 CE1  doub Y N 142 
HIS ND1 HD1  sing N N 143 
HIS CD2 NE2  sing Y N 144 
HIS CD2 HD2  sing N N 145 
HIS CE1 NE2  sing Y N 146 
HIS CE1 HE1  sing N N 147 
HIS NE2 HE2  sing N N 148 
HIS OXT HXT  sing N N 149 
ILE N   CA   sing N N 150 
ILE N   H    sing N N 151 
ILE N   H2   sing N N 152 
ILE CA  C    sing N N 153 
ILE CA  CB   sing N N 154 
ILE CA  HA   sing N N 155 
ILE C   O    doub N N 156 
ILE C   OXT  sing N N 157 
ILE CB  CG1  sing N N 158 
ILE CB  CG2  sing N N 159 
ILE CB  HB   sing N N 160 
ILE CG1 CD1  sing N N 161 
ILE CG1 HG12 sing N N 162 
ILE CG1 HG13 sing N N 163 
ILE CG2 HG21 sing N N 164 
ILE CG2 HG22 sing N N 165 
ILE CG2 HG23 sing N N 166 
ILE CD1 HD11 sing N N 167 
ILE CD1 HD12 sing N N 168 
ILE CD1 HD13 sing N N 169 
ILE OXT HXT  sing N N 170 
LEU N   CA   sing N N 171 
LEU N   H    sing N N 172 
LEU N   H2   sing N N 173 
LEU CA  C    sing N N 174 
LEU CA  CB   sing N N 175 
LEU CA  HA   sing N N 176 
LEU C   O    doub N N 177 
LEU C   OXT  sing N N 178 
LEU CB  CG   sing N N 179 
LEU CB  HB2  sing N N 180 
LEU CB  HB3  sing N N 181 
LEU CG  CD1  sing N N 182 
LEU CG  CD2  sing N N 183 
LEU CG  HG   sing N N 184 
LEU CD1 HD11 sing N N 185 
LEU CD1 HD12 sing N N 186 
LEU CD1 HD13 sing N N 187 
LEU CD2 HD21 sing N N 188 
LEU CD2 HD22 sing N N 189 
LEU CD2 HD23 sing N N 190 
LEU OXT HXT  sing N N 191 
LYS N   CA   sing N N 192 
LYS N   H    sing N N 193 
LYS N   H2   sing N N 194 
LYS CA  C    sing N N 195 
LYS CA  CB   sing N N 196 
LYS CA  HA   sing N N 197 
LYS C   O    doub N N 198 
LYS C   OXT  sing N N 199 
LYS CB  CG   sing N N 200 
LYS CB  HB2  sing N N 201 
LYS CB  HB3  sing N N 202 
LYS CG  CD   sing N N 203 
LYS CG  HG2  sing N N 204 
LYS CG  HG3  sing N N 205 
LYS CD  CE   sing N N 206 
LYS CD  HD2  sing N N 207 
LYS CD  HD3  sing N N 208 
LYS CE  NZ   sing N N 209 
LYS CE  HE2  sing N N 210 
LYS CE  HE3  sing N N 211 
LYS NZ  HZ1  sing N N 212 
LYS NZ  HZ2  sing N N 213 
LYS NZ  HZ3  sing N N 214 
LYS OXT HXT  sing N N 215 
MSE N   CA   sing N N 216 
MSE N   H    sing N N 217 
MSE N   H2   sing N N 218 
MSE CA  C    sing N N 219 
MSE CA  CB   sing N N 220 
MSE CA  HA   sing N N 221 
MSE C   O    doub N N 222 
MSE C   OXT  sing N N 223 
MSE OXT HXT  sing N N 224 
MSE CB  CG   sing N N 225 
MSE CB  HB2  sing N N 226 
MSE CB  HB3  sing N N 227 
MSE CG  SE   sing N N 228 
MSE CG  HG2  sing N N 229 
MSE CG  HG3  sing N N 230 
MSE SE  CE   sing N N 231 
MSE CE  HE1  sing N N 232 
MSE CE  HE2  sing N N 233 
MSE CE  HE3  sing N N 234 
PHE N   CA   sing N N 235 
PHE N   H    sing N N 236 
PHE N   H2   sing N N 237 
PHE CA  C    sing N N 238 
PHE CA  CB   sing N N 239 
PHE CA  HA   sing N N 240 
PHE C   O    doub N N 241 
PHE C   OXT  sing N N 242 
PHE CB  CG   sing N N 243 
PHE CB  HB2  sing N N 244 
PHE CB  HB3  sing N N 245 
PHE CG  CD1  doub Y N 246 
PHE CG  CD2  sing Y N 247 
PHE CD1 CE1  sing Y N 248 
PHE CD1 HD1  sing N N 249 
PHE CD2 CE2  doub Y N 250 
PHE CD2 HD2  sing N N 251 
PHE CE1 CZ   doub Y N 252 
PHE CE1 HE1  sing N N 253 
PHE CE2 CZ   sing Y N 254 
PHE CE2 HE2  sing N N 255 
PHE CZ  HZ   sing N N 256 
PHE OXT HXT  sing N N 257 
PRO N   CA   sing N N 258 
PRO N   CD   sing N N 259 
PRO N   H    sing N N 260 
PRO CA  C    sing N N 261 
PRO CA  CB   sing N N 262 
PRO CA  HA   sing N N 263 
PRO C   O    doub N N 264 
PRO C   OXT  sing N N 265 
PRO CB  CG   sing N N 266 
PRO CB  HB2  sing N N 267 
PRO CB  HB3  sing N N 268 
PRO CG  CD   sing N N 269 
PRO CG  HG2  sing N N 270 
PRO CG  HG3  sing N N 271 
PRO CD  HD2  sing N N 272 
PRO CD  HD3  sing N N 273 
PRO OXT HXT  sing N N 274 
SER N   CA   sing N N 275 
SER N   H    sing N N 276 
SER N   H2   sing N N 277 
SER CA  C    sing N N 278 
SER CA  CB   sing N N 279 
SER CA  HA   sing N N 280 
SER C   O    doub N N 281 
SER C   OXT  sing N N 282 
SER CB  OG   sing N N 283 
SER CB  HB2  sing N N 284 
SER CB  HB3  sing N N 285 
SER OG  HG   sing N N 286 
SER OXT HXT  sing N N 287 
THR N   CA   sing N N 288 
THR N   H    sing N N 289 
THR N   H2   sing N N 290 
THR CA  C    sing N N 291 
THR CA  CB   sing N N 292 
THR CA  HA   sing N N 293 
THR C   O    doub N N 294 
THR C   OXT  sing N N 295 
THR CB  OG1  sing N N 296 
THR CB  CG2  sing N N 297 
THR CB  HB   sing N N 298 
THR OG1 HG1  sing N N 299 
THR CG2 HG21 sing N N 300 
THR CG2 HG22 sing N N 301 
THR CG2 HG23 sing N N 302 
THR OXT HXT  sing N N 303 
TRP N   CA   sing N N 304 
TRP N   H    sing N N 305 
TRP N   H2   sing N N 306 
TRP CA  C    sing N N 307 
TRP CA  CB   sing N N 308 
TRP CA  HA   sing N N 309 
TRP C   O    doub N N 310 
TRP C   OXT  sing N N 311 
TRP CB  CG   sing N N 312 
TRP CB  HB2  sing N N 313 
TRP CB  HB3  sing N N 314 
TRP CG  CD1  doub Y N 315 
TRP CG  CD2  sing Y N 316 
TRP CD1 NE1  sing Y N 317 
TRP CD1 HD1  sing N N 318 
TRP CD2 CE2  doub Y N 319 
TRP CD2 CE3  sing Y N 320 
TRP NE1 CE2  sing Y N 321 
TRP NE1 HE1  sing N N 322 
TRP CE2 CZ2  sing Y N 323 
TRP CE3 CZ3  doub Y N 324 
TRP CE3 HE3  sing N N 325 
TRP CZ2 CH2  doub Y N 326 
TRP CZ2 HZ2  sing N N 327 
TRP CZ3 CH2  sing Y N 328 
TRP CZ3 HZ3  sing N N 329 
TRP CH2 HH2  sing N N 330 
TRP OXT HXT  sing N N 331 
TYR N   CA   sing N N 332 
TYR N   H    sing N N 333 
TYR N   H2   sing N N 334 
TYR CA  C    sing N N 335 
TYR CA  CB   sing N N 336 
TYR CA  HA   sing N N 337 
TYR C   O    doub N N 338 
TYR C   OXT  sing N N 339 
TYR CB  CG   sing N N 340 
TYR CB  HB2  sing N N 341 
TYR CB  HB3  sing N N 342 
TYR CG  CD1  doub Y N 343 
TYR CG  CD2  sing Y N 344 
TYR CD1 CE1  sing Y N 345 
TYR CD1 HD1  sing N N 346 
TYR CD2 CE2  doub Y N 347 
TYR CD2 HD2  sing N N 348 
TYR CE1 CZ   doub Y N 349 
TYR CE1 HE1  sing N N 350 
TYR CE2 CZ   sing Y N 351 
TYR CE2 HE2  sing N N 352 
TYR CZ  OH   sing N N 353 
TYR OH  HH   sing N N 354 
TYR OXT HXT  sing N N 355 
VAL N   CA   sing N N 356 
VAL N   H    sing N N 357 
VAL N   H2   sing N N 358 
VAL CA  C    sing N N 359 
VAL CA  CB   sing N N 360 
VAL CA  HA   sing N N 361 
VAL C   O    doub N N 362 
VAL C   OXT  sing N N 363 
VAL CB  CG1  sing N N 364 
VAL CB  CG2  sing N N 365 
VAL CB  HB   sing N N 366 
VAL CG1 HG11 sing N N 367 
VAL CG1 HG12 sing N N 368 
VAL CG1 HG13 sing N N 369 
VAL CG2 HG21 sing N N 370 
VAL CG2 HG22 sing N N 371 
VAL CG2 HG23 sing N N 372 
VAL OXT HXT  sing N N 373 
# 
loop_
_pdbx_audit_support.funding_organization 
_pdbx_audit_support.country 
_pdbx_audit_support.grant_number 
_pdbx_audit_support.ordinal 
'National Natural Science Foundation of China (NSFC)' China 31530094 1 
'National Natural Science Foundation of China (NSFC)' China 31100532 2 
# 
_space_group.name_H-M_alt     'C 2 2 21' 
_space_group.name_Hall        'C 2c 2' 
_space_group.IT_number        20 
_space_group.crystal_system   orthorhombic 
_space_group.id               1 
# 
_atom_sites.entry_id                    8K9D 
_atom_sites.Cartn_transf_matrix[1][1]   ? 
_atom_sites.Cartn_transf_matrix[1][2]   ? 
_atom_sites.Cartn_transf_matrix[1][3]   ? 
_atom_sites.Cartn_transf_matrix[2][1]   ? 
_atom_sites.Cartn_transf_matrix[2][2]   ? 
_atom_sites.Cartn_transf_matrix[2][3]   ? 
_atom_sites.Cartn_transf_matrix[3][1]   ? 
_atom_sites.Cartn_transf_matrix[3][2]   ? 
_atom_sites.Cartn_transf_matrix[3][3]   ? 
_atom_sites.Cartn_transf_vector[1]      ? 
_atom_sites.Cartn_transf_vector[2]      ? 
_atom_sites.Cartn_transf_vector[3]      ? 
_atom_sites.Cartn_transform_axes        ? 
_atom_sites.fract_transf_matrix[1][1]   0.00766455 
_atom_sites.fract_transf_matrix[1][2]   -0.01582221 
_atom_sites.fract_transf_matrix[1][3]   0.00056614 
_atom_sites.fract_transf_matrix[2][1]   -0.00283265 
_atom_sites.fract_transf_matrix[2][2]   -0.00142894 
_atom_sites.fract_transf_matrix[2][3]   -0.00158601 
_atom_sites.fract_transf_matrix[3][1]   0.00654350 
_atom_sites.fract_transf_matrix[3][2]   0.00266568 
_atom_sites.fract_transf_matrix[3][3]   -0.01408850 
_atom_sites.fract_transf_vector[1]      -0.019070 
_atom_sites.fract_transf_vector[2]      -0.228915 
_atom_sites.fract_transf_vector[3]      0.088033 
_atom_sites.solution_primary            ? 
_atom_sites.solution_secondary          ? 
_atom_sites.solution_hydrogens          ? 
_atom_sites.special_details             ? 
# 
loop_
_atom_type.symbol 
_atom_type.scat_dispersion_real 
_atom_type.scat_dispersion_imag 
_atom_type.scat_Cromer_Mann_a1 
_atom_type.scat_Cromer_Mann_a2 
_atom_type.scat_Cromer_Mann_a3 
_atom_type.scat_Cromer_Mann_a4 
_atom_type.scat_Cromer_Mann_b1 
_atom_type.scat_Cromer_Mann_b2 
_atom_type.scat_Cromer_Mann_b3 
_atom_type.scat_Cromer_Mann_b4 
_atom_type.scat_Cromer_Mann_c 
_atom_type.scat_source 
_atom_type.scat_dispersion_source 
C  ? ? 3.54356 2.42580 ? ? 25.62398 1.50364  ? ? 0.0 
;2-Gaussian fit: Grosse-Kunstleve RW, Sauter NK, Adams PD: Newsletter of the IUCr Commission on Crystallographic Computing 2004, 3, 22-31.
;
? 
N  ? ? 6.96715 ?       ? ? 11.43723 ?        ? ? 0.0 
;1-Gaussian fit: Grosse-Kunstleve RW, Sauter NK, Adams PD: Newsletter of the IUCr Commission on Crystallographic Computing 2004, 3, 22-31.
;
? 
O  ? ? 7.96527 ?       ? ? 9.05267  ?        ? ? 0.0 
;1-Gaussian fit: Grosse-Kunstleve RW, Sauter NK, Adams PD: Newsletter of the IUCr Commission on Crystallographic Computing 2004, 3, 22-31.
;
? 
S  ? ? 9.55732 6.39887 ? ? 1.23737  29.19336 ? ? 0.0 
;2-Gaussian fit: Grosse-Kunstleve RW, Sauter NK, Adams PD: Newsletter of the IUCr Commission on Crystallographic Computing 2004, 3, 22-31.
;
? 
SE ? ? ?       ?       ? ? ?        ?        ? ? ?   ? ? 
# 
loop_
_atom_site.group_PDB 
_atom_site.id 
_atom_site.type_symbol 
_atom_site.label_atom_id 
_atom_site.label_alt_id 
_atom_site.label_comp_id 
_atom_site.label_asym_id 
_atom_site.label_entity_id 
_atom_site.label_seq_id 
_atom_site.pdbx_PDB_ins_code 
_atom_site.Cartn_x 
_atom_site.Cartn_y 
_atom_site.Cartn_z 
_atom_site.occupancy 
_atom_site.B_iso_or_equiv 
_atom_site.pdbx_formal_charge 
_atom_site.auth_seq_id 
_atom_site.auth_comp_id 
_atom_site.auth_asym_id 
_atom_site.auth_atom_id 
_atom_site.pdbx_PDB_model_num 
ATOM   1   N  N   . LYS A 1 97  ? -23.02983 -6.85542  -29.19575 1.000 231.21965 ? 196 LYS A N   1 
ATOM   2   C  CA  . LYS A 1 97  ? -21.66577 -6.44535  -29.50752 1.000 234.24522 ? 196 LYS A CA  1 
ATOM   3   C  C   . LYS A 1 97  ? -21.42421 -5.00134  -29.08242 1.000 240.03405 ? 196 LYS A C   1 
ATOM   4   O  O   . LYS A 1 97  ? -20.29279 -4.60904  -28.79494 1.000 241.01496 ? 196 LYS A O   1 
ATOM   5   C  CB  . LYS A 1 97  ? -21.38276 -6.61232  -31.00185 1.000 223.79569 ? 196 LYS A CB  1 
ATOM   6   N  N   . LYS A 1 98  ? -22.50141 -4.21298  -29.04756 1.000 242.15477 ? 197 LYS A N   1 
ATOM   7   C  CA  . LYS A 1 98  ? -22.38825 -2.82340  -28.61621 1.000 242.21126 ? 197 LYS A CA  1 
ATOM   8   C  C   . LYS A 1 98  ? -22.08162 -2.73015  -27.12678 1.000 245.62837 ? 197 LYS A C   1 
ATOM   9   O  O   . LYS A 1 98  ? -21.23447 -1.93089  -26.71110 1.000 246.19947 ? 197 LYS A O   1 
ATOM   10  C  CB  . LYS A 1 98  ? -23.67224 -2.06435  -28.94941 1.000 234.16383 ? 197 LYS A CB  1 
ATOM   11  N  N   . ALA A 1 99  ? -22.76090 -3.53671  -26.30731 1.000 248.12011 ? 198 ALA A N   1 
ATOM   12  C  CA  . ALA A 1 99  ? -22.47753 -3.55273  -24.87783 1.000 249.20853 ? 198 ALA A CA  1 
ATOM   13  C  C   . ALA A 1 99  ? -21.13800 -4.20473  -24.56516 1.000 252.52486 ? 198 ALA A C   1 
ATOM   14  O  O   . ALA A 1 99  ? -20.60967 -4.00889  -23.46546 1.000 251.57020 ? 198 ALA A O   1 
ATOM   15  C  CB  . ALA A 1 99  ? -23.59932 -4.26979  -24.12519 1.000 244.58168 ? 198 ALA A CB  1 
ATOM   16  N  N   . GLN A 1 100 ? -20.58219 -4.97525  -25.50435 1.000 250.94216 ? 199 GLN A N   1 
ATOM   17  C  CA  . GLN A 1 100 ? -19.26373 -5.56365  -25.30068 1.000 249.09816 ? 199 GLN A CA  1 
ATOM   18  C  C   . GLN A 1 100 ? -18.16499 -4.51134  -25.35699 1.000 252.51625 ? 199 GLN A C   1 
ATOM   19  O  O   . GLN A 1 100 ? -17.09845 -4.70127  -24.76236 1.000 255.89350 ? 199 GLN A O   1 
ATOM   20  C  CB  . GLN A 1 100 ? -19.00829 -6.65310  -26.34217 1.000 245.51622 ? 199 GLN A CB  1 
ATOM   21  N  N   . ARG A 1 101 ? -18.39870 -3.40535  -26.06685 1.000 253.18384 ? 200 ARG A N   1 
ATOM   22  C  CA  . ARG A 1 101 ? -17.41375 -2.33180  -26.11161 1.000 252.13091 ? 200 ARG A CA  1 
ATOM   23  C  C   . ARG A 1 101 ? -17.52398 -1.40987  -24.90509 1.000 248.59517 ? 200 ARG A C   1 
ATOM   24  O  O   . ARG A 1 101 ? -16.52129 -0.81874  -24.48966 1.000 245.24643 ? 200 ARG A O   1 
ATOM   25  C  CB  . ARG A 1 101 ? -17.56771 -1.52851  -27.40376 1.000 250.13867 ? 200 ARG A CB  1 
ATOM   26  N  N   . ARG A 1 102 ? -18.72343 -1.27357  -24.33414 1.000 248.07650 ? 201 ARG A N   1 
ATOM   27  C  CA  . ARG A 1 102 ? -18.88553 -0.44128  -23.14764 1.000 248.31814 ? 201 ARG A CA  1 
ATOM   28  C  C   . ARG A 1 102 ? -18.20325 -1.05881  -21.93521 1.000 248.42773 ? 201 ARG A C   1 
ATOM   29  O  O   . ARG A 1 102 ? -17.80339 -0.33538  -21.01521 1.000 245.31319 ? 201 ARG A O   1 
ATOM   30  C  CB  . ARG A 1 102 ? -20.37053 -0.21227  -22.86502 1.000 246.07378 ? 201 ARG A CB  1 
ATOM   31  N  N   . GLU A 1 103 ? -18.06348 -2.38641  -21.91553 1.000 248.29794 ? 202 GLU A N   1 
ATOM   32  C  CA  . GLU A 1 103 ? -17.37416 -3.05103  -20.81676 1.000 243.28519 ? 202 GLU A CA  1 
ATOM   33  C  C   . GLU A 1 103 ? -15.86191 -2.90636  -20.92192 1.000 238.57768 ? 202 GLU A C   1 
ATOM   34  O  O   . GLU A 1 103 ? -15.16999 -2.90945  -19.89784 1.000 232.12003 ? 202 GLU A O   1 
ATOM   35  C  CB  . GLU A 1 103 ? -17.75588 -4.53123  -20.77674 1.000 245.14383 ? 202 GLU A CB  1 
ATOM   36  N  N   . HIS A 1 104 ? -15.33380 -2.78164  -22.14094 1.000 240.25556 ? 203 HIS A N   1 
ATOM   37  C  CA  . HIS A 1 104 ? -13.89145 -2.64024  -22.31056 1.000 235.46141 ? 203 HIS A CA  1 
ATOM   38  C  C   . HIS A 1 104 ? -13.40587 -1.28984  -21.79929 1.000 229.08161 ? 203 HIS A C   1 
ATOM   39  O  O   . HIS A 1 104 ? -12.30760 -1.18968  -21.23980 1.000 224.87591 ? 203 HIS A O   1 
ATOM   40  C  CB  . HIS A 1 104 ? -13.51522 -2.82787  -23.78111 1.000 235.57332 ? 203 HIS A CB  1 
HETATM 41  N  N   . MSE A 1 105 ? -14.20813 -0.24525  -21.97700 1.000 229.33758 ? 204 MSE A N   1 
HETATM 42  C  CA  . MSE A 1 105 ? -13.85101 1.08725   -21.50697 1.000 225.30981 ? 204 MSE A CA  1 
HETATM 43  C  C   . MSE A 1 105 ? -13.91537 1.16305   -19.98605 1.000 223.93390 ? 204 MSE A C   1 
HETATM 44  O  O   . MSE A 1 105 ? -13.11302 1.85094   -19.35514 1.000 219.89400 ? 204 MSE A O   1 
HETATM 45  C  CB  . MSE A 1 105 ? -14.77204 2.13905   -22.12741 1.000 216.81242 ? 204 MSE A CB  1 
ATOM   46  N  N   . LEU A 1 106 ? -14.88037 0.44888   -19.40185 1.000 223.12159 ? 205 LEU A N   1 
ATOM   47  C  CA  . LEU A 1 106 ? -15.01310 0.43956   -17.94872 1.000 219.68985 ? 205 LEU A CA  1 
ATOM   48  C  C   . LEU A 1 106 ? -13.83969 -0.27622  -17.29220 1.000 213.62894 ? 205 LEU A C   1 
ATOM   49  O  O   . LEU A 1 106 ? -13.33968 0.16503   -16.25064 1.000 211.21251 ? 205 LEU A O   1 
ATOM   50  C  CB  . LEU A 1 106 ? -16.33460 -0.21412  -17.54647 1.000 226.19192 ? 205 LEU A CB  1 
ATOM   51  N  N   . LYS A 1 107 ? -13.38796 -1.38360  -17.88499 1.000 212.40848 ? 206 LYS A N   1 
ATOM   52  C  CA  . LYS A 1 107 ? -12.23854 -2.09569  -17.33723 1.000 213.92240 ? 206 LYS A CA  1 
ATOM   53  C  C   . LYS A 1 107 ? -10.95982 -1.28600  -17.50405 1.000 208.02560 ? 206 LYS A C   1 
ATOM   54  O  O   . LYS A 1 107 ? -10.07769 -1.32274  -16.63800 1.000 199.66057 ? 206 LYS A O   1 
ATOM   55  C  CB  . LYS A 1 107 ? -12.10016 -3.46312  -18.00514 1.000 217.72968 ? 206 LYS A CB  1 
ATOM   56  N  N   . LEU A 1 108 ? -10.84086 -0.55080  -18.61259 1.000 212.42453 ? 207 LEU A N   1 
ATOM   57  C  CA  . LEU A 1 108 ? -9.67707  0.30656   -18.80770 1.000 207.77284 ? 207 LEU A CA  1 
ATOM   58  C  C   . LEU A 1 108 ? -9.62791  1.40674   -17.75664 1.000 199.66381 ? 207 LEU A C   1 
ATOM   59  O  O   . LEU A 1 108 ? -8.54816  1.77228   -17.27834 1.000 189.66015 ? 207 LEU A O   1 
ATOM   60  C  CB  . LEU A 1 108 ? -9.69524  0.90559   -20.21401 1.000 205.90664 ? 207 LEU A CB  1 
ATOM   61  N  N   . GLU A 1 109 ? -10.78953 1.94789   -17.38430 1.000 202.38337 ? 208 GLU A N   1 
ATOM   62  C  CA  . GLU A 1 109 ? -10.82739 2.94351   -16.31907 1.000 200.61558 ? 208 GLU A CA  1 
ATOM   63  C  C   . GLU A 1 109 ? -10.56191 2.30437   -14.96192 1.000 195.51810 ? 208 GLU A C   1 
ATOM   64  O  O   . GLU A 1 109 ? -9.95536  2.92777   -14.08280 1.000 191.84689 ? 208 GLU A O   1 
ATOM   65  C  CB  . GLU A 1 109 ? -12.17478 3.66458   -16.32199 1.000 205.33055 ? 208 GLU A CB  1 
ATOM   66  N  N   . ALA A 1 110 ? -11.00468 1.05933   -14.77497 1.000 196.68674 ? 209 ALA A N   1 
ATOM   67  C  CA  . ALA A 1 110 ? -10.74614 0.36069   -13.52076 1.000 195.16764 ? 209 ALA A CA  1 
ATOM   68  C  C   . ALA A 1 110 ? -9.26777  0.02080   -13.37775 1.000 182.52441 ? 209 ALA A C   1 
ATOM   69  O  O   . ALA A 1 110 ? -8.66517  0.25744   -12.32425 1.000 175.43812 ? 209 ALA A O   1 
ATOM   70  C  CB  . ALA A 1 110 ? -11.60326 -0.90254  -13.43702 1.000 201.35676 ? 209 ALA A CB  1 
ATOM   71  N  N   . GLU A 1 111 ? -8.66379  -0.53594  -14.43062 1.000 180.07257 ? 210 GLU A N   1 
ATOM   72  C  CA  . GLU A 1 111 ? -7.24579  -0.86969  -14.37674 1.000 179.42248 ? 210 GLU A CA  1 
ATOM   73  C  C   . GLU A 1 111 ? -6.36481  0.37073   -14.32127 1.000 168.78778 ? 210 GLU A C   1 
ATOM   74  O  O   . GLU A 1 111 ? -5.22109  0.28298   -13.86164 1.000 164.43468 ? 210 GLU A O   1 
ATOM   75  C  CB  . GLU A 1 111 ? -6.85968  -1.73332  -15.57874 1.000 172.24778 ? 210 GLU A CB  1 
ATOM   76  N  N   . LYS A 1 112 ? -6.86834  1.51856   -14.77995 1.000 164.54062 ? 211 LYS A N   1 
ATOM   77  C  CA  . LYS A 1 112 ? -6.11118  2.76145   -14.68131 1.000 155.03836 ? 211 LYS A CA  1 
ATOM   78  C  C   . LYS A 1 112 ? -6.24446  3.37671   -13.29494 1.000 155.75448 ? 211 LYS A C   1 
ATOM   79  O  O   . LYS A 1 112 ? -5.24758  3.79233   -12.69428 1.000 137.96773 ? 211 LYS A O   1 
ATOM   80  C  CB  . LYS A 1 112 ? -6.57622  3.75067   -15.75006 1.000 157.39498 ? 211 LYS A CB  1 
ATOM   81  N  N   . LYS A 1 113 ? -7.47379  3.45043   -12.77608 1.000 168.47331 ? 212 LYS A N   1 
ATOM   82  C  CA  . LYS A 1 113 ? -7.66901  3.91779   -11.40866 1.000 159.24422 ? 212 LYS A CA  1 
ATOM   83  C  C   . LYS A 1 113 ? -6.95077  3.02064   -10.41374 1.000 152.90112 ? 212 LYS A C   1 
ATOM   84  O  O   . LYS A 1 113 ? -6.52491  3.48522   -9.35084  1.000 148.27030 ? 212 LYS A O   1 
ATOM   85  C  CB  . LYS A 1 113 ? -9.15982  3.98625   -11.08095 1.000 151.37914 ? 212 LYS A CB  1 
ATOM   86  N  N   . LYS A 1 114 ? -6.81530  1.73365   -10.73316 1.000 159.87847 ? 213 LYS A N   1 
ATOM   87  C  CA  . LYS A 1 114 ? -5.96963  0.86520   -9.92539  1.000 154.45360 ? 213 LYS A CA  1 
ATOM   88  C  C   . LYS A 1 114 ? -4.51617  1.31393   -9.99979  1.000 147.41295 ? 213 LYS A C   1 
ATOM   89  O  O   . LYS A 1 114 ? -3.86806  1.53034   -8.97031  1.000 138.11859 ? 213 LYS A O   1 
ATOM   90  C  CB  . LYS A 1 114 ? -6.11693  -0.58390  -10.38693 1.000 136.34070 ? 213 LYS A CB  1 
ATOM   91  N  N   . LEU A 1 115 ? -3.99924  1.48757   -11.21963 1.000 147.99487 ? 214 LEU A N   1 
ATOM   92  C  CA  . LEU A 1 115 ? -2.61253  1.90765   -11.39406 1.000 145.22720 ? 214 LEU A CA  1 
ATOM   93  C  C   . LEU A 1 115 ? -2.33864  3.24831   -10.72624 1.000 138.74537 ? 214 LEU A C   1 
ATOM   94  O  O   . LEU A 1 115 ? -1.20971  3.50545   -10.29302 1.000 130.73799 ? 214 LEU A O   1 
ATOM   95  C  CB  . LEU A 1 115 ? -2.27242  1.97812   -12.88239 1.000 157.72302 ? 214 LEU A CB  1 
ATOM   96  N  N   . ARG A 1 116 ? -3.34837  4.11464   -10.63580 1.000 139.98253 ? 215 ARG A N   1 
ATOM   97  C  CA  . ARG A 1 116 ? -3.16878  5.37438   -9.92296  1.000 143.13700 ? 215 ARG A CA  1 
ATOM   98  C  C   . ARG A 1 116 ? -3.03840  5.13658   -8.42312  1.000 141.08837 ? 215 ARG A C   1 
ATOM   99  O  O   . ARG A 1 116 ? -2.11524  5.65308   -7.78236  1.000 137.94396 ? 215 ARG A O   1 
ATOM   100 C  CB  . ARG A 1 116 ? -4.33076  6.32105   -10.22359 1.000 137.81088 ? 215 ARG A CB  1 
ATOM   101 N  N   . THR A 1 117 ? -3.95154  4.34673   -7.84788  1.000 146.56677 ? 216 THR A N   1 
ATOM   102 C  CA  . THR A 1 117 ? -3.89677  4.06952   -6.41511  1.000 140.73652 ? 216 THR A CA  1 
ATOM   103 C  C   . THR A 1 117 ? -2.66836  3.24615   -6.05330  1.000 133.71628 ? 216 THR A C   1 
ATOM   104 O  O   . THR A 1 117 ? -2.13746  3.37940   -4.94548  1.000 120.97012 ? 216 THR A O   1 
ATOM   105 C  CB  . THR A 1 117 ? -5.16780  3.34646   -5.96132  1.000 145.10072 ? 216 THR A CB  1 
ATOM   106 O  OG1 . THR A 1 117 ? -5.40374  2.21032   -6.80253  1.000 147.52358 ? 216 THR A OG1 1 
ATOM   107 C  CG2 . THR A 1 117 ? -6.36872  4.27913   -6.03114  1.000 138.86013 ? 216 THR A CG2 1 
HETATM 108 N  N   . MSE A 1 118 ? -2.22000  2.38305   -6.95985  1.000 140.12341 ? 217 MSE A N   1 
HETATM 109 C  CA  . MSE A 1 118 ? -0.96068  1.65654   -6.81058  1.000 139.70538 ? 217 MSE A CA  1 
HETATM 110 C  C   . MSE A 1 118 ? 0.20280   2.54614   -6.39111  1.000 131.48164 ? 217 MSE A C   1 
HETATM 111 O  O   . MSE A 1 118 ? 0.73199   2.42260   -5.28831  1.000 126.03534 ? 217 MSE A O   1 
HETATM 112 C  CB  . MSE A 1 118 ? -0.59441  0.96709   -8.12516  1.000 154.02446 ? 217 MSE A CB  1 
HETATM 113 C  CG  . MSE A 1 118 ? -1.44920  -0.22049  -8.48812  1.000 161.43829 ? 217 MSE A CG  1 
HETATM 114 SE SE  . MSE A 1 118 ? -1.30164  -1.59345  -7.13304  1.000 237.82941 ? 217 MSE A SE  1 
HETATM 115 C  CE  . MSE A 1 118 ? 0.53826   -2.09893  -7.53665  1.000 152.19088 ? 217 MSE A CE  1 
ATOM   116 N  N   . LEU A 1 119 ? 0.60381   3.43039   -7.30665  1.000 125.75849 ? 218 LEU A N   1 
ATOM   117 C  CA  . LEU A 1 119 ? 1.73696   4.30941   -7.05535  1.000 111.07427 ? 218 LEU A CA  1 
ATOM   118 C  C   . LEU A 1 119 ? 1.51084   5.17195   -5.82259  1.000 110.48024 ? 218 LEU A C   1 
ATOM   119 O  O   . LEU A 1 119 ? 2.46584   5.48538   -5.10213  1.000 96.00392  ? 218 LEU A O   1 
ATOM   120 C  CB  . LEU A 1 119 ? 1.99845   5.16924   -8.29182  1.000 129.00947 ? 218 LEU A CB  1 
ATOM   121 C  CG  . LEU A 1 119 ? 2.49108   4.43319   -9.54371  1.000 119.07292 ? 218 LEU A CG  1 
ATOM   122 C  CD1 . LEU A 1 119 ? 2.55293   5.36480   -10.74867 1.000 118.86391 ? 218 LEU A CD1 1 
ATOM   123 C  CD2 . LEU A 1 119 ? 3.84686   3.78833   -9.29582  1.000 108.07872 ? 218 LEU A CD2 1 
ATOM   124 N  N   . GLN A 1 120 ? 0.25994   5.56225   -5.56412  1.000 125.53233 ? 219 GLN A N   1 
ATOM   125 C  CA  . GLN A 1 120 ? -0.05341  6.26617   -4.32511  1.000 107.97779 ? 219 GLN A CA  1 
ATOM   126 C  C   . GLN A 1 120 ? 0.35377   5.43317   -3.11644  1.000 95.74997  ? 219 GLN A C   1 
ATOM   127 O  O   . GLN A 1 120 ? 1.04242   5.91932   -2.21145  1.000 90.74390  ? 219 GLN A O   1 
ATOM   128 C  CB  . GLN A 1 120 ? -1.54694  6.60133   -4.26997  1.000 101.01700 ? 219 GLN A CB  1 
ATOM   129 C  CG  . GLN A 1 120 ? -1.98145  7.70071   -5.22954  1.000 92.55732  ? 219 GLN A CG  1 
ATOM   130 C  CD  . GLN A 1 120 ? -3.49016  7.88092   -5.28043  1.000 113.07537 ? 219 GLN A CD  1 
ATOM   131 O  OE1 . GLN A 1 120 ? -4.14216  7.51647   -6.26012  1.000 130.29949 ? 219 GLN A OE1 1 
ATOM   132 N  NE2 . GLN A 1 120 ? -4.04815  8.46850   -4.22995  1.000 119.85356 ? 219 GLN A NE2 1 
ATOM   133 N  N   . VAL A 1 121 ? -0.05261  4.16190   -3.10017  1.000 117.22858 ? 220 VAL A N   1 
ATOM   134 C  CA  . VAL A 1 121 ? 0.26109   3.27335   -1.98554  1.000 110.46299 ? 220 VAL A CA  1 
ATOM   135 C  C   . VAL A 1 121 ? 1.76017   3.01134   -1.91573  1.000 103.82231 ? 220 VAL A C   1 
ATOM   136 O  O   . VAL A 1 121 ? 2.34236   2.92511   -0.82645  1.000 84.65235  ? 220 VAL A O   1 
ATOM   137 C  CB  . VAL A 1 121 ? -0.54396  1.96760   -2.12439  1.000 80.05378  ? 220 VAL A CB  1 
ATOM   138 C  CG1 . VAL A 1 121 ? -0.06583  0.92411   -1.13524  1.000 87.69234  ? 220 VAL A CG1 1 
ATOM   139 C  CG2 . VAL A 1 121 ? -2.03058  2.24056   -1.95307  1.000 91.26943  ? 220 VAL A CG2 1 
ATOM   140 N  N   . GLN A 1 122 ? 2.40945   2.87962   -3.07511  1.000 101.34102 ? 221 GLN A N   1 
ATOM   141 C  CA  . GLN A 1 122 ? 3.86085   2.73760   -3.09650  1.000 87.25534  ? 221 GLN A CA  1 
ATOM   142 C  C   . GLN A 1 122 ? 4.54028   3.95965   -2.48802  1.000 104.13843 ? 221 GLN A C   1 
ATOM   143 O  O   . GLN A 1 122 ? 5.46479   3.82262   -1.67768  1.000 83.75911  ? 221 GLN A O   1 
ATOM   144 C  CB  . GLN A 1 122 ? 4.34147   2.50052   -4.52910  1.000 100.60166 ? 221 GLN A CB  1 
ATOM   145 C  CG  . GLN A 1 122 ? 5.82118   2.77000   -4.74750  1.000 119.30002 ? 221 GLN A CG  1 
ATOM   146 C  CD  . GLN A 1 122 ? 6.45796   1.81570   -5.74341  1.000 115.98014 ? 221 GLN A CD  1 
ATOM   147 O  OE1 . GLN A 1 122 ? 5.82015   1.38122   -6.70208  1.000 99.98478  ? 221 GLN A OE1 1 
ATOM   148 N  NE2 . GLN A 1 122 ? 7.72562   1.48647   -5.51886  1.000 106.64394 ? 221 GLN A NE2 1 
ATOM   149 N  N   . TYR A 1 123 ? 4.08361   5.16443   -2.85269  1.000 116.27816 ? 222 TYR A N   1 
ATOM   150 C  CA  . TYR A 1 123 ? 4.62892   6.37953   -2.24971  1.000 109.15036 ? 222 TYR A CA  1 
ATOM   151 C  C   . TYR A 1 123 ? 4.38549   6.41307   -0.74879  1.000 105.02218 ? 222 TYR A C   1 
ATOM   152 O  O   . TYR A 1 123 ? 5.22475   6.90873   0.01256   1.000 95.75046  ? 222 TYR A O   1 
ATOM   153 C  CB  . TYR A 1 123 ? 4.02691   7.62607   -2.90194  1.000 100.82508 ? 222 TYR A CB  1 
ATOM   154 C  CG  . TYR A 1 123 ? 4.74112   8.91451   -2.52955  1.000 116.53143 ? 222 TYR A CG  1 
ATOM   155 C  CD1 . TYR A 1 123 ? 6.12598   9.00650   -2.58186  1.000 133.27210 ? 222 TYR A CD1 1 
ATOM   156 C  CD2 . TYR A 1 123 ? 4.02694   10.03980  -2.12673  1.000 117.40860 ? 222 TYR A CD2 1 
ATOM   157 C  CE1 . TYR A 1 123 ? 6.78116   10.18195  -2.23865  1.000 125.86696 ? 222 TYR A CE1 1 
ATOM   158 C  CE2 . TYR A 1 123 ? 4.67406   11.21919  -1.78435  1.000 125.37780 ? 222 TYR A CE2 1 
ATOM   159 C  CZ  . TYR A 1 123 ? 6.05123   11.28345  -1.84263  1.000 117.49558 ? 222 TYR A CZ  1 
ATOM   160 O  OH  . TYR A 1 123 ? 6.70579   12.44801  -1.50434  1.000 120.18717 ? 222 TYR A OH  1 
ATOM   161 N  N   . VAL A 1 124 ? 3.23667   5.90504   -0.30381  1.000 100.38360 ? 223 VAL A N   1 
ATOM   162 C  CA  . VAL A 1 124 ? 2.93089   5.92489   1.12071   1.000 98.10289  ? 223 VAL A CA  1 
ATOM   163 C  C   . VAL A 1 124 ? 3.90174   5.02935   1.88066   1.000 100.61151 ? 223 VAL A C   1 
ATOM   164 O  O   . VAL A 1 124 ? 4.50003   5.44663   2.87814   1.000 86.90363  ? 223 VAL A O   1 
ATOM   165 C  CB  . VAL A 1 124 ? 1.46381   5.52242   1.35929   1.000 113.87952 ? 223 VAL A CB  1 
ATOM   166 C  CG1 . VAL A 1 124 ? 1.25339   5.09242   2.80373   1.000 119.56746 ? 223 VAL A CG1 1 
ATOM   167 C  CG2 . VAL A 1 124 ? 0.53561   6.67858   0.99865   1.000 120.39774 ? 223 VAL A CG2 1 
ATOM   168 N  N   . LEU A 1 125 ? 4.10856   3.80290   1.39407   1.000 104.95629 ? 224 LEU A N   1 
ATOM   169 C  CA  . LEU A 1 125 ? 4.92664   2.83119   2.10898   1.000 97.74762  ? 224 LEU A CA  1 
ATOM   170 C  C   . LEU A 1 125 ? 6.42107   3.08226   1.96966   1.000 93.32755  ? 224 LEU A C   1 
ATOM   171 O  O   . LEU A 1 125 ? 7.19200   2.61285   2.81475   1.000 108.07167 ? 224 LEU A O   1 
ATOM   172 C  CB  . LEU A 1 125 ? 4.60637   1.42049   1.62332   1.000 81.37515  ? 224 LEU A CB  1 
ATOM   173 C  CG  . LEU A 1 125 ? 3.16971   0.98243   1.88949   1.000 100.42602 ? 224 LEU A CG  1 
ATOM   174 C  CD1 . LEU A 1 125 ? 2.72660   -0.00649  0.83429   1.000 74.42309  ? 224 LEU A CD1 1 
ATOM   175 C  CD2 . LEU A 1 125 ? 3.04882   0.39114   3.28454   1.000 103.71360 ? 224 LEU A CD2 1 
ATOM   176 N  N   . GLN A 1 126 ? 6.85418   3.78851   0.92427   1.000 85.28008  ? 225 GLN A N   1 
ATOM   177 C  CA  . GLN A 1 126 ? 8.27723   4.07880   0.78014   1.000 103.96972 ? 225 GLN A CA  1 
ATOM   178 C  C   . GLN A 1 126 ? 8.72837   5.11341   1.80452   1.000 99.91842  ? 225 GLN A C   1 
ATOM   179 O  O   . GLN A 1 126 ? 9.61975   4.85053   2.61944   1.000 99.00132  ? 225 GLN A O   1 
ATOM   180 C  CB  . GLN A 1 126 ? 8.58864   4.54575   -0.64339  1.000 109.56389 ? 225 GLN A CB  1 
ATOM   181 C  CG  . GLN A 1 126 ? 8.59776   3.43029   -1.67343  1.000 111.52588 ? 225 GLN A CG  1 
ATOM   182 C  CD  . GLN A 1 126 ? 8.57836   3.95864   -3.08988  1.000 144.64072 ? 225 GLN A CD  1 
ATOM   183 O  OE1 . GLN A 1 126 ? 9.09711   3.32675   -4.01081  1.000 154.06198 ? 225 GLN A OE1 1 
ATOM   184 N  NE2 . GLN A 1 126 ? 7.98453   5.13190   -3.27166  1.000 136.52667 ? 225 GLN A NE2 1 
ATOM   185 N  N   . ASN A 1 127 ? 8.12107   6.30423   1.77719   1.000 129.72386 ? 226 ASN A N   1 
ATOM   186 C  CA  . ASN A 1 127 ? 8.40602   7.32187   2.78433   1.000 134.30084 ? 226 ASN A CA  1 
ATOM   187 C  C   . ASN A 1 127 ? 7.95670   6.90401   4.17984   1.000 130.67542 ? 226 ASN A C   1 
ATOM   188 O  O   . ASN A 1 127 ? 8.35673   7.54327   5.15921   1.000 134.44825 ? 226 ASN A O   1 
ATOM   189 C  CB  . ASN A 1 127 ? 7.74052   8.64491   2.39509   1.000 102.77764 ? 226 ASN A CB  1 
ATOM   190 C  CG  . ASN A 1 127 ? 8.12642   9.10214   1.00076   1.000 124.85054 ? 226 ASN A CG  1 
ATOM   191 O  OD1 . ASN A 1 127 ? 8.44013   8.28651   0.13643   1.000 149.27480 ? 226 ASN A OD1 1 
ATOM   192 N  ND2 . ASN A 1 127 ? 8.10578   10.41213  0.77585   1.000 146.25694 ? 226 ASN A ND2 1 
ATOM   193 N  N   . LEU A 1 128 ? 7.13671   5.85631   4.28809   1.000 116.40866 ? 227 LEU A N   1 
ATOM   194 C  CA  . LEU A 1 128 ? 6.76695   5.31707   5.59176   1.000 111.29027 ? 227 LEU A CA  1 
ATOM   195 C  C   . LEU A 1 128 ? 7.96923   4.73534   6.32068   1.000 112.19228 ? 227 LEU A C   1 
ATOM   196 O  O   . LEU A 1 128 ? 8.03523   4.79015   7.55412   1.000 104.92281 ? 227 LEU A O   1 
ATOM   197 C  CB  . LEU A 1 128 ? 5.68582   4.25396   5.41449   1.000 105.87173 ? 227 LEU A CB  1 
ATOM   198 C  CG  . LEU A 1 128 ? 5.21047   3.46404   6.62344   1.000 105.84618 ? 227 LEU A CG  1 
ATOM   199 C  CD1 . LEU A 1 128 ? 4.09431   4.19309   7.34734   1.000 121.80197 ? 227 LEU A CD1 1 
ATOM   200 C  CD2 . LEU A 1 128 ? 4.75266   2.10601   6.14215   1.000 84.75869  ? 227 LEU A CD2 1 
ATOM   201 N  N   . THR A 1 129 ? 8.92844   4.18003   5.57741   1.000 134.35010 ? 228 THR A N   1 
ATOM   202 C  CA  . THR A 1 129 ? 10.12092  3.60344   6.18471   1.000 143.12322 ? 228 THR A CA  1 
ATOM   203 C  C   . THR A 1 129 ? 11.00554  4.64988   6.84795   1.000 145.28491 ? 228 THR A C   1 
ATOM   204 O  O   . THR A 1 129 ? 11.89831  4.28429   7.61990   1.000 146.59167 ? 228 THR A O   1 
ATOM   205 C  CB  . THR A 1 129 ? 10.92653  2.83894   5.13342   1.000 151.04458 ? 228 THR A CB  1 
ATOM   206 O  OG1 . THR A 1 129 ? 11.44010  3.75788   4.16106   1.000 153.31532 ? 228 THR A OG1 1 
ATOM   207 C  CG2 . THR A 1 129 ? 10.05048  1.80243   4.43840   1.000 130.03765 ? 228 THR A CG2 1 
ATOM   208 N  N   . GLN A 1 130 ? 10.78973  5.93165   6.56051   1.000 144.12944 ? 229 GLN A N   1 
ATOM   209 C  CA  . GLN A 1 130 ? 11.56597  6.97735   7.20982   1.000 148.78892 ? 229 GLN A CA  1 
ATOM   210 C  C   . GLN A 1 130 ? 11.27483  6.99626   8.70607   1.000 148.65327 ? 229 GLN A C   1 
ATOM   211 O  O   . GLN A 1 130 ? 10.16818  6.68256   9.15231   1.000 135.72200 ? 229 GLN A O   1 
ATOM   212 C  CB  . GLN A 1 130 ? 11.25638  8.34055   6.58823   1.000 147.06570 ? 229 GLN A CB  1 
ATOM   213 C  CG  . GLN A 1 130 ? 11.48221  8.40239   5.08168   1.000 157.64037 ? 229 GLN A CG  1 
ATOM   214 C  CD  . GLN A 1 130 ? 12.94623  8.27940   4.69668   1.000 169.15008 ? 229 GLN A CD  1 
ATOM   215 O  OE1 . GLN A 1 130 ? 13.39964  7.22249   4.25678   1.000 167.80624 ? 229 GLN A OE1 1 
ATOM   216 N  NE2 . GLN A 1 130 ? 13.69117  9.36697   4.85273   1.000 172.40245 ? 229 GLN A NE2 1 
ATOM   217 N  N   . GLU A 1 131 ? 12.29261  7.36282   9.48670   1.000 159.99903 ? 230 GLU A N   1 
ATOM   218 C  CA  . GLU A 1 131 ? 12.17537  7.31190   10.93949  1.000 155.22338 ? 230 GLU A CA  1 
ATOM   219 C  C   . GLU A 1 131 ? 11.41183  8.50760   11.49526  1.000 166.09831 ? 230 GLU A C   1 
ATOM   220 O  O   . GLU A 1 131 ? 10.68447  8.36543   12.48508  1.000 166.76913 ? 230 GLU A O   1 
ATOM   221 C  CB  . GLU A 1 131 ? 13.56761  7.22716   11.57316  1.000 163.01331 ? 230 GLU A CB  1 
ATOM   222 C  CG  . GLU A 1 131 ? 13.59309  7.35953   13.09299  1.000 183.29090 ? 230 GLU A CG  1 
ATOM   223 C  CD  . GLU A 1 131 ? 13.81137  8.78675   13.56265  1.000 199.36785 ? 230 GLU A CD  1 
ATOM   224 O  OE1 . GLU A 1 131 ? 14.23004  9.62597   12.73875  1.000 201.22831 ? 230 GLU A OE1 1 
ATOM   225 O  OE2 . GLU A 1 131 ? 13.56600  9.06425   14.75548  1.000 200.98451 ? 230 GLU A OE2 1 
ATOM   226 N  N   . HIS A 1 132 ? 11.55561  9.68534   10.88016  1.000 166.59382 ? 231 HIS A N   1 
ATOM   227 C  CA  . HIS A 1 132 ? 10.83856  10.85982  11.36416  1.000 161.10986 ? 231 HIS A CA  1 
ATOM   228 C  C   . HIS A 1 132 ? 9.33343   10.71468  11.19872  1.000 154.31064 ? 231 HIS A C   1 
ATOM   229 O  O   . HIS A 1 132 ? 8.57617   11.48384  11.79994  1.000 151.54705 ? 231 HIS A O   1 
ATOM   230 C  CB  . HIS A 1 132 ? 11.31413  12.11968  10.63713  1.000 167.51961 ? 231 HIS A CB  1 
ATOM   231 C  CG  . HIS A 1 132 ? 10.52345  12.44458  9.40747   1.000 166.59328 ? 231 HIS A CG  1 
ATOM   232 N  ND1 . HIS A 1 132 ? 9.44605   13.30545  9.42299   1.000 175.39966 ? 231 HIS A ND1 1 
ATOM   233 C  CD2 . HIS A 1 132 ? 10.65419  12.03117  8.12487   1.000 160.96287 ? 231 HIS A CD2 1 
ATOM   234 C  CE1 . HIS A 1 132 ? 8.94587   13.40450  8.20489   1.000 155.08613 ? 231 HIS A CE1 1 
ATOM   235 N  NE2 . HIS A 1 132 ? 9.66111   12.64134  7.39765   1.000 152.74838 ? 231 HIS A NE2 1 
ATOM   236 N  N   . VAL A 1 133 ? 8.88700   9.75173   10.39302  1.000 146.43445 ? 232 VAL A N   1 
ATOM   237 C  CA  . VAL A 1 133 ? 7.45855   9.51970   10.21601  1.000 144.10015 ? 232 VAL A CA  1 
ATOM   238 C  C   . VAL A 1 133 ? 6.90474   8.66635   11.35067  1.000 155.35585 ? 232 VAL A C   1 
ATOM   239 O  O   . VAL A 1 133 ? 5.89742   9.01765   11.97503  1.000 165.59704 ? 232 VAL A O   1 
ATOM   240 C  CB  . VAL A 1 133 ? 7.19153   8.87816   8.84156   1.000 133.82262 ? 232 VAL A CB  1 
ATOM   241 C  CG1 . VAL A 1 133 ? 5.76887   8.35631   8.76767   1.000 125.06792 ? 232 VAL A CG1 1 
ATOM   242 C  CG2 . VAL A 1 133 ? 7.45012   9.88336   7.72987   1.000 136.07835 ? 232 VAL A CG2 1 
ATOM   243 N  N   . GLN A 1 134 ? 7.55411   7.53533   11.63966  1.000 140.03656 ? 233 GLN A N   1 
ATOM   244 C  CA  . GLN A 1 134 ? 7.03994   6.63752   12.66912  1.000 152.43291 ? 233 GLN A CA  1 
ATOM   245 C  C   . GLN A 1 134 ? 7.09831   7.26942   14.05447  1.000 160.38699 ? 233 GLN A C   1 
ATOM   246 O  O   . GLN A 1 134 ? 6.21183   7.02440   14.88071  1.000 162.17761 ? 233 GLN A O   1 
ATOM   247 C  CB  . GLN A 1 134 ? 7.80583   5.31527   12.64179  1.000 164.64917 ? 233 GLN A CB  1 
ATOM   248 C  CG  . GLN A 1 134 ? 9.30937   5.46338   12.72169  1.000 166.44522 ? 233 GLN A CG  1 
ATOM   249 C  CD  . GLN A 1 134 ? 10.02614  4.49954   11.80195  1.000 162.33572 ? 233 GLN A CD  1 
ATOM   250 O  OE1 . GLN A 1 134 ? 9.63497   4.32246   10.64820  1.000 153.94765 ? 233 GLN A OE1 1 
ATOM   251 N  NE2 . GLN A 1 134 ? 11.07599  3.86577   12.30701  1.000 177.15353 ? 233 GLN A NE2 1 
ATOM   252 N  N   . LYS A 1 135 ? 8.12242   8.08039   14.33084  1.000 151.90745 ? 234 LYS A N   1 
ATOM   253 C  CA  . LYS A 1 135 ? 8.14625   8.82171   15.58637  1.000 159.06647 ? 234 LYS A CA  1 
ATOM   254 C  C   . LYS A 1 135 ? 7.12449   9.95167   15.59578  1.000 153.11636 ? 234 LYS A C   1 
ATOM   255 O  O   . LYS A 1 135 ? 6.66457   10.34967  16.67077  1.000 162.02202 ? 234 LYS A O   1 
ATOM   256 C  CB  . LYS A 1 135 ? 9.55064   9.37248   15.85550  1.000 161.47082 ? 234 LYS A CB  1 
ATOM   257 C  CG  . LYS A 1 135 ? 9.70596   10.05386  17.21194  1.000 165.63032 ? 234 LYS A CG  1 
ATOM   258 C  CD  . LYS A 1 135 ? 11.14471  10.48590  17.47867  1.000 167.54644 ? 234 LYS A CD  1 
ATOM   259 C  CE  . LYS A 1 135 ? 11.28122  11.13758  18.85387  1.000 160.38370 ? 234 LYS A CE  1 
ATOM   260 N  NZ  . LYS A 1 135 ? 12.67986  11.54826  19.17550  1.000 155.62920 ? 234 LYS A NZ  1 
ATOM   261 N  N   . ASP A 1 136 ? 6.74573   10.46123  14.42278  1.000 151.77840 ? 235 ASP A N   1 
ATOM   262 C  CA  . ASP A 1 136 ? 5.72408   11.49938  14.35744  1.000 152.31344 ? 235 ASP A CA  1 
ATOM   263 C  C   . ASP A 1 136 ? 4.34895   10.92655  14.68495  1.000 146.92643 ? 235 ASP A C   1 
ATOM   264 O  O   . ASP A 1 136 ? 3.54291   11.57615  15.36052  1.000 146.67464 ? 235 ASP A O   1 
ATOM   265 C  CB  . ASP A 1 136 ? 5.74223   12.13978  12.96838  1.000 150.12486 ? 235 ASP A CB  1 
ATOM   266 C  CG  . ASP A 1 136 ? 5.02014   13.46830  12.91644  1.000 142.77240 ? 235 ASP A CG  1 
ATOM   267 O  OD1 . ASP A 1 136 ? 3.90578   13.58674  13.46659  1.000 148.34561 ? 235 ASP A OD1 1 
ATOM   268 O  OD2 . ASP A 1 136 ? 5.58718   14.40403  12.31843  1.000 134.83556 ? 235 ASP A OD2 1 
ATOM   269 N  N   . PHE A 1 137 ? 4.07091   9.70091   14.23083  1.000 143.71310 ? 236 PHE A N   1 
ATOM   270 C  CA  . PHE A 1 137 ? 2.80713   9.02907   14.52236  1.000 153.12815 ? 236 PHE A CA  1 
ATOM   271 C  C   . PHE A 1 137 ? 2.73764   8.48688   15.94749  1.000 157.23041 ? 236 PHE A C   1 
ATOM   272 O  O   . PHE A 1 137 ? 1.72911   7.86596   16.30273  1.000 131.74467 ? 236 PHE A O   1 
ATOM   273 C  CB  . PHE A 1 137 ? 2.57301   7.88325   13.53069  1.000 155.40212 ? 236 PHE A CB  1 
ATOM   274 C  CG  . PHE A 1 137 ? 2.07476   8.32838   12.17997  1.000 148.31172 ? 236 PHE A CG  1 
ATOM   275 C  CD1 . PHE A 1 137 ? 2.94927   8.84948   11.24244  1.000 140.78580 ? 236 PHE A CD1 1 
ATOM   276 C  CD2 . PHE A 1 137 ? 0.73796   8.20719   11.84105  1.000 146.88436 ? 236 PHE A CD2 1 
ATOM   277 C  CE1 . PHE A 1 137 ? 2.49971   9.25184   9.99618   1.000 136.13135 ? 236 PHE A CE1 1 
ATOM   278 C  CE2 . PHE A 1 137 ? 0.27935   8.60906   10.59481  1.000 142.09686 ? 236 PHE A CE2 1 
ATOM   279 C  CZ  . PHE A 1 137 ? 1.16438   9.13236   9.67209   1.000 145.57414 ? 236 PHE A CZ  1 
ATOM   280 N  N   . LYS A 1 138 ? 3.78255   8.68561   16.75854  1.000 163.33839 ? 237 LYS A N   1 
ATOM   281 C  CA  . LYS A 1 138 ? 3.71935   8.31608   18.17015  1.000 150.50082 ? 237 LYS A CA  1 
ATOM   282 C  C   . LYS A 1 138 ? 2.56564   9.01581   18.87462  1.000 154.71686 ? 237 LYS A C   1 
ATOM   283 O  O   . LYS A 1 138 ? 1.94374   8.43944   19.77384  1.000 164.43230 ? 237 LYS A O   1 
ATOM   284 C  CB  . LYS A 1 138 ? 5.04923   8.64771   18.85375  1.000 162.14413 ? 237 LYS A CB  1 
ATOM   285 C  CG  . LYS A 1 138 ? 4.95776   8.93050   20.35177  1.000 170.73527 ? 237 LYS A CG  1 
ATOM   286 C  CD  . LYS A 1 138 ? 6.31417   9.30059   20.92868  1.000 186.22148 ? 237 LYS A CD  1 
ATOM   287 C  CE  . LYS A 1 138 ? 7.32490   8.18510   20.71240  1.000 180.37853 ? 237 LYS A CE  1 
ATOM   288 N  NZ  . LYS A 1 138 ? 6.84860   6.90139   21.29549  1.000 161.20352 ? 237 LYS A NZ  1 
ATOM   289 N  N   . GLY A 1 139 ? 2.26284   10.24707  18.47720  1.000 150.62220 ? 238 GLY A N   1 
ATOM   290 C  CA  . GLY A 1 139 ? 1.11145   10.95333  18.99516  1.000 152.20827 ? 238 GLY A CA  1 
ATOM   291 C  C   . GLY A 1 139 ? 0.54536   11.93895  17.99516  1.000 149.93352 ? 238 GLY A C   1 
ATOM   292 O  O   . GLY A 1 139 ? -0.22807  12.82668  18.36262  1.000 161.42173 ? 238 GLY A O   1 
ATOM   293 N  N   . GLY A 1 140 ? 0.92047   11.79199  16.72598  1.000 144.16930 ? 239 GLY A N   1 
ATOM   294 C  CA  . GLY A 1 140 ? 0.49921   12.72813  15.70207  1.000 145.93870 ? 239 GLY A CA  1 
ATOM   295 C  C   . GLY A 1 140 ? 0.96850   14.13783  15.99143  1.000 146.42681 ? 239 GLY A C   1 
ATOM   296 O  O   . GLY A 1 140 ? 0.19112   14.97339  16.46109  1.000 155.56623 ? 239 GLY A O   1 
ATOM   297 N  N   . LEU A 1 141 ? 2.24100   14.41396  15.71910  1.000 136.40519 ? 240 LEU A N   1 
ATOM   298 C  CA  . LEU A 1 141 ? 2.86851   15.66444  16.11955  1.000 128.12969 ? 240 LEU A CA  1 
ATOM   299 C  C   . LEU A 1 141 ? 3.02245   16.66079  14.97667  1.000 137.82453 ? 240 LEU A C   1 
ATOM   300 O  O   . LEU A 1 141 ? 3.45162   17.79340  15.21948  1.000 151.56534 ? 240 LEU A O   1 
ATOM   301 C  CB  . LEU A 1 141 ? 4.23656   15.37934  16.74947  1.000 128.35978 ? 240 LEU A CB  1 
ATOM   302 C  CG  . LEU A 1 141 ? 4.30204   14.15271  17.66498  1.000 150.74682 ? 240 LEU A CG  1 
ATOM   303 C  CD1 . LEU A 1 141 ? 5.73184   13.86205  18.09599  1.000 167.31665 ? 240 LEU A CD1 1 
ATOM   304 C  CD2 . LEU A 1 141 ? 3.40091   14.33236  18.87747  1.000 176.71224 ? 240 LEU A CD2 1 
ATOM   305 N  N   . ASN A 1 142 ? 2.68045   16.27717  13.74345  1.000 125.44144 ? 241 ASN A N   1 
ATOM   306 C  CA  . ASN A 1 142 ? 2.80903   17.18737  12.60563  1.000 119.54718 ? 241 ASN A CA  1 
ATOM   307 C  C   . ASN A 1 142 ? 1.76144   16.86168  11.54909  1.000 117.45753 ? 241 ASN A C   1 
ATOM   308 O  O   . ASN A 1 142 ? 2.04813   16.89304  10.34022  1.000 128.59961 ? 241 ASN A O   1 
ATOM   309 C  CB  . ASN A 1 142 ? 4.21145   17.13060  11.99716  1.000 146.29955 ? 241 ASN A CB  1 
ATOM   310 C  CG  . ASN A 1 142 ? 5.22938   17.92705  12.78573  1.000 148.94463 ? 241 ASN A CG  1 
ATOM   311 O  OD1 . ASN A 1 142 ? 5.03301   19.10839  13.06761  1.000 154.38393 ? 241 ASN A OD1 1 
ATOM   312 N  ND2 . ASN A 1 142 ? 6.33084   17.27829  13.14608  1.000 140.08006 ? 241 ASN A ND2 1 
ATOM   313 N  N   . GLY A 1 143 ? 0.54541   16.55603  11.97072  1.000 115.83155 ? 242 GLY A N   1 
ATOM   314 C  CA  . GLY A 1 143 ? -0.51198  16.18649  11.05777  1.000 117.10642 ? 242 GLY A CA  1 
ATOM   315 C  C   . GLY A 1 143 ? -0.68629  14.70370  10.84544  1.000 116.16504 ? 242 GLY A C   1 
ATOM   316 O  O   . GLY A 1 143 ? -1.35386  14.31047  9.88277   1.000 124.62637 ? 242 GLY A O   1 
ATOM   317 N  N   . ALA A 1 144 ? -0.12159  13.87501  11.71537  1.000 117.53663 ? 243 ALA A N   1 
ATOM   318 C  CA  . ALA A 1 144 ? -0.19676  12.42776  11.57507  1.000 128.05541 ? 243 ALA A CA  1 
ATOM   319 C  C   . ALA A 1 144 ? -1.43828  11.91358  12.29625  1.000 147.71446 ? 243 ALA A C   1 
ATOM   320 O  O   . ALA A 1 144 ? -1.63607  12.20091  13.48177  1.000 142.28251 ? 243 ALA A O   1 
ATOM   321 C  CB  . ALA A 1 144 ? 1.06745   11.77194  12.13232  1.000 125.85717 ? 243 ALA A CB  1 
ATOM   322 N  N   . VAL A 1 145 ? -2.28534  11.17438  11.57511  1.000 150.26675 ? 244 VAL A N   1 
ATOM   323 C  CA  . VAL A 1 145 ? -3.39662  10.48680  12.22279  1.000 148.43496 ? 244 VAL A CA  1 
ATOM   324 C  C   . VAL A 1 145 ? -2.82984  9.45920   13.19279  1.000 150.98120 ? 244 VAL A C   1 
ATOM   325 O  O   . VAL A 1 145 ? -2.10576  8.53822   12.79396  1.000 143.18892 ? 244 VAL A O   1 
ATOM   326 C  CB  . VAL A 1 145 ? -4.33369  9.86067   11.17906  1.000 160.36111 ? 244 VAL A CB  1 
ATOM   327 C  CG1 . VAL A 1 145 ? -3.58986  8.92971   10.22021  1.000 154.15876 ? 244 VAL A CG1 1 
ATOM   328 C  CG2 . VAL A 1 145 ? -5.46121  9.11117   11.87707  1.000 143.77524 ? 244 VAL A CG2 1 
ATOM   329 N  N   . TYR A 1 146 ? -3.12756  9.63270   14.48183  1.000 149.05937 ? 245 TYR A N   1 
ATOM   330 C  CA  . TYR A 1 146 ? -2.50339  8.80645   15.50695  1.000 140.60484 ? 245 TYR A CA  1 
ATOM   331 C  C   . TYR A 1 146 ? -2.79144  7.33196   15.26519  1.000 140.04139 ? 245 TYR A C   1 
ATOM   332 O  O   . TYR A 1 146 ? -3.90921  6.94654   14.90908  1.000 119.53588 ? 245 TYR A O   1 
ATOM   333 C  CB  . TYR A 1 146 ? -2.99143  9.19482   16.90110  1.000 142.01687 ? 245 TYR A CB  1 
ATOM   334 C  CG  . TYR A 1 146 ? -2.53625  8.20711   17.95433  1.000 141.79574 ? 245 TYR A CG  1 
ATOM   335 C  CD1 . TYR A 1 146 ? -1.20485  8.14550   18.34020  1.000 145.92163 ? 245 TYR A CD1 1 
ATOM   336 C  CD2 . TYR A 1 146 ? -3.42461  7.30525   18.52738  1.000 142.83289 ? 245 TYR A CD2 1 
ATOM   337 C  CE1 . TYR A 1 146 ? -0.77568  7.23701   19.29180  1.000 146.07902 ? 245 TYR A CE1 1 
ATOM   338 C  CE2 . TYR A 1 146 ? -3.00414  6.39156   19.48111  1.000 138.89409 ? 245 TYR A CE2 1 
ATOM   339 C  CZ  . TYR A 1 146 ? -1.67710  6.36176   19.85902  1.000 139.70920 ? 245 TYR A CZ  1 
ATOM   340 O  OH  . TYR A 1 146 ? -1.24806  5.45594   20.80458  1.000 135.40224 ? 245 TYR A OH  1 
ATOM   341 N  N   . LEU A 1 147 ? -1.76757  6.50330   15.47374  1.000 150.49396 ? 246 LEU A N   1 
ATOM   342 C  CA  . LEU A 1 147 ? -1.86650  5.07865   15.24007  1.000 131.38503 ? 246 LEU A CA  1 
ATOM   343 C  C   . LEU A 1 147 ? -1.02170  4.37222   16.29368  1.000 128.91350 ? 246 LEU A C   1 
ATOM   344 O  O   . LEU A 1 147 ? 0.16043   4.72150   16.46967  1.000 117.36938 ? 246 LEU A O   1 
ATOM   345 C  CB  . LEU A 1 147 ? -1.38313  4.71268   13.83579  1.000 114.79473 ? 246 LEU A CB  1 
ATOM   346 C  CG  . LEU A 1 147 ? -2.41161  4.63945   12.70562  1.000 133.37224 ? 246 LEU A CG  1 
ATOM   347 C  CD1 . LEU A 1 147 ? -1.93361  3.68368   11.62016  1.000 111.76224 ? 246 LEU A CD1 1 
ATOM   348 C  CD2 . LEU A 1 147 ? -3.78621  4.24205   13.21431  1.000 140.60104 ? 246 LEU A CD2 1 
ATOM   349 N  N   . PRO A 1 148 ? -1.57947  3.39569   17.00549  1.000 139.40923 ? 247 PRO A N   1 
ATOM   350 C  CA  . PRO A 1 148 ? -0.77638  2.63544   17.96840  1.000 139.43757 ? 247 PRO A CA  1 
ATOM   351 C  C   . PRO A 1 148 ? 0.27955   1.79584   17.26540  1.000 134.89355 ? 247 PRO A C   1 
ATOM   352 O  O   . PRO A 1 148 ? 0.18333   1.48908   16.07533  1.000 137.63024 ? 247 PRO A O   1 
ATOM   353 C  CB  . PRO A 1 148 ? -1.80791  1.75400   18.68188  1.000 142.16980 ? 247 PRO A CB  1 
ATOM   354 C  CG  . PRO A 1 148 ? -2.95770  1.66947   17.73231  1.000 145.03705 ? 247 PRO A CG  1 
ATOM   355 C  CD  . PRO A 1 148 ? -2.99331  2.98341   17.01090  1.000 138.42758 ? 247 PRO A CD  1 
ATOM   356 N  N   . SER A 1 149 ? 1.30283   1.41535   18.03558  1.000 140.48163 ? 248 SER A N   1 
ATOM   357 C  CA  . SER A 1 149 ? 2.45658   0.72789   17.46435  1.000 126.90674 ? 248 SER A CA  1 
ATOM   358 C  C   . SER A 1 149 ? 2.11886   -0.66095  16.93545  1.000 121.26687 ? 248 SER A C   1 
ATOM   359 O  O   . SER A 1 149 ? 2.84462   -1.16901  16.07435  1.000 118.54793 ? 248 SER A O   1 
ATOM   360 C  CB  . SER A 1 149 ? 3.57937   0.62745   18.49817  1.000 136.26397 ? 248 SER A CB  1 
ATOM   361 O  OG  . SER A 1 149 ? 3.25367   -0.29823  19.51819  1.000 152.68281 ? 248 SER A OG  1 
ATOM   362 N  N   . LYS A 1 150 ? 1.05511   -1.29524  17.43480  1.000 125.01292 ? 249 LYS A N   1 
ATOM   363 C  CA  . LYS A 1 150 ? 0.60973   -2.54977  16.83616  1.000 125.34677 ? 249 LYS A CA  1 
ATOM   364 C  C   . LYS A 1 150 ? 0.16675   -2.32857  15.39692  1.000 122.19899 ? 249 LYS A C   1 
ATOM   365 O  O   . LYS A 1 150 ? 0.53374   -3.09002  14.49499  1.000 124.01455 ? 249 LYS A O   1 
ATOM   366 C  CB  . LYS A 1 150 ? -0.53028  -3.16142  17.65198  1.000 137.06485 ? 249 LYS A CB  1 
ATOM   367 C  CG  . LYS A 1 150 ? -0.13036  -3.75340  18.99322  1.000 144.33178 ? 249 LYS A CG  1 
ATOM   368 C  CD  . LYS A 1 150 ? -1.34798  -4.34684  19.68957  1.000 167.56191 ? 249 LYS A CD  1 
ATOM   369 C  CE  . LYS A 1 150 ? -0.98978  -4.99059  21.01740  1.000 168.39520 ? 249 LYS A CE  1 
ATOM   370 N  NZ  . LYS A 1 150 ? -2.19103  -5.56069  21.69034  1.000 122.90144 ? 249 LYS A NZ  1 
ATOM   371 N  N   . GLU A 1 151 ? -0.62469  -1.27898  15.16632  1.000 137.84668 ? 250 GLU A N   1 
ATOM   372 C  CA  . GLU A 1 151 ? -1.11189  -0.98640  13.82440  1.000 149.41768 ? 250 GLU A CA  1 
ATOM   373 C  C   . GLU A 1 151 ? -0.01723  -0.38868  12.94859  1.000 141.92613 ? 250 GLU A C   1 
ATOM   374 O  O   . GLU A 1 151 ? -0.06097  -0.53237  11.72190  1.000 136.52624 ? 250 GLU A O   1 
ATOM   375 C  CB  . GLU A 1 151 ? -2.31758  -0.05097  13.91472  1.000 130.51017 ? 250 GLU A CB  1 
ATOM   376 C  CG  . GLU A 1 151 ? -3.51839  -0.68373  14.60988  1.000 150.39615 ? 250 GLU A CG  1 
ATOM   377 C  CD  . GLU A 1 151 ? -4.68194  0.27370   14.78018  1.000 183.70563 ? 250 GLU A CD  1 
ATOM   378 O  OE1 . GLU A 1 151 ? -4.51546  1.47401   14.48803  1.000 183.32224 ? 250 GLU A OE1 1 
ATOM   379 O  OE2 . GLU A 1 151 ? -5.76533  -0.17501  15.21068  1.000 198.26224 ? 250 GLU A OE2 1 
HETATM 380 N  N   . MSE A 1 152 ? 0.96434   0.27609   13.55306  1.000 143.60697 ? 251 MSE A N   1 
HETATM 381 C  CA  . MSE A 1 152 ? 2.13409   0.76674   12.82888  1.000 130.67649 ? 251 MSE A CA  1 
HETATM 382 C  C   . MSE A 1 152 ? 3.00202   -0.37791  12.32714  1.000 128.73082 ? 251 MSE A C   1 
HETATM 383 O  O   . MSE A 1 152 ? 3.30849   -0.46335  11.13674  1.000 137.46882 ? 251 MSE A O   1 
HETATM 384 C  CB  . MSE A 1 152 ? 2.97488   1.68919   13.71571  1.000 128.50542 ? 251 MSE A CB  1 
HETATM 385 C  CG  . MSE A 1 152 ? 2.30363   2.99618   14.08738  1.000 150.92675 ? 251 MSE A CG  1 
HETATM 386 SE SE  . MSE A 1 152 ? 1.82957   4.03481   12.50600  1.000 260.17029 ? 251 MSE A SE  1 
HETATM 387 C  CE  . MSE A 1 152 ? 3.63301   4.39943   11.83950  1.000 164.00666 ? 251 MSE A CE  1 
ATOM   388 N  N   . ASP A 1 153 ? 3.40105   -1.25627  13.25114  1.000 113.12088 ? 252 ASP A N   1 
ATOM   389 C  CA  . ASP A 1 153 ? 4.27497   -2.36238  12.88435  1.000 115.46648 ? 252 ASP A CA  1 
ATOM   390 C  C   . ASP A 1 153 ? 3.61457   -3.28851  11.87194  1.000 119.30501 ? 252 ASP A C   1 
ATOM   391 O  O   . ASP A 1 153 ? 4.30957   -3.96994  11.11071  1.000 112.36907 ? 252 ASP A O   1 
ATOM   392 C  CB  . ASP A 1 153 ? 4.70224   -3.13417  14.13440  1.000 151.21590 ? 252 ASP A CB  1 
ATOM   393 C  CG  . ASP A 1 153 ? 5.68024   -2.34967  14.99755  1.000 163.87834 ? 252 ASP A CG  1 
ATOM   394 O  OD1 . ASP A 1 153 ? 6.26199   -1.36797  14.48889  1.000 135.83288 ? 252 ASP A OD1 1 
ATOM   395 O  OD2 . ASP A 1 153 ? 5.87691   -2.71713  16.17602  1.000 173.99893 ? 252 ASP A OD2 1 
ATOM   396 N  N   . TYR A 1 154 ? 2.27857   -3.31886  11.84078  1.000 119.71808 ? 253 TYR A N   1 
ATOM   397 C  CA  . TYR A 1 154 ? 1.56264   -4.10528  10.84167  1.000 131.32451 ? 253 TYR A CA  1 
ATOM   398 C  C   . TYR A 1 154 ? 2.01345   -3.73566  9.43249   1.000 123.24939 ? 253 TYR A C   1 
ATOM   399 O  O   . TYR A 1 154 ? 2.43151   -4.59347  8.64613   1.000 131.93465 ? 253 TYR A O   1 
ATOM   400 C  CB  . TYR A 1 154 ? 0.05400   -3.89105  10.99692  1.000 129.50973 ? 253 TYR A CB  1 
ATOM   401 C  CG  . TYR A 1 154 ? -0.59335  -4.71017  12.09349  1.000 136.97614 ? 253 TYR A CG  1 
ATOM   402 C  CD1 . TYR A 1 154 ? 0.01431   -5.85954  12.58537  1.000 134.58896 ? 253 TYR A CD1 1 
ATOM   403 C  CD2 . TYR A 1 154 ? -1.81535  -4.33265  12.63683  1.000 139.51275 ? 253 TYR A CD2 1 
ATOM   404 C  CE1 . TYR A 1 154 ? -0.58132  -6.61206  13.58692  1.000 138.34208 ? 253 TYR A CE1 1 
ATOM   405 C  CE2 . TYR A 1 154 ? -2.41731  -5.07735  13.63808  1.000 142.10697 ? 253 TYR A CE2 1 
ATOM   406 C  CZ  . TYR A 1 154 ? -1.79772  -6.21420  14.10867  1.000 131.85320 ? 253 TYR A CZ  1 
ATOM   407 O  OH  . TYR A 1 154 ? -2.40106  -6.94994  15.10335  1.000 117.25224 ? 253 TYR A OH  1 
ATOM   408 N  N   . LEU A 1 155 ? 1.95044   -2.44658  9.10837   1.000 126.85832 ? 254 LEU A N   1 
ATOM   409 C  CA  . LEU A 1 155 ? 2.32064   -1.96226  7.78799   1.000 121.46786 ? 254 LEU A CA  1 
ATOM   410 C  C   . LEU A 1 155 ? 3.77922   -1.54191  7.67641   1.000 109.30160 ? 254 LEU A C   1 
ATOM   411 O  O   . LEU A 1 155 ? 4.30434   -1.49020  6.55735   1.000 110.65248 ? 254 LEU A O   1 
ATOM   412 C  CB  . LEU A 1 155 ? 1.39613   -0.80687  7.39303   1.000 102.44617 ? 254 LEU A CB  1 
ATOM   413 C  CG  . LEU A 1 155 ? 1.16777   0.27249   8.45442   1.000 102.80132 ? 254 LEU A CG  1 
ATOM   414 C  CD1 . LEU A 1 155 ? 2.16430   1.39512   8.36580   1.000 97.69224  ? 254 LEU A CD1 1 
ATOM   415 C  CD2 . LEU A 1 155 ? -0.24756  0.80484   8.31720   1.000 115.87042 ? 254 LEU A CD2 1 
ATOM   416 N  N   . ILE A 1 156 ? 4.45506   -1.24513  8.79221   1.000 111.60655 ? 255 ILE A N   1 
ATOM   417 C  CA  . ILE A 1 156 ? 5.88156   -0.94771  8.68627   1.000 102.07455 ? 255 ILE A CA  1 
ATOM   418 C  C   . ILE A 1 156 ? 6.64434   -2.19157  8.25365   1.000 109.87265 ? 255 ILE A C   1 
ATOM   419 O  O   . ILE A 1 156 ? 7.70222   -2.09151  7.61972   1.000 111.52864 ? 255 ILE A O   1 
ATOM   420 C  CB  . ILE A 1 156 ? 6.44659   -0.37913  10.00178  1.000 120.34844 ? 255 ILE A CB  1 
ATOM   421 C  CG1 . ILE A 1 156 ? 7.56782   0.61478   9.70590   1.000 106.99535 ? 255 ILE A CG1 1 
ATOM   422 C  CG2 . ILE A 1 156 ? 7.04179   -1.48275  10.86300  1.000 124.97582 ? 255 ILE A CG2 1 
ATOM   423 C  CD1 . ILE A 1 156 ? 7.08136   1.95851   9.24078   1.000 100.10058 ? 255 ILE A CD1 1 
ATOM   424 N  N   . LYS A 1 157 ? 6.13247   -3.37796  8.59071   1.000 122.76471 ? 256 LYS A N   1 
ATOM   425 C  CA  . LYS A 1 157 ? 6.69272   -4.60651  8.04979   1.000 125.80895 ? 256 LYS A CA  1 
ATOM   426 C  C   . LYS A 1 157 ? 6.19345   -4.85664  6.63628   1.000 115.77969 ? 256 LYS A C   1 
ATOM   427 O  O   . LYS A 1 157 ? 6.93299   -5.39652  5.80824   1.000 138.82583 ? 256 LYS A O   1 
ATOM   428 C  CB  . LYS A 1 157 ? 6.34493   -5.79585  8.94860   1.000 126.38576 ? 256 LYS A CB  1 
ATOM   429 C  CG  . LYS A 1 157 ? 7.08048   -5.83501  10.28778  1.000 115.13828 ? 256 LYS A CG  1 
ATOM   430 C  CD  . LYS A 1 157 ? 6.20039   -6.45038  11.37251  1.000 120.47499 ? 256 LYS A CD  1 
ATOM   431 C  CE  . LYS A 1 157 ? 7.02470   -7.11514  12.46297  1.000 117.29621 ? 256 LYS A CE  1 
ATOM   432 N  NZ  . LYS A 1 157 ? 6.20257   -8.03383  13.30031  1.000 113.90718 ? 256 LYS A NZ  1 
ATOM   433 N  N   . PHE A 1 158 ? 4.94852   -4.46904  6.34911   1.000 110.06534 ? 257 PHE A N   1 
ATOM   434 C  CA  . PHE A 1 158 ? 4.42228   -4.58632  4.99377   1.000 117.29376 ? 257 PHE A CA  1 
ATOM   435 C  C   . PHE A 1 158 ? 5.22922   -3.73952  4.01892   1.000 122.37964 ? 257 PHE A C   1 
ATOM   436 O  O   . PHE A 1 158 ? 5.51209   -4.17347  2.89615   1.000 104.98131 ? 257 PHE A O   1 
ATOM   437 C  CB  . PHE A 1 158 ? 2.94376   -4.19037  4.98166   1.000 107.48604 ? 257 PHE A CB  1 
ATOM   438 C  CG  . PHE A 1 158 ? 2.17731   -4.70333  3.79166   1.000 108.47676 ? 257 PHE A CG  1 
ATOM   439 C  CD1 . PHE A 1 158 ? 2.40472   -4.18896  2.52660   1.000 101.04369 ? 257 PHE A CD1 1 
ATOM   440 C  CD2 . PHE A 1 158 ? 1.23215   -5.70568  3.93875   1.000 108.90367 ? 257 PHE A CD2 1 
ATOM   441 C  CE1 . PHE A 1 158 ? 1.69951   -4.65443  1.43402   1.000 94.76768  ? 257 PHE A CE1 1 
ATOM   442 C  CE2 . PHE A 1 158 ? 0.52470   -6.17941  2.84563   1.000 116.70065 ? 257 PHE A CE2 1 
ATOM   443 C  CZ  . PHE A 1 158 ? 0.76071   -5.65132  1.59166   1.000 85.40734  ? 257 PHE A CZ  1 
ATOM   444 N  N   . SER A 1 159 ? 5.61612   -2.52955  4.43313   1.000 120.62738 ? 258 SER A N   1 
ATOM   445 C  CA  . SER A 1 159 ? 6.46490   -1.69391  3.59044   1.000 111.77426 ? 258 SER A CA  1 
ATOM   446 C  C   . SER A 1 159 ? 7.78103   -2.39239  3.28251   1.000 122.35042 ? 258 SER A C   1 
ATOM   447 O  O   . SER A 1 159 ? 8.26449   -2.35495  2.14455   1.000 140.65474 ? 258 SER A O   1 
ATOM   448 C  CB  . SER A 1 159 ? 6.72497   -0.35296  4.27307   1.000 108.06612 ? 258 SER A CB  1 
ATOM   449 O  OG  . SER A 1 159 ? 7.47278   -0.52975  5.46406   1.000 125.84568 ? 258 SER A OG  1 
ATOM   450 N  N   . LYS A 1 160 ? 8.37739   -3.03137  4.29223   1.000 111.98326 ? 259 LYS A N   1 
ATOM   451 C  CA  . LYS A 1 160 ? 9.56233   -3.84979  4.06276   1.000 128.60149 ? 259 LYS A CA  1 
ATOM   452 C  C   . LYS A 1 160 ? 9.23888   -5.04735  3.17880   1.000 115.24832 ? 259 LYS A C   1 
ATOM   453 O  O   . LYS A 1 160 ? 10.07902  -5.48071  2.38078   1.000 132.16933 ? 259 LYS A O   1 
ATOM   454 C  CB  . LYS A 1 160 ? 10.14428  -4.30408  5.40632   1.000 121.22745 ? 259 LYS A CB  1 
ATOM   455 C  CG  . LYS A 1 160 ? 10.95736  -5.59371  5.35563   1.000 114.70015 ? 259 LYS A CG  1 
ATOM   456 C  CD  . LYS A 1 160 ? 11.49911  -5.97049  6.73280   1.000 136.86952 ? 259 LYS A CD  1 
ATOM   457 C  CE  . LYS A 1 160 ? 12.64105  -6.98080  6.63943   1.000 157.45293 ? 259 LYS A CE  1 
ATOM   458 N  NZ  . LYS A 1 160 ? 13.22606  -7.30908  7.97567   1.000 91.09878  ? 259 LYS A NZ  1 
ATOM   459 N  N   . LEU A 1 161 ? 8.01811   -5.57396  3.28617   1.000 109.50960 ? 260 LEU A N   1 
ATOM   460 C  CA  . LEU A 1 161 ? 7.62402   -6.74218  2.50951   1.000 99.75068  ? 260 LEU A CA  1 
ATOM   461 C  C   . LEU A 1 161 ? 7.16528   -6.38282  1.10389   1.000 109.23421 ? 260 LEU A C   1 
ATOM   462 O  O   . LEU A 1 161 ? 7.27270   -7.21235  0.19406   1.000 106.81667 ? 260 LEU A O   1 
ATOM   463 C  CB  . LEU A 1 161 ? 6.50256   -7.49465  3.22445   1.000 117.58719 ? 260 LEU A CB  1 
ATOM   464 C  CG  . LEU A 1 161 ? 6.86741   -8.71247  4.07233   1.000 102.05109 ? 260 LEU A CG  1 
ATOM   465 C  CD1 . LEU A 1 161 ? 7.80218   -8.33476  5.20905   1.000 108.57487 ? 260 LEU A CD1 1 
ATOM   466 C  CD2 . LEU A 1 161 ? 5.60160   -9.35712  4.60456   1.000 114.71791 ? 260 LEU A CD2 1 
ATOM   467 N  N   . THR A 1 162 ? 6.64435   -5.17306  0.90249   1.000 127.61140 ? 261 THR A N   1 
ATOM   468 C  CA  . THR A 1 162 ? 6.04249   -4.82152  -0.37814  1.000 126.41117 ? 261 THR A CA  1 
ATOM   469 C  C   . THR A 1 162 ? 6.97081   -4.03307  -1.29039  1.000 115.10194 ? 261 THR A C   1 
ATOM   470 O  O   . THR A 1 162 ? 6.83572   -4.12360  -2.51528  1.000 105.32151 ? 261 THR A O   1 
ATOM   471 C  CB  . THR A 1 162 ? 4.75013   -4.02367  -0.16292  1.000 108.12728 ? 261 THR A CB  1 
ATOM   472 O  OG1 . THR A 1 162 ? 3.96752   -4.05168  -1.36050  1.000 100.52588 ? 261 THR A OG1 1 
ATOM   473 C  CG2 . THR A 1 162 ? 5.05698   -2.57573  0.18895   1.000 117.53529 ? 261 THR A CG2 1 
ATOM   474 N  N   . CYS A 1 163 ? 7.91145   -3.26760  -0.73219  1.000 120.14289 ? 262 CYS A N   1 
ATOM   475 C  CA  . CYS A 1 163 ? 8.89632   -2.51672  -1.50668  1.000 144.99289 ? 262 CYS A CA  1 
ATOM   476 C  C   . CYS A 1 163 ? 10.26978  -2.88375  -0.96361  1.000 140.35632 ? 262 CYS A C   1 
ATOM   477 O  O   . CYS A 1 163 ? 10.91765  -2.08143  -0.27070  1.000 145.16713 ? 262 CYS A O   1 
ATOM   478 C  CB  . CYS A 1 163 ? 8.64404   -1.01239  -1.43897  1.000 157.81952 ? 262 CYS A CB  1 
ATOM   479 S  SG  . CYS A 1 163 ? 9.65600   -0.05860  -2.59242  1.000 213.35373 ? 262 CYS A SG  1 
ATOM   480 N  N   . PRO A 1 164 ? 10.74719  -4.09264  -1.25144  1.000 140.46376 ? 263 PRO A N   1 
ATOM   481 C  CA  . PRO A 1 164 ? 11.98509  -4.56845  -0.63150  1.000 141.28544 ? 263 PRO A CA  1 
ATOM   482 C  C   . PRO A 1 164 ? 13.22173  -4.26293  -1.45993  1.000 152.02483 ? 263 PRO A C   1 
ATOM   483 O  O   . PRO A 1 164 ? 13.14465  -3.59426  -2.49596  1.000 155.86106 ? 263 PRO A O   1 
ATOM   484 C  CB  . PRO A 1 164 ? 11.74235  -6.07615  -0.53567  1.000 121.61294 ? 263 PRO A CB  1 
ATOM   485 C  CG  . PRO A 1 164 ? 10.98433  -6.36896  -1.80883  1.000 121.46215 ? 263 PRO A CG  1 
ATOM   486 C  CD  . PRO A 1 164 ? 10.12343  -5.14040  -2.08267  1.000 136.28221 ? 263 PRO A CD  1 
ATOM   487 N  N   . GLU A 1 165 ? 14.36734  -4.75198  -0.99919  1.000 143.29809 ? 264 GLU A N   1 
ATOM   488 C  CA  . GLU A 1 165 ? 15.60879  -4.73160  -1.75548  1.000 171.60431 ? 264 GLU A CA  1 
ATOM   489 C  C   . GLU A 1 165 ? 15.81195  -6.07523  -2.44728  1.000 161.89504 ? 264 GLU A C   1 
ATOM   490 O  O   . GLU A 1 165 ? 15.31159  -7.11177  -2.00252  1.000 151.29866 ? 264 GLU A O   1 
ATOM   491 C  CB  . GLU A 1 165 ? 16.79324  -4.40928  -0.83995  1.000 176.51280 ? 264 GLU A CB  1 
ATOM   492 C  CG  . GLU A 1 165 ? 17.08070  -2.92126  -0.71956  1.000 185.58112 ? 264 GLU A CG  1 
ATOM   493 C  CD  . GLU A 1 165 ? 15.93767  -2.16206  -0.07572  1.000 190.69843 ? 264 GLU A CD  1 
ATOM   494 O  OE1 . GLU A 1 165 ? 15.68751  -2.35997  1.13126   1.000 199.66386 ? 264 GLU A OE1 1 
ATOM   495 O  OE2 . GLU A 1 165 ? 15.28265  -1.36764  -0.78279  1.000 198.76805 ? 264 GLU A OE2 1 
ATOM   496 N  N   . ARG A 1 166 ? 16.55718  -6.04594  -3.54868  1.000 155.26794 ? 265 ARG A N   1 
ATOM   497 C  CA  . ARG A 1 166 ? 16.66063  -7.22780  -4.39241  1.000 154.48442 ? 265 ARG A CA  1 
ATOM   498 C  C   . ARG A 1 166 ? 17.45349  -8.33366  -3.69994  1.000 155.74895 ? 265 ARG A C   1 
ATOM   499 O  O   . ARG A 1 166 ? 18.46132  -8.08230  -3.03169  1.000 152.41356 ? 265 ARG A O   1 
ATOM   500 C  CB  . ARG A 1 166 ? 17.28914  -6.87216  -5.74466  1.000 156.58700 ? 265 ARG A CB  1 
ATOM   501 C  CG  . ARG A 1 166 ? 18.78669  -7.11779  -5.87093  1.000 162.30447 ? 265 ARG A CG  1 
ATOM   502 C  CD  . ARG A 1 166 ? 19.41549  -6.16609  -6.88075  1.000 165.79235 ? 265 ARG A CD  1 
ATOM   503 N  NE  . ARG A 1 166 ? 20.87302  -6.20730  -6.84609  1.000 166.21458 ? 265 ARG A NE  1 
ATOM   504 C  CZ  . ARG A 1 166 ? 21.62477  -5.42554  -6.08281  1.000 175.09687 ? 265 ARG A CZ  1 
ATOM   505 N  NH1 . ARG A 1 166 ? 21.08756  -4.52731  -5.27414  1.000 194.26251 ? 265 ARG A NH1 1 
ATOM   506 N  NH2 . ARG A 1 166 ? 22.94853  -5.54604  -6.13354  1.000 176.82236 ? 265 ARG A NH2 1 
ATOM   507 N  N   . ASN A 1 167 ? 16.96040  -9.56443  -3.83480  1.000 151.58693 ? 266 ASN A N   1 
ATOM   508 C  CA  . ASN A 1 167 ? 17.68294  -10.74537 -3.37923  1.000 147.48043 ? 266 ASN A CA  1 
ATOM   509 C  C   . ASN A 1 167 ? 18.62695  -11.19947 -4.48503  1.000 154.31846 ? 266 ASN A C   1 
ATOM   510 O  O   . ASN A 1 167 ? 18.18374  -11.51108 -5.59573  1.000 149.58949 ? 266 ASN A O   1 
ATOM   511 C  CB  . ASN A 1 167 ? 16.71196  -11.86547 -3.00573  1.000 155.66980 ? 266 ASN A CB  1 
ATOM   512 C  CG  . ASN A 1 167 ? 16.02883  -11.63356 -1.66749  1.000 178.11038 ? 266 ASN A CG  1 
ATOM   513 O  OD1 . ASN A 1 167 ? 16.53628  -10.90806 -0.81242  1.000 188.49453 ? 266 ASN A OD1 1 
ATOM   514 N  ND2 . ASN A 1 167 ? 14.86878  -12.25609 -1.48127  1.000 164.81386 ? 266 ASN A ND2 1 
ATOM   515 N  N   . GLU A 1 168 ? 19.92765  -11.23471 -4.18365  1.000 160.29593 ? 267 GLU A N   1 
ATOM   516 C  CA  . GLU A 1 168 ? 20.91678  -11.61586 -5.18721  1.000 168.81519 ? 267 GLU A CA  1 
ATOM   517 C  C   . GLU A 1 168 ? 20.74336  -13.05324 -5.65758  1.000 170.28885 ? 267 GLU A C   1 
ATOM   518 O  O   . GLU A 1 168 ? 21.18516  -13.39067 -6.76097  1.000 183.20960 ? 267 GLU A O   1 
ATOM   519 C  CB  . GLU A 1 168 ? 22.33014  -11.40806 -4.63525  1.000 195.00835 ? 267 GLU A CB  1 
ATOM   520 C  CG  . GLU A 1 168 ? 22.66301  -9.94836  -4.34213  1.000 205.44001 ? 267 GLU A CG  1 
ATOM   521 C  CD  . GLU A 1 168 ? 24.05933  -9.75255  -3.77081  1.000 217.83142 ? 267 GLU A CD  1 
ATOM   522 O  OE1 . GLU A 1 168 ? 24.72568  -10.75993 -3.44787  1.000 202.72424 ? 267 GLU A OE1 1 
ATOM   523 O  OE2 . GLU A 1 168 ? 24.49412  -8.58609  -3.65424  1.000 223.01071 ? 267 GLU A OE2 1 
ATOM   524 N  N   . SER A 1 169 ? 20.11058  -13.90130 -4.85335  1.000 171.98754 ? 268 SER A N   1 
ATOM   525 C  CA  . SER A 1 169 ? 19.78673  -15.25879 -5.26308  1.000 164.51384 ? 268 SER A CA  1 
ATOM   526 C  C   . SER A 1 169 ? 18.48136  -15.34159 -6.04339  1.000 155.82549 ? 268 SER A C   1 
ATOM   527 O  O   . SER A 1 169 ? 18.12655  -16.43194 -6.50340  1.000 158.80448 ? 268 SER A O   1 
ATOM   528 C  CB  . SER A 1 169 ? 19.71759  -16.17079 -4.03307  1.000 175.62672 ? 268 SER A CB  1 
ATOM   529 O  OG  . SER A 1 169 ? 18.98325  -15.55707 -2.98369  1.000 137.96930 ? 268 SER A OG  1 
ATOM   530 N  N   . LEU A 1 170 ? 17.77152  -14.22628 -6.21758  1.000 157.71860 ? 269 LEU A N   1 
ATOM   531 C  CA  . LEU A 1 170 ? 16.47127  -14.20707 -6.87608  1.000 157.82776 ? 269 LEU A CA  1 
ATOM   532 C  C   . LEU A 1 170 ? 16.53802  -13.29085 -8.09209  1.000 161.08640 ? 269 LEU A C   1 
ATOM   533 O  O   . LEU A 1 170 ? 17.10419  -12.19548 -8.01667  1.000 156.86095 ? 269 LEU A O   1 
ATOM   534 C  CB  . LEU A 1 170 ? 15.37759  -13.72780 -5.91123  1.000 155.56605 ? 269 LEU A CB  1 
ATOM   535 C  CG  . LEU A 1 170 ? 13.97592  -14.33914 -6.00791  1.000 150.26323 ? 269 LEU A CG  1 
ATOM   536 C  CD1 . LEU A 1 170 ? 13.14720  -13.96170 -4.79006  1.000 121.30694 ? 269 LEU A CD1 1 
ATOM   537 C  CD2 . LEU A 1 170 ? 13.25257  -13.96204 -7.28409  1.000 157.15992 ? 269 LEU A CD2 1 
ATOM   538 N  N   . SER A 1 171 ? 15.96817  -13.73929 -9.20923  1.000 152.38723 ? 270 SER A N   1 
ATOM   539 C  CA  . SER A 1 171 ? 15.89211  -12.89517 -10.39553 1.000 133.97823 ? 270 SER A CA  1 
ATOM   540 C  C   . SER A 1 171 ? 14.94942  -11.72815 -10.13964 1.000 133.97073 ? 270 SER A C   1 
ATOM   541 O  O   . SER A 1 171 ? 13.83829  -11.91508 -9.63561  1.000 132.76899 ? 270 SER A O   1 
ATOM   542 C  CB  . SER A 1 171 ? 15.41512  -13.69971 -11.60355 1.000 142.77176 ? 270 SER A CB  1 
ATOM   543 O  OG  . SER A 1 171 ? 14.84615  -12.84615 -12.58394 1.000 148.68353 ? 270 SER A OG  1 
ATOM   544 N  N   . VAL A 1 172 ? 15.37918  -10.52403 -10.51502 1.000 129.12881 ? 271 VAL A N   1 
ATOM   545 C  CA  . VAL A 1 172 ? 14.64298  -9.31046  -10.17490 1.000 117.25609 ? 271 VAL A CA  1 
ATOM   546 C  C   . VAL A 1 172 ? 13.31939  -9.25387  -10.93015 1.000 106.62263 ? 271 VAL A C   1 
ATOM   547 O  O   . VAL A 1 172 ? 12.51646  -8.33713  -10.72340 1.000 121.42609 ? 271 VAL A O   1 
ATOM   548 C  CB  . VAL A 1 172 ? 15.49047  -8.05216  -10.44201 1.000 118.26943 ? 271 VAL A CB  1 
ATOM   549 C  CG1 . VAL A 1 172 ? 16.86295  -8.18729  -9.79117  1.000 126.99205 ? 271 VAL A CG1 1 
ATOM   550 C  CG2 . VAL A 1 172 ? 15.61086  -7.78717  -11.93119 1.000 117.97142 ? 271 VAL A CG2 1 
ATOM   551 N  N   . GLU A 1 173 ? 13.07794  -10.23080 -11.80793 1.000 112.11576 ? 272 GLU A N   1 
ATOM   552 C  CA  . GLU A 1 173 ? 11.76206  -10.35755 -12.42570 1.000 109.70155 ? 272 GLU A CA  1 
ATOM   553 C  C   . GLU A 1 173 ? 10.78402  -11.06031 -11.49289 1.000 116.36068 ? 272 GLU A C   1 
ATOM   554 O  O   . GLU A 1 173 ? 9.65921   -10.58944 -11.29232 1.000 112.59565 ? 272 GLU A O   1 
ATOM   555 C  CB  . GLU A 1 173 ? 11.85990  -11.10976 -13.75558 1.000 130.05272 ? 272 GLU A CB  1 
ATOM   556 C  CG  . GLU A 1 173 ? 10.51473  -11.62683 -14.26817 1.000 137.48313 ? 272 GLU A CG  1 
ATOM   557 C  CD  . GLU A 1 173 ? 10.59881  -13.02073 -14.86719 1.000 160.03230 ? 272 GLU A CD  1 
ATOM   558 O  OE1 . GLU A 1 173 ? 11.66192  -13.36537 -15.42360 1.000 166.92977 ? 272 GLU A OE1 1 
ATOM   559 O  OE2 . GLU A 1 173 ? 9.60034   -13.76925 -14.78700 1.000 163.08444 ? 272 GLU A OE2 1 
ATOM   560 N  N   . ASP A 1 174 ? 11.19776  -12.18840 -10.90969 1.000 138.95669 ? 273 ASP A N   1 
ATOM   561 C  CA  . ASP A 1 174 ? 10.32163  -12.92332 -10.00858 1.000 126.50045 ? 273 ASP A CA  1 
ATOM   562 C  C   . ASP A 1 174 ? 10.20564  -12.25731 -8.64741  1.000 128.28246 ? 273 ASP A C   1 
ATOM   563 O  O   . ASP A 1 174 ? 9.25002   -12.53428 -7.91563  1.000 122.08122 ? 273 ASP A O   1 
ATOM   564 C  CB  . ASP A 1 174 ? 10.80726  -14.36283 -9.85049  1.000 127.96737 ? 273 ASP A CB  1 
ATOM   565 C  CG  . ASP A 1 174 ? 11.13012  -15.01374 -11.17728 1.000 146.86673 ? 273 ASP A CG  1 
ATOM   566 O  OD1 . ASP A 1 174 ? 10.46268  -14.68138 -12.18045 1.000 148.42922 ? 273 ASP A OD1 1 
ATOM   567 O  OD2 . ASP A 1 174 ? 12.04014  -15.86564 -11.21531 1.000 152.79060 ? 273 ASP A OD2 1 
ATOM   568 N  N   . GLN A 1 175 ? 11.15868  -11.39375 -8.28410  1.000 134.71958 ? 274 GLN A N   1 
ATOM   569 C  CA  . GLN A 1 175 ? 10.95903  -10.55582 -7.10723  1.000 124.31712 ? 274 GLN A CA  1 
ATOM   570 C  C   . GLN A 1 175 ? 9.76199   -9.63277  -7.29010  1.000 119.62376 ? 274 GLN A C   1 
ATOM   571 O  O   . GLN A 1 175 ? 8.98725   -9.41800  -6.34894  1.000 129.06809 ? 274 GLN A O   1 
ATOM   572 C  CB  . GLN A 1 175 ? 12.20940  -9.73024  -6.80282  1.000 113.54577 ? 274 GLN A CB  1 
ATOM   573 C  CG  . GLN A 1 175 ? 13.52509  -10.48312 -6.81621  1.000 135.66399 ? 274 GLN A CG  1 
ATOM   574 C  CD  . GLN A 1 175 ? 14.55082  -9.83491  -5.90781  1.000 141.33892 ? 274 GLN A CD  1 
ATOM   575 O  OE1 . GLN A 1 175 ? 15.75536  -10.04399 -6.05369  1.000 165.56388 ? 274 GLN A OE1 1 
ATOM   576 N  NE2 . GLN A 1 175 ? 14.07263  -9.03344  -4.96373  1.000 111.44132 ? 274 GLN A NE2 1 
HETATM 577 N  N   . MSE A 1 176 ? 9.59446   -9.07660  -8.49101  1.000 114.69497 ? 275 MSE A N   1 
HETATM 578 C  CA  . MSE A 1 176 ? 8.52706   -8.11029  -8.72418  1.000 126.29161 ? 275 MSE A CA  1 
HETATM 579 C  C   . MSE A 1 176 ? 7.23666   -8.89815  -8.81697  1.000 125.60565 ? 275 MSE A C   1 
HETATM 580 O  O   . MSE A 1 176 ? 6.16129   -8.41181  -8.46715  1.000 116.30197 ? 275 MSE A O   1 
HETATM 581 C  CB  . MSE A 1 176 ? 8.73650   -7.30290  -10.00291 1.000 115.59951 ? 275 MSE A CB  1 
HETATM 582 C  CG  . MSE A 1 176 ? 9.95608   -6.38666  -10.01150 1.000 96.73657  ? 275 MSE A CG  1 
HETATM 583 SE SE  . MSE A 1 176 ? 10.78662  -6.04688  -8.27213  1.000 178.54313 ? 275 MSE A SE  1 
HETATM 584 C  CE  . MSE A 1 176 ? 9.66832   -4.61730  -7.58591  1.000 121.36646 ? 275 MSE A CE  1 
ATOM   585 N  N   . GLU A 1 177 ? 7.37309   -10.12649 -9.32095  1.000 132.88673 ? 276 GLU A N   1 
ATOM   586 C  CA  . GLU A 1 177 ? 6.25710   -11.06263 -9.35456  1.000 133.57964 ? 276 GLU A CA  1 
ATOM   587 C  C   . GLU A 1 177 ? 5.68000   -11.26909 -7.96262  1.000 122.21957 ? 276 GLU A C   1 
ATOM   588 O  O   . GLU A 1 177 ? 4.45887   -11.26258 -7.77401  1.000 138.89141 ? 276 GLU A O   1 
ATOM   589 C  CB  . GLU A 1 177 ? 6.72038   -12.39427 -9.94545  1.000 136.26735 ? 276 GLU A CB  1 
ATOM   590 C  CG  . GLU A 1 177 ? 5.78009   -13.55739 -9.67406  1.000 126.04863 ? 276 GLU A CG  1 
ATOM   591 C  CD  . GLU A 1 177 ? 6.11266   -14.77743 -10.50493 1.000 153.47130 ? 276 GLU A CD  1 
ATOM   592 O  OE1 . GLU A 1 177 ? 7.30910   -15.11990 -10.59508 1.000 157.04786 ? 276 GLU A OE1 1 
ATOM   593 O  OE2 . GLU A 1 177 ? 5.18023   -15.40260 -11.05347 1.000 165.93858 ? 276 GLU A OE2 1 
ATOM   594 N  N   . GLN A 1 178 ? 6.55013   -11.44840 -6.96725  1.000 120.09257 ? 277 GLN A N   1 
ATOM   595 C  CA  . GLN A 1 178 ? 6.07122   -11.64226 -5.60339  1.000 131.04239 ? 277 GLN A CA  1 
ATOM   596 C  C   . GLN A 1 178 ? 5.49918   -10.34729 -5.04152  1.000 132.76750 ? 277 GLN A C   1 
ATOM   597 O  O   . GLN A 1 178 ? 4.43286   -10.34614 -4.41553  1.000 127.39526 ? 277 GLN A O   1 
ATOM   598 C  CB  . GLN A 1 178 ? 7.20297   -12.15763 -4.71718  1.000 129.41247 ? 277 GLN A CB  1 
ATOM   599 C  CG  . GLN A 1 178 ? 7.69982   -13.53368 -5.10342  1.000 147.91412 ? 277 GLN A CG  1 
ATOM   600 C  CD  . GLN A 1 178 ? 9.17849   -13.70308 -4.82754  1.000 153.73392 ? 277 GLN A CD  1 
ATOM   601 O  OE1 . GLN A 1 178 ? 9.81481   -12.82334 -4.24682  1.000 149.85667 ? 277 GLN A OE1 1 
ATOM   602 N  NE2 . GLN A 1 178 ? 9.74012   -14.82578 -5.26354  1.000 133.08228 ? 277 GLN A NE2 1 
ATOM   603 N  N   . SER A 1 179 ? 6.19567   -9.23048  -5.26294  1.000 137.49161 ? 278 SER A N   1 
ATOM   604 C  CA  . SER A 1 179 ? 5.70495   -7.94651  -4.77567  1.000 126.24859 ? 278 SER A CA  1 
ATOM   605 C  C   . SER A 1 179 ? 4.40313   -7.55188  -5.46306  1.000 115.83164 ? 278 SER A C   1 
ATOM   606 O  O   . SER A 1 179 ? 3.52403   -6.94958  -4.83654  1.000 139.78970 ? 278 SER A O   1 
ATOM   607 C  CB  . SER A 1 179 ? 6.77069   -6.86818  -4.97298  1.000 124.34254 ? 278 SER A CB  1 
ATOM   608 O  OG  . SER A 1 179 ? 8.05857   -7.35621  -4.63985  1.000 133.05396 ? 278 SER A OG  1 
ATOM   609 N  N   . SER A 1 180 ? 4.25579   -7.88563  -6.74988  1.000 123.34728 ? 279 SER A N   1 
ATOM   610 C  CA  . SER A 1 180 ? 3.03001   -7.52896  -7.46154  1.000 136.61368 ? 279 SER A CA  1 
ATOM   611 C  C   . SER A 1 180 ? 1.82861   -8.27619  -6.89890  1.000 137.40240 ? 279 SER A C   1 
ATOM   612 O  O   . SER A 1 180 ? 0.72344   -7.72452  -6.83137  1.000 141.21222 ? 279 SER A O   1 
ATOM   613 C  CB  . SER A 1 180 ? 3.17221   -7.81243  -8.95792  1.000 139.95791 ? 279 SER A CB  1 
ATOM   614 O  OG  . SER A 1 180 ? 2.96674   -9.18594  -9.24456  1.000 127.94382 ? 279 SER A OG  1 
ATOM   615 N  N   . LEU A 1 181 ? 2.02413   -9.53389  -6.49610  1.000 131.49173 ? 280 LEU A N   1 
ATOM   616 C  CA  . LEU A 1 181 ? 0.92515   -10.30551 -5.92630  1.000 137.14305 ? 280 LEU A CA  1 
ATOM   617 C  C   . LEU A 1 181 ? 0.47673   -9.71721  -4.59429  1.000 132.43285 ? 280 LEU A C   1 
ATOM   618 O  O   . LEU A 1 181 ? -0.72300  -9.67633  -4.29733  1.000 128.60887 ? 280 LEU A O   1 
ATOM   619 C  CB  . LEU A 1 181 ? 1.34254   -11.76782 -5.76352  1.000 126.25473 ? 280 LEU A CB  1 
ATOM   620 C  CG  . LEU A 1 181 ? 0.49678   -12.62808 -4.82446  1.000 150.74220 ? 280 LEU A CG  1 
ATOM   621 C  CD1 . LEU A 1 181 ? -0.83624  -12.97372 -5.47031  1.000 152.83978 ? 280 LEU A CD1 1 
ATOM   622 C  CD2 . LEU A 1 181 ? 1.24854   -13.88794 -4.43454  1.000 161.49961 ? 280 LEU A CD2 1 
ATOM   623 N  N   . TYR A 1 182 ? 1.42782   -9.24606  -3.78425  1.000 123.28266 ? 281 TYR A N   1 
ATOM   624 C  CA  . TYR A 1 182 ? 1.08267   -8.62588  -2.50875  1.000 119.56054 ? 281 TYR A CA  1 
ATOM   625 C  C   . TYR A 1 182 ? 0.21050   -7.39681  -2.72187  1.000 135.66385 ? 281 TYR A C   1 
ATOM   626 O  O   . TYR A 1 182 ? -0.81080  -7.21749  -2.04721  1.000 147.32167 ? 281 TYR A O   1 
ATOM   627 C  CB  . TYR A 1 182 ? 2.35449   -8.24947  -1.74963  1.000 116.55146 ? 281 TYR A CB  1 
ATOM   628 C  CG  . TYR A 1 182 ? 3.00685   -9.39657  -1.01339  1.000 141.18307 ? 281 TYR A CG  1 
ATOM   629 C  CD1 . TYR A 1 182 ? 2.55166   -10.70034 -1.16691  1.000 131.67355 ? 281 TYR A CD1 1 
ATOM   630 C  CD2 . TYR A 1 182 ? 4.09005   -9.17547  -0.17438  1.000 137.17091 ? 281 TYR A CD2 1 
ATOM   631 C  CE1 . TYR A 1 182 ? 3.15351   -11.74924 -0.49781  1.000 107.18854 ? 281 TYR A CE1 1 
ATOM   632 C  CE2 . TYR A 1 182 ? 4.69830   -10.21686 0.49882   1.000 129.51314 ? 281 TYR A CE2 1 
ATOM   633 C  CZ  . TYR A 1 182 ? 4.22711   -11.50028 0.33370   1.000 126.44143 ? 281 TYR A CZ  1 
ATOM   634 O  OH  . TYR A 1 182 ? 4.83401   -12.53619 1.00409   1.000 157.15937 ? 281 TYR A OH  1 
ATOM   635 N  N   . PHE A 1 183 ? 0.60726   -6.53035  -3.65636  1.000 135.71249 ? 282 PHE A N   1 
ATOM   636 C  CA  . PHE A 1 183 ? -0.21172  -5.36731  -3.97304  1.000 119.31973 ? 282 PHE A CA  1 
ATOM   637 C  C   . PHE A 1 183 ? -1.58997  -5.78904  -4.46188  1.000 130.45569 ? 282 PHE A C   1 
ATOM   638 O  O   . PHE A 1 183 ? -2.59896  -5.16202  -4.11873  1.000 130.44481 ? 282 PHE A O   1 
ATOM   639 C  CB  . PHE A 1 183 ? 0.47130   -4.50500  -5.03265  1.000 116.72614 ? 282 PHE A CB  1 
ATOM   640 C  CG  . PHE A 1 183 ? 1.54078   -3.59697  -4.49549  1.000 113.46717 ? 282 PHE A CG  1 
ATOM   641 C  CD1 . PHE A 1 183 ? 1.20944   -2.43126  -3.82624  1.000 109.45320 ? 282 PHE A CD1 1 
ATOM   642 C  CD2 . PHE A 1 183 ? 2.87895   -3.87460  -4.72143  1.000 106.85848 ? 282 PHE A CD2 1 
ATOM   643 C  CE1 . PHE A 1 183 ? 2.19629   -1.58708  -3.34611  1.000 101.17776 ? 282 PHE A CE1 1 
ATOM   644 C  CE2 . PHE A 1 183 ? 3.86802   -3.03001  -4.25212  1.000 101.13921 ? 282 PHE A CE2 1 
ATOM   645 C  CZ  . PHE A 1 183 ? 3.52502   -1.88572  -3.56289  1.000 90.81853  ? 282 PHE A CZ  1 
ATOM   646 N  N   . TRP A 1 184 ? -1.65203  -6.85730  -5.26077  1.000 139.91297 ? 283 TRP A N   1 
ATOM   647 C  CA  . TRP A 1 184 ? -2.92334  -7.27131  -5.84394  1.000 152.44111 ? 283 TRP A CA  1 
ATOM   648 C  C   . TRP A 1 184 ? -3.85026  -7.85880  -4.78660  1.000 158.78989 ? 283 TRP A C   1 
ATOM   649 O  O   . TRP A 1 184 ? -5.05815  -7.59543  -4.80020  1.000 156.19540 ? 283 TRP A O   1 
ATOM   650 C  CB  . TRP A 1 184 ? -2.67719  -8.26738  -6.98003  1.000 155.40033 ? 283 TRP A CB  1 
ATOM   651 C  CG  . TRP A 1 184 ? -3.92940  -8.77336  -7.63814  1.000 172.39388 ? 283 TRP A CG  1 
ATOM   652 C  CD1 . TRP A 1 184 ? -4.36148  -10.06629 -7.69677  1.000 176.35900 ? 283 TRP A CD1 1 
ATOM   653 C  CD2 . TRP A 1 184 ? -4.91533  -7.98984  -8.32384  1.000 185.75679 ? 283 TRP A CD2 1 
ATOM   654 N  NE1 . TRP A 1 184 ? -5.55198  -10.13751 -8.38130  1.000 185.93364 ? 283 TRP A NE1 1 
ATOM   655 C  CE2 . TRP A 1 184 ? -5.91377  -8.87605  -8.77537  1.000 190.51191 ? 283 TRP A CE2 1 
ATOM   656 C  CE3 . TRP A 1 184 ? -5.04935  -6.62543  -8.60079  1.000 188.25112 ? 283 TRP A CE3 1 
ATOM   657 C  CZ2 . TRP A 1 184 ? -7.03110  -8.44212  -9.48729  1.000 197.90046 ? 283 TRP A CZ2 1 
ATOM   658 C  CZ3 . TRP A 1 184 ? -6.15869  -6.19685  -9.30757  1.000 185.85425 ? 283 TRP A CZ3 1 
ATOM   659 C  CH2 . TRP A 1 184 ? -7.13461  -7.10215  -9.74277  1.000 192.73015 ? 283 TRP A CH2 1 
ATOM   660 N  N   . ASP A 1 185 ? -3.30725  -8.64569  -3.85357  1.000 155.51280 ? 284 ASP A N   1 
ATOM   661 C  CA  . ASP A 1 185 ? -4.12471  -9.15165  -2.75689  1.000 159.28860 ? 284 ASP A CA  1 
ATOM   662 C  C   . ASP A 1 185 ? -4.58794  -8.03727  -1.83337  1.000 158.97127 ? 284 ASP A C   1 
ATOM   663 O  O   . ASP A 1 185 ? -5.58831  -8.20218  -1.12656  1.000 162.24673 ? 284 ASP A O   1 
ATOM   664 C  CB  . ASP A 1 185 ? -3.35437  -10.19924 -1.95356  1.000 156.14000 ? 284 ASP A CB  1 
ATOM   665 C  CG  . ASP A 1 185 ? -2.73537  -11.26025 -2.83077  1.000 166.10291 ? 284 ASP A CG  1 
ATOM   666 O  OD1 . ASP A 1 185 ? -3.26979  -11.49729 -3.93381  1.000 170.44953 ? 284 ASP A OD1 1 
ATOM   667 O  OD2 . ASP A 1 185 ? -1.71806  -11.85601 -2.42043  1.000 160.57715 ? 284 ASP A OD2 1 
ATOM   668 N  N   . LEU A 1 186 ? -3.88512  -6.90534  -1.82665  1.000 141.79568 ? 285 LEU A N   1 
ATOM   669 C  CA  . LEU A 1 186 ? -4.27199  -5.80399  -0.95533  1.000 139.78922 ? 285 LEU A CA  1 
ATOM   670 C  C   . LEU A 1 186 ? -5.50567  -5.08916  -1.49255  1.000 147.20697 ? 285 LEU A C   1 
ATOM   671 O  O   . LEU A 1 186 ? -6.44079  -4.79248  -0.73960  1.000 150.79656 ? 285 LEU A O   1 
ATOM   672 C  CB  . LEU A 1 186 ? -3.10250  -4.83525  -0.79662  1.000 128.45607 ? 285 LEU A CB  1 
ATOM   673 C  CG  . LEU A 1 186 ? -3.38672  -3.57961  0.02283   1.000 125.43511 ? 285 LEU A CG  1 
ATOM   674 C  CD1 . LEU A 1 186 ? -2.34172  -3.43562  1.11158   1.000 98.90212  ? 285 LEU A CD1 1 
ATOM   675 C  CD2 . LEU A 1 186 ? -3.40224  -2.35357  -0.87410  1.000 134.51889 ? 285 LEU A CD2 1 
ATOM   676 N  N   . LEU A 1 187 ? -5.53112  -4.81159  -2.79907  1.000 155.86351 ? 286 LEU A N   1 
ATOM   677 C  CA  . LEU A 1 187 ? -6.68460  -4.13694  -3.38530  1.000 160.24186 ? 286 LEU A CA  1 
ATOM   678 C  C   . LEU A 1 187 ? -7.91558  -5.03025  -3.40087  1.000 167.84799 ? 286 LEU A C   1 
ATOM   679 O  O   . LEU A 1 187 ? -9.04283  -4.52898  -3.31932  1.000 177.14107 ? 286 LEU A O   1 
ATOM   680 C  CB  . LEU A 1 187 ? -6.36854  -3.67319  -4.80475  1.000 164.62263 ? 286 LEU A CB  1 
ATOM   681 C  CG  . LEU A 1 187 ? -5.09357  -2.85635  -4.99347  1.000 161.07242 ? 286 LEU A CG  1 
ATOM   682 C  CD1 . LEU A 1 187 ? -4.64281  -2.92829  -6.44257  1.000 163.68540 ? 286 LEU A CD1 1 
ATOM   683 C  CD2 . LEU A 1 187 ? -5.32108  -1.41657  -4.55854  1.000 158.00747 ? 286 LEU A CD2 1 
ATOM   684 N  N   . GLU A 1 188 ? -7.72598  -6.34665  -3.51289  1.000 165.06010 ? 287 GLU A N   1 
ATOM   685 C  CA  . GLU A 1 188 ? -8.85641  -7.26594  -3.50096  1.000 169.59035 ? 287 GLU A CA  1 
ATOM   686 C  C   . GLU A 1 188 ? -9.60490  -7.26639  -2.17640  1.000 165.45067 ? 287 GLU A C   1 
ATOM   687 O  O   . GLU A 1 188 ? -10.70793 -7.82079  -2.11146  1.000 166.59501 ? 287 GLU A O   1 
ATOM   688 C  CB  . GLU A 1 188 ? -8.38884  -8.68706  -3.81509  1.000 182.54355 ? 287 GLU A CB  1 
ATOM   689 C  CG  . GLU A 1 188 ? -7.91326  -8.90459  -5.23839  1.000 188.11403 ? 287 GLU A CG  1 
ATOM   690 C  CD  . GLU A 1 188 ? -7.37570  -10.30647 -5.44710  1.000 209.38968 ? 287 GLU A CD  1 
ATOM   691 O  OE1 . GLU A 1 188 ? -7.22421  -11.03445 -4.44332  1.000 210.21390 ? 287 GLU A OE1 1 
ATOM   692 O  OE2 . GLU A 1 188 ? -7.11984  -10.68698 -6.60879  1.000 222.67956 ? 287 GLU A OE2 1 
ATOM   693 N  N   . GLY A 1 189 ? -9.04554  -6.66406  -1.12983  1.000 162.32864 ? 288 GLY A N   1 
ATOM   694 C  CA  . GLY A 1 189 ? -9.68348  -6.71045  0.17289   1.000 170.16564 ? 288 GLY A CA  1 
ATOM   695 C  C   . GLY A 1 189 ? -9.80615  -8.10888  0.72769   1.000 172.69832 ? 288 GLY A C   1 
ATOM   696 O  O   . GLY A 1 189 ? -10.73101 -8.38737  1.49916   1.000 165.76425 ? 288 GLY A O   1 
ATOM   697 N  N   . SER A 1 190 ? -8.89260  -9.00257  0.34802   1.000 171.13218 ? 289 SER A N   1 
ATOM   698 C  CA  . SER A 1 190 ? -8.94213  -10.39597 0.76708   1.000 167.86098 ? 289 SER A CA  1 
ATOM   699 C  C   . SER A 1 190 ? -8.77018  -10.52380 2.27464   1.000 165.14924 ? 289 SER A C   1 
ATOM   700 O  O   . SER A 1 190 ? -8.56295  -9.52819  2.97872   1.000 162.93379 ? 289 SER A O   1 
ATOM   701 C  CB  . SER A 1 190 ? -7.87014  -11.20664 0.03416   1.000 179.27012 ? 289 SER A CB  1 
ATOM   702 O  OG  . SER A 1 190 ? -7.36991  -12.25684 0.84318   1.000 177.03335 ? 289 SER A OG  1 
ATOM   703 N  N   . GLU A 1 191 ? -8.86391  -11.75165 2.78151   1.000 168.16510 ? 290 GLU A N   1 
ATOM   704 C  CA  . GLU A 1 191 ? -8.74552  -12.00263 4.21063   1.000 168.87398 ? 290 GLU A CA  1 
ATOM   705 C  C   . GLU A 1 191 ? -7.61359  -12.96991 4.53404   1.000 170.08342 ? 290 GLU A C   1 
ATOM   706 O  O   . GLU A 1 191 ? -7.61535  -13.58623 5.60415   1.000 175.82852 ? 290 GLU A O   1 
ATOM   707 C  CB  . GLU A 1 191 ? -10.07232 -12.51273 4.77658   1.000 169.84689 ? 290 GLU A CB  1 
ATOM   708 C  CG  . GLU A 1 191 ? -11.26722 -11.63724 4.41837   1.000 181.36287 ? 290 GLU A CG  1 
ATOM   709 C  CD  . GLU A 1 191 ? -11.48829 -10.49813 5.39980   1.000 182.90203 ? 290 GLU A CD  1 
ATOM   710 O  OE1 . GLU A 1 191 ? -10.55238 -10.15605 6.15338   1.000 179.78685 ? 290 GLU A OE1 1 
ATOM   711 O  OE2 . GLU A 1 191 ? -12.60555 -9.94039  5.41456   1.000 175.26283 ? 290 GLU A OE2 1 
ATOM   712 N  N   . LYS A 1 192 ? -6.64231  -13.10766 3.63486   1.000 159.37864 ? 291 LYS A N   1 
ATOM   713 C  CA  . LYS A 1 192 ? -5.48925  -13.95089 3.91080   1.000 157.86967 ? 291 LYS A CA  1 
ATOM   714 C  C   . LYS A 1 192 ? -4.63787  -13.33748 5.01477   1.000 153.31346 ? 291 LYS A C   1 
ATOM   715 O  O   . LYS A 1 192 ? -4.41631  -12.12365 5.05203   1.000 148.32039 ? 291 LYS A O   1 
ATOM   716 C  CB  . LYS A 1 192 ? -4.65938  -14.14225 2.64266   1.000 160.04402 ? 291 LYS A CB  1 
ATOM   717 C  CG  . LYS A 1 192 ? -5.40155  -14.85510 1.52384   1.000 165.12869 ? 291 LYS A CG  1 
ATOM   718 C  CD  . LYS A 1 192 ? -4.68686  -14.70787 0.19088   1.000 174.43427 ? 291 LYS A CD  1 
ATOM   719 C  CE  . LYS A 1 192 ? -3.18123  -14.61334 0.36972   1.000 173.27689 ? 291 LYS A CE  1 
ATOM   720 N  NZ  . LYS A 1 192 ? -2.57524  -13.62559 -0.56531  1.000 189.57097 ? 291 LYS A NZ  1 
ATOM   721 N  N   . ALA A 1 193 ? -4.16817  -14.18734 5.92466   1.000 158.01860 ? 292 ALA A N   1 
ATOM   722 C  CA  . ALA A 1 193 ? -3.35937  -13.71249 7.03791   1.000 155.79688 ? 292 ALA A CA  1 
ATOM   723 C  C   . ALA A 1 193 ? -2.02456  -13.18004 6.53541   1.000 147.19775 ? 292 ALA A C   1 
ATOM   724 O  O   . ALA A 1 193 ? -1.36335  -13.80108 5.69952   1.000 153.11026 ? 292 ALA A O   1 
ATOM   725 C  CB  . ALA A 1 193 ? -3.13317  -14.83733 8.04815   1.000 170.32428 ? 292 ALA A CB  1 
ATOM   726 N  N   . VAL A 1 194 ? -1.62957  -12.01771 7.04921   1.000 142.87342 ? 293 VAL A N   1 
ATOM   727 C  CA  . VAL A 1 194 ? -0.38464  -11.38994 6.62698   1.000 136.45782 ? 293 VAL A CA  1 
ATOM   728 C  C   . VAL A 1 194 ? 0.14600   -10.48593 7.73464   1.000 128.55047 ? 293 VAL A C   1 
ATOM   729 O  O   . VAL A 1 194 ? -0.48070  -9.48203  8.09526   1.000 116.70394 ? 293 VAL A O   1 
ATOM   730 C  CB  . VAL A 1 194 ? -0.57968  -10.63032 5.29923   1.000 139.88291 ? 293 VAL A CB  1 
ATOM   731 C  CG1 . VAL A 1 194 ? -1.75370  -9.65851  5.37853   1.000 150.79587 ? 293 VAL A CG1 1 
ATOM   732 C  CG2 . VAL A 1 194 ? 0.69878   -9.90165  4.91066   1.000 143.35220 ? 293 VAL A CG2 1 
ATOM   733 N  N   . VAL A 1 195 ? 1.28747   -10.87360 8.31130   1.000 140.58857 ? 294 VAL A N   1 
ATOM   734 C  CA  . VAL A 1 195 ? 2.00131   -10.10546 9.33081   1.000 142.39065 ? 294 VAL A CA  1 
ATOM   735 C  C   . VAL A 1 195 ? 1.11159   -9.96491  10.56763  1.000 146.44029 ? 294 VAL A C   1 
ATOM   736 O  O   . VAL A 1 195 ? 1.41464   -9.20808  11.49691  1.000 128.47321 ? 294 VAL A O   1 
ATOM   737 C  CB  . VAL A 1 195 ? 2.46044   -8.74386  8.76180   1.000 120.11505 ? 294 VAL A CB  1 
ATOM   738 C  CG1 . VAL A 1 195 ? 3.37458   -7.99936  9.72934   1.000 128.06643 ? 294 VAL A CG1 1 
ATOM   739 C  CG2 . VAL A 1 195 ? 3.15755   -8.94306  7.42565   1.000 131.49281 ? 294 VAL A CG2 1 
ATOM   740 N  N   . GLY A 1 196 ? 0.02255   -10.72286 10.60566  1.000 140.98571 ? 295 GLY A N   1 
ATOM   741 C  CA  . GLY A 1 196 ? -0.86833  -10.71994 11.74117  1.000 127.30618 ? 295 GLY A CA  1 
ATOM   742 C  C   . GLY A 1 196 ? -2.14294  -9.93578  11.55524  1.000 141.27417 ? 295 GLY A C   1 
ATOM   743 O  O   . GLY A 1 196 ? -2.82416  -9.65570  12.54739  1.000 147.52692 ? 295 GLY A O   1 
ATOM   744 N  N   . THR A 1 197 ? -2.49206  -9.57435  10.32871  1.000 150.02435 ? 296 THR A N   1 
ATOM   745 C  CA  . THR A 1 197 ? -3.69030  -8.78483  10.08525  1.000 155.03258 ? 296 THR A CA  1 
ATOM   746 C  C   . THR A 1 197 ? -4.36202  -9.37674  8.84748   1.000 140.15542 ? 296 THR A C   1 
ATOM   747 O  O   . THR A 1 197 ? -4.06728  -10.50337 8.43200   1.000 132.52305 ? 296 THR A O   1 
ATOM   748 C  CB  . THR A 1 197 ? -3.30825  -7.29765  9.97806   1.000 134.36650 ? 296 THR A CB  1 
ATOM   749 O  OG1 . THR A 1 197 ? -2.45263  -6.95897  11.07433  1.000 137.74076 ? 296 THR A OG1 1 
ATOM   750 C  CG2 . THR A 1 197 ? -4.53052  -6.41712  10.11663  1.000 136.38393 ? 296 THR A CG2 1 
ATOM   751 N  N   . THR A 1 198 ? -5.28449  -8.63449  8.24763   1.000 132.15813 ? 297 THR A N   1 
ATOM   752 C  CA  . THR A 1 198 ? -6.03181  -9.11482  7.09984   1.000 148.05167 ? 297 THR A CA  1 
ATOM   753 C  C   . THR A 1 198 ? -5.94320  -8.08827  5.97588   1.000 149.42980 ? 297 THR A C   1 
ATOM   754 O  O   . THR A 1 198 ? -5.81687  -6.88565  6.22616   1.000 145.30847 ? 297 THR A O   1 
ATOM   755 C  CB  . THR A 1 198 ? -7.49175  -9.41257  7.50063   1.000 153.25644 ? 297 THR A CB  1 
ATOM   756 O  OG1 . THR A 1 198 ? -8.03445  -10.40254 6.62558   1.000 153.20652 ? 297 THR A OG1 1 
ATOM   757 C  CG2 . THR A 1 198 ? -8.35150  -8.16273  7.44431   1.000 140.65850 ? 297 THR A CG2 1 
ATOM   758 N  N   . TYR A 1 199 ? -5.97304  -8.57284  4.72631   1.000 150.96511 ? 298 TYR A N   1 
ATOM   759 C  CA  . TYR A 1 199 ? -5.81126  -7.66873  3.58941   1.000 150.67014 ? 298 TYR A CA  1 
ATOM   760 C  C   . TYR A 1 199 ? -6.94377  -6.65376  3.49973   1.000 149.02248 ? 298 TYR A C   1 
ATOM   761 O  O   . TYR A 1 199 ? -6.74519  -5.55293  2.97463   1.000 149.25217 ? 298 TYR A O   1 
ATOM   762 C  CB  . TYR A 1 199 ? -5.69901  -8.44636  2.27373   1.000 150.37017 ? 298 TYR A CB  1 
ATOM   763 C  CG  . TYR A 1 199 ? -4.36279  -9.12091  2.05972   1.000 155.82894 ? 298 TYR A CG  1 
ATOM   764 C  CD1 . TYR A 1 199 ? -3.18799  -8.37816  2.03084   1.000 150.61535 ? 298 TYR A CD1 1 
ATOM   765 C  CD2 . TYR A 1 199 ? -4.27466  -10.49188 1.86275   1.000 166.70861 ? 298 TYR A CD2 1 
ATOM   766 C  CE1 . TYR A 1 199 ? -1.96075  -8.98467  1.83252   1.000 153.71548 ? 298 TYR A CE1 1 
ATOM   767 C  CE2 . TYR A 1 199 ? -3.04966  -11.10824 1.66086   1.000 164.54644 ? 298 TYR A CE2 1 
ATOM   768 C  CZ  . TYR A 1 199 ? -1.89750  -10.34875 1.64760   1.000 160.55831 ? 298 TYR A CZ  1 
ATOM   769 O  OH  . TYR A 1 199 ? -0.67838  -10.95366 1.44728   1.000 159.12399 ? 298 TYR A OH  1 
ATOM   770 N  N   . LYS A 1 200 ? -8.13396  -6.99649  4.00157   1.000 136.83444 ? 299 LYS A N   1 
ATOM   771 C  CA  . LYS A 1 200 ? -9.22423  -6.02556  4.01791   1.000 142.38335 ? 299 LYS A CA  1 
ATOM   772 C  C   . LYS A 1 200 ? -8.90157  -4.86489  4.95092   1.000 145.42383 ? 299 LYS A C   1 
ATOM   773 O  O   . LYS A 1 200 ? -9.10761  -3.69618  4.60242   1.000 145.03936 ? 299 LYS A O   1 
ATOM   774 C  CB  . LYS A 1 200 ? -10.53416 -6.70207  4.42831   1.000 164.74016 ? 299 LYS A CB  1 
ATOM   775 C  CG  . LYS A 1 200 ? -11.53520 -5.76129  5.09185   1.000 175.13917 ? 299 LYS A CG  1 
ATOM   776 C  CD  . LYS A 1 200 ? -12.89969 -6.41228  5.26123   1.000 174.88367 ? 299 LYS A CD  1 
ATOM   777 C  CE  . LYS A 1 200 ? -13.39452 -7.01734  3.95714   1.000 182.17434 ? 299 LYS A CE  1 
ATOM   778 N  NZ  . LYS A 1 200 ? -14.84644 -7.34575  4.01892   1.000 177.41141 ? 299 LYS A NZ  1 
ATOM   779 N  N   . HIS A 1 201 ? -8.39089  -5.17065  6.14542   1.000 143.73503 ? 300 HIS A N   1 
ATOM   780 C  CA  . HIS A 1 201 ? -8.01641  -4.12508  7.08743   1.000 139.18058 ? 300 HIS A CA  1 
ATOM   781 C  C   . HIS A 1 201 ? -6.79042  -3.35339  6.61890   1.000 135.99009 ? 300 HIS A C   1 
ATOM   782 O  O   . HIS A 1 201 ? -6.59946  -2.20690  7.03714   1.000 136.29298 ? 300 HIS A O   1 
ATOM   783 C  CB  . HIS A 1 201 ? -7.75569  -4.73132  8.46838   1.000 131.22639 ? 300 HIS A CB  1 
ATOM   784 C  CG  . HIS A 1 201 ? -7.24990  -3.74829  9.48016   1.000 135.97322 ? 300 HIS A CG  1 
ATOM   785 N  ND1 . HIS A 1 201 ? -5.91220  -3.45386  9.63173   1.000 128.55973 ? 300 HIS A ND1 1 
ATOM   786 C  CD2 . HIS A 1 201 ? -7.90329  -3.01657  10.41418  1.000 134.39899 ? 300 HIS A CD2 1 
ATOM   787 C  CE1 . HIS A 1 201 ? -5.76467  -2.56852  10.60178  1.000 141.39315 ? 300 HIS A CE1 1 
ATOM   788 N  NE2 . HIS A 1 201 ? -6.95745  -2.28769  11.09382  1.000 139.55254 ? 300 HIS A NE2 1 
HETATM 789 N  N   . MSE A 1 202 ? -5.96003  -3.95356  5.76794   1.000 134.38654 ? 301 MSE A N   1 
HETATM 790 C  CA  . MSE A 1 202 ? -4.78990  -3.27113  5.22328   1.000 131.44677 ? 301 MSE A CA  1 
HETATM 791 C  C   . MSE A 1 202 ? -5.20274  -2.10718  4.34155   1.000 132.42942 ? 301 MSE A C   1 
HETATM 792 O  O   . MSE A 1 202 ? -4.71301  -0.98896  4.50468   1.000 124.90563 ? 301 MSE A O   1 
HETATM 793 C  CB  . MSE A 1 202 ? -3.90944  -4.22787  4.41369   1.000 142.00990 ? 301 MSE A CB  1 
HETATM 794 C  CG  . MSE A 1 202 ? -3.23782  -5.31213  5.22581   1.000 135.99677 ? 301 MSE A CG  1 
HETATM 795 SE SE  . MSE A 1 202 ? -2.21795  -4.56028  6.70701   1.000 191.76240 ? 301 MSE A SE  1 
HETATM 796 C  CE  . MSE A 1 202 ? -0.89662  -3.53643  5.69730   1.000 139.25184 ? 301 MSE A CE  1 
ATOM   797 N  N   . LYS A 1 203 ? -6.09893  -2.38526  3.39218   1.000 142.44794 ? 302 LYS A N   1 
ATOM   798 C  CA  . LYS A 1 203 ? -6.59426  -1.33230  2.51257   1.000 139.79853 ? 302 LYS A CA  1 
ATOM   799 C  C   . LYS A 1 203 ? -7.27558  -0.23021  3.31408   1.000 133.89672 ? 302 LYS A C   1 
ATOM   800 O  O   . LYS A 1 203 ? -7.05492  0.95946   3.06394   1.000 139.62479 ? 302 LYS A O   1 
ATOM   801 C  CB  . LYS A 1 203 ? -7.54795  -1.91969  1.47038   1.000 137.66160 ? 302 LYS A CB  1 
ATOM   802 C  CG  . LYS A 1 203 ? -8.04763  -0.90638  0.44737   1.000 146.40751 ? 302 LYS A CG  1 
ATOM   803 C  CD  . LYS A 1 203 ? -8.15020  -1.50471  -0.94888  1.000 158.76347 ? 302 LYS A CD  1 
ATOM   804 C  CE  . LYS A 1 203 ? -8.44434  -0.43014  -1.98947  1.000 160.37034 ? 302 LYS A CE  1 
ATOM   805 N  NZ  . LYS A 1 203 ? -7.65692  0.81554   -1.76472  1.000 139.81660 ? 302 LYS A NZ  1 
ATOM   806 N  N   . ASP A 1 204 ? -8.09838  -0.61254  4.29419   1.000 135.78440 ? 303 ASP A N   1 
ATOM   807 C  CA  . ASP A 1 204 ? -8.74283  0.37665   5.15504   1.000 145.47217 ? 303 ASP A CA  1 
ATOM   808 C  C   . ASP A 1 204 ? -7.70673  1.19174   5.91509   1.000 135.83568 ? 303 ASP A C   1 
ATOM   809 O  O   . ASP A 1 204 ? -7.79380  2.42371   5.98064   1.000 148.84462 ? 303 ASP A O   1 
ATOM   810 C  CB  . ASP A 1 204 ? -9.68725  -0.31687  6.13561   1.000 148.65092 ? 303 ASP A CB  1 
ATOM   811 C  CG  . ASP A 1 204 ? -10.81658 -1.03875  5.44161   1.000 167.41600 ? 303 ASP A CG  1 
ATOM   812 O  OD1 . ASP A 1 204 ? -10.89694 -0.95901  4.19826   1.000 173.13381 ? 303 ASP A OD1 1 
ATOM   813 O  OD2 . ASP A 1 204 ? -11.62292 -1.68706  6.13998   1.000 188.67570 ? 303 ASP A OD2 1 
ATOM   814 N  N   . LEU A 1 205 ? -6.71853  0.51529   6.50109   1.000 132.43058 ? 304 LEU A N   1 
ATOM   815 C  CA  . LEU A 1 205 ? -5.69413  1.21904   7.26173   1.000 129.89602 ? 304 LEU A CA  1 
ATOM   816 C  C   . LEU A 1 205 ? -4.88555  2.14811   6.36711   1.000 124.09675 ? 304 LEU A C   1 
ATOM   817 O  O   . LEU A 1 205 ? -4.61487  3.29465   6.73789   1.000 112.99566 ? 304 LEU A O   1 
ATOM   818 C  CB  . LEU A 1 205 ? -4.78486  0.21458   7.96760   1.000 123.96324 ? 304 LEU A CB  1 
ATOM   819 C  CG  . LEU A 1 205 ? -3.84289  0.79171   9.02120   1.000 121.10643 ? 304 LEU A CG  1 
ATOM   820 C  CD1 . LEU A 1 205 ? -4.56631  1.82798   9.86495   1.000 137.64789 ? 304 LEU A CD1 1 
ATOM   821 C  CD2 . LEU A 1 205 ? -3.29844  -0.32290  9.89617   1.000 132.65934 ? 304 LEU A CD2 1 
ATOM   822 N  N   . LEU A 1 206 ? -4.50361  1.68089   5.17604   1.000 123.92295 ? 305 LEU A N   1 
ATOM   823 C  CA  . LEU A 1 206 ? -3.75217  2.53987   4.26751   1.000 123.70713 ? 305 LEU A CA  1 
ATOM   824 C  C   . LEU A 1 206 ? -4.62836  3.63227   3.66918   1.000 132.06711 ? 305 LEU A C   1 
ATOM   825 O  O   . LEU A 1 206 ? -4.14050  4.73876   3.41638   1.000 123.17504 ? 305 LEU A O   1 
ATOM   826 C  CB  . LEU A 1 206 ? -3.10291  1.70823   3.16250   1.000 120.08362 ? 305 LEU A CB  1 
ATOM   827 C  CG  . LEU A 1 206 ? -1.77865  1.04129   3.54659   1.000 121.90125 ? 305 LEU A CG  1 
ATOM   828 C  CD1 . LEU A 1 206 ? -1.21187  0.25666   2.37832   1.000 108.33164 ? 305 LEU A CD1 1 
ATOM   829 C  CD2 . LEU A 1 206 ? -0.77890  2.08163   4.03183   1.000 100.86098 ? 305 LEU A CD2 1 
ATOM   830 N  N   . SER A 1 207 ? -5.91498  3.35209   3.43730   1.000 137.49221 ? 306 SER A N   1 
ATOM   831 C  CA  . SER A 1 207 ? -6.82691  4.40749   3.00991   1.000 126.39034 ? 306 SER A CA  1 
ATOM   832 C  C   . SER A 1 207 ? -6.98874  5.48034   4.07525   1.000 112.46411 ? 306 SER A C   1 
ATOM   833 O  O   . SER A 1 207 ? -7.44245  6.58459   3.76241   1.000 111.39152 ? 306 SER A O   1 
ATOM   834 C  CB  . SER A 1 207 ? -8.19845  3.82870   2.65081   1.000 118.67885 ? 306 SER A CB  1 
ATOM   835 O  OG  . SER A 1 207 ? -8.12949  2.98772   1.51229   1.000 134.27437 ? 306 SER A OG  1 
ATOM   836 N  N   . LYS A 1 208 ? -6.63093  5.17907   5.32469   1.000 120.37137 ? 307 LYS A N   1 
ATOM   837 C  CA  . LYS A 1 208 ? -6.70722  6.18529   6.37545   1.000 133.65083 ? 307 LYS A CA  1 
ATOM   838 C  C   . LYS A 1 208 ? -5.58289  7.20593   6.24811   1.000 129.97101 ? 307 LYS A C   1 
ATOM   839 O  O   . LYS A 1 208 ? -5.76434  8.37162   6.61595   1.000 151.27990 ? 307 LYS A O   1 
ATOM   840 C  CB  . LYS A 1 208 ? -6.68594  5.51073   7.74923   1.000 148.68328 ? 307 LYS A CB  1 
ATOM   841 C  CG  . LYS A 1 208 ? -7.96843  4.75472   8.07593   1.000 144.79406 ? 307 LYS A CG  1 
ATOM   842 C  CD  . LYS A 1 208 ? -7.88651  4.06608   9.42924   1.000 144.17318 ? 307 LYS A CD  1 
ATOM   843 C  CE  . LYS A 1 208 ? -9.17625  3.32719   9.75806   1.000 147.75876 ? 307 LYS A CE  1 
ATOM   844 N  NZ  . LYS A 1 208 ? -9.09418  2.62168   11.06836  1.000 158.40851 ? 307 LYS A NZ  1 
ATOM   845 N  N   . LEU A 1 209 ? -4.42598  6.79503   5.72813   1.000 123.57805 ? 308 LEU A N   1 
ATOM   846 C  CA  . LEU A 1 209 ? -3.34224  7.71671   5.41282   1.000 129.47180 ? 308 LEU A CA  1 
ATOM   847 C  C   . LEU A 1 209 ? -3.35400  8.16494   3.95776   1.000 128.41749 ? 308 LEU A C   1 
ATOM   848 O  O   . LEU A 1 209 ? -2.51545  8.98428   3.57262   1.000 151.99692 ? 308 LEU A O   1 
ATOM   849 C  CB  . LEU A 1 209 ? -1.97962  7.09571   5.74829   1.000 130.81847 ? 308 LEU A CB  1 
ATOM   850 C  CG  . LEU A 1 209 ? -1.75324  6.51602   7.14916   1.000 113.53791 ? 308 LEU A CG  1 
ATOM   851 C  CD1 . LEU A 1 209 ? -2.12172  5.04511   7.21227   1.000 88.83030  ? 308 LEU A CD1 1 
ATOM   852 C  CD2 . LEU A 1 209 ? -0.31393  6.72580   7.59588   1.000 73.29491  ? 308 LEU A CD2 1 
ATOM   853 N  N   . LEU A 1 210 ? -4.26691  7.64009   3.13877   1.000 137.88969 ? 309 LEU A N   1 
ATOM   854 C  CA  . LEU A 1 210 ? -4.50175  8.20545   1.81572   1.000 145.44781 ? 309 LEU A CA  1 
ATOM   855 C  C   . LEU A 1 210 ? -5.44288  9.39952   1.85077   1.000 137.61480 ? 309 LEU A C   1 
ATOM   856 O  O   . LEU A 1 210 ? -5.67429  10.01720  0.80648   1.000 154.94976 ? 309 LEU A O   1 
ATOM   857 C  CB  . LEU A 1 210 ? -5.05659  7.14540   0.86116   1.000 138.14702 ? 309 LEU A CB  1 
ATOM   858 C  CG  . LEU A 1 210 ? -4.05181  6.51722   -0.10793  1.000 122.58991 ? 309 LEU A CG  1 
ATOM   859 C  CD1 . LEU A 1 210 ? -2.96215  5.75743   0.62701   1.000 122.62980 ? 309 LEU A CD1 1 
ATOM   860 C  CD2 . LEU A 1 210 ? -4.77035  5.61266   -1.09562  1.000 120.57242 ? 309 LEU A CD2 1 
ATOM   861 N  N   . ASN A 1 211 ? -5.99610  9.72553   3.01692   1.000 132.29422 ? 310 ASN A N   1 
ATOM   862 C  CA  . ASN A 1 211 ? -6.75561  10.94891  3.20732   1.000 139.02400 ? 310 ASN A CA  1 
ATOM   863 C  C   . ASN A 1 211 ? -6.28447  11.73573  4.42053   1.000 137.11216 ? 310 ASN A C   1 
ATOM   864 O  O   . ASN A 1 211 ? -6.88631  12.76599  4.74220   1.000 137.56723 ? 310 ASN A O   1 
ATOM   865 C  CB  . ASN A 1 211 ? -8.25450  10.64060  3.34673   1.000 128.29701 ? 310 ASN A CB  1 
ATOM   866 C  CG  . ASN A 1 211 ? -8.77678  9.75990   2.22772   1.000 132.91342 ? 310 ASN A CG  1 
ATOM   867 O  OD1 . ASN A 1 211 ? -9.23282  8.64076   2.46312   1.000 136.78405 ? 310 ASN A OD1 1 
ATOM   868 N  ND2 . ASN A 1 211 ? -8.72508  10.26880  1.00170   1.000 133.18399 ? 310 ASN A ND2 1 
ATOM   869 N  N   . SER A 1 212 ? -5.22522  11.28541  5.09267   1.000 152.47787 ? 311 SER A N   1 
ATOM   870 C  CA  . SER A 1 212 ? -4.74782  11.90361  6.32290   1.000 160.21590 ? 311 SER A CA  1 
ATOM   871 C  C   . SER A 1 212 ? -4.26582  13.32981  6.08698   1.000 153.77237 ? 311 SER A C   1 
ATOM   872 O  O   . SER A 1 212 ? -4.83854  14.28269  6.62520   1.000 167.30028 ? 311 SER A O   1 
ATOM   873 C  CB  . SER A 1 212 ? -3.62539  11.05814  6.93203   1.000 152.42573 ? 311 SER A CB  1 
ATOM   874 O  OG  . SER A 1 212 ? -3.25172  11.53870  8.21121   1.000 151.23801 ? 311 SER A OG  1 
ATOM   875 N  N   . GLY A 1 213 ? -3.21795  13.48543  5.28373   1.000 147.97414 ? 312 GLY A N   1 
ATOM   876 C  CA  . GLY A 1 213 ? -2.61034  14.78341  5.06796   1.000 149.22347 ? 312 GLY A CA  1 
ATOM   877 C  C   . GLY A 1 213 ? -1.10329  14.69535  5.16398   1.000 140.11936 ? 312 GLY A C   1 
ATOM   878 O  O   . GLY A 1 213 ? -0.37848  15.53943  4.62833   1.000 115.60920 ? 312 GLY A O   1 
ATOM   879 N  N   . TYR A 1 214 ? -0.62280  13.66290  5.85901   1.000 138.79041 ? 313 TYR A N   1 
ATOM   880 C  CA  . TYR A 1 214 ? 0.80786   13.39628  5.91358   1.000 134.58766 ? 313 TYR A CA  1 
ATOM   881 C  C   . TYR A 1 214 ? 1.33496   12.85901  4.59241   1.000 145.79124 ? 313 TYR A C   1 
ATOM   882 O  O   . TYR A 1 214 ? 2.55182   12.85419  4.37842   1.000 147.05793 ? 313 TYR A O   1 
ATOM   883 C  CB  . TYR A 1 214 ? 1.11041   12.40056  7.03445   1.000 106.53065 ? 313 TYR A CB  1 
ATOM   884 C  CG  . TYR A 1 214 ? 2.41502   12.65035  7.75485   1.000 102.51116 ? 313 TYR A CG  1 
ATOM   885 C  CD1 . TYR A 1 214 ? 2.56334   13.74755  8.59213   1.000 112.15083 ? 313 TYR A CD1 1 
ATOM   886 C  CD2 . TYR A 1 214 ? 3.49182   11.78518  7.61197   1.000 109.67850 ? 313 TYR A CD2 1 
ATOM   887 C  CE1 . TYR A 1 214 ? 3.74765   13.98314  9.26048   1.000 120.20772 ? 313 TYR A CE1 1 
ATOM   888 C  CE2 . TYR A 1 214 ? 4.68385   12.01362  8.27881   1.000 125.95872 ? 313 TYR A CE2 1 
ATOM   889 C  CZ  . TYR A 1 214 ? 4.80500   13.11504  9.10058   1.000 126.43411 ? 313 TYR A CZ  1 
ATOM   890 O  OH  . TYR A 1 214 ? 5.98433   13.35304  9.76917   1.000 139.34807 ? 313 TYR A OH  1 
ATOM   891 N  N   . PHE A 1 215 ? 0.44525   12.41569  3.70499   1.000 145.32943 ? 314 PHE A N   1 
ATOM   892 C  CA  . PHE A 1 215 ? 0.83632   11.78474  2.45313   1.000 149.59933 ? 314 PHE A CA  1 
ATOM   893 C  C   . PHE A 1 215 ? 1.09356   12.78552  1.33293   1.000 160.14672 ? 314 PHE A C   1 
ATOM   894 O  O   . PHE A 1 215 ? 1.61925   12.39237  0.28560   1.000 177.59151 ? 314 PHE A O   1 
ATOM   895 C  CB  . PHE A 1 215 ? -0.23826  10.77067  2.04215   1.000 155.96898 ? 314 PHE A CB  1 
ATOM   896 C  CG  . PHE A 1 215 ? -1.52690  11.39448  1.59075   1.000 149.17086 ? 314 PHE A CG  1 
ATOM   897 C  CD1 . PHE A 1 215 ? -2.45324  11.84569  2.51675   1.000 144.44962 ? 314 PHE A CD1 1 
ATOM   898 C  CD2 . PHE A 1 215 ? -1.83560  11.48255  0.24357   1.000 168.07018 ? 314 PHE A CD2 1 
ATOM   899 C  CE1 . PHE A 1 215 ? -3.64303  12.41262  2.10951   1.000 159.93318 ? 314 PHE A CE1 1 
ATOM   900 C  CE2 . PHE A 1 215 ? -3.03141  12.04088  -0.17172  1.000 174.75856 ? 314 PHE A CE2 1 
ATOM   901 C  CZ  . PHE A 1 215 ? -3.93305  12.51110  0.76277   1.000 175.25179 ? 314 PHE A CZ  1 
ATOM   902 N  N   . GLU A 1 216 ? 0.75020   14.05817  1.52354   1.000 153.77984 ? 315 GLU A N   1 
ATOM   903 C  CA  . GLU A 1 216 ? 1.11962   15.11377  0.59232   1.000 135.28327 ? 315 GLU A CA  1 
ATOM   904 C  C   . GLU A 1 216 ? 1.93550   16.17988  1.30639   1.000 141.12496 ? 315 GLU A C   1 
ATOM   905 O  O   . GLU A 1 216 ? 1.69054   16.49541  2.47509   1.000 163.56203 ? 315 GLU A O   1 
ATOM   906 C  CB  . GLU A 1 216 ? -0.10007  15.77754  -0.05159  1.000 87.06226  ? 315 GLU A CB  1 
ATOM   907 C  CG  . GLU A 1 216 ? -1.18114  14.81950  -0.46691  1.000 96.75359  ? 315 GLU A CG  1 
ATOM   908 C  CD  . GLU A 1 216 ? -1.91509  15.28584  -1.70112  1.000 124.72276 ? 315 GLU A CD  1 
ATOM   909 O  OE1 . GLU A 1 216 ? -1.65464  16.42249  -2.14891  1.000 152.31653 ? 315 GLU A OE1 1 
ATOM   910 O  OE2 . GLU A 1 216 ? -2.75012  14.51778  -2.22194  1.000 107.59506 ? 315 GLU A OE2 1 
ATOM   911 N  N   . SER A 1 217 ? 2.90230   16.73471  0.57898   1.000 138.73951 ? 316 SER A N   1 
ATOM   912 C  CA  . SER A 1 217 ? 3.74137   17.83368  1.04998   1.000 155.01636 ? 316 SER A CA  1 
ATOM   913 C  C   . SER A 1 217 ? 4.34772   17.51281  2.41766   1.000 153.71671 ? 316 SER A C   1 
ATOM   914 O  O   . SER A 1 217 ? 3.99888   18.09075  3.44659   1.000 157.20381 ? 316 SER A O   1 
ATOM   915 C  CB  . SER A 1 217 ? 2.94587   19.14034  1.09476   1.000 161.99572 ? 316 SER A CB  1 
ATOM   916 O  OG  . SER A 1 217 ? 3.76641   20.21111  1.52768   1.000 181.42746 ? 316 SER A OG  1 
ATOM   917 N  N   . ILE A 1 218 ? 5.27248   16.56022  2.39204   1.000 157.24483 ? 317 ILE A N   1 
ATOM   918 C  CA  . ILE A 1 218 ? 5.96551   16.12950  3.60145   1.000 171.11851 ? 317 ILE A CA  1 
ATOM   919 C  C   . ILE A 1 218 ? 7.46238   16.20102  3.31625   1.000 175.91775 ? 317 ILE A C   1 
ATOM   920 O  O   . ILE A 1 218 ? 7.87570   16.02138  2.16060   1.000 184.61169 ? 317 ILE A O   1 
ATOM   921 C  CB  . ILE A 1 218 ? 5.50361   14.72447  4.03110   1.000 167.21414 ? 317 ILE A CB  1 
ATOM   922 C  CG1 . ILE A 1 218 ? 5.52944   14.58932  5.55357   1.000 156.96846 ? 317 ILE A CG1 1 
ATOM   923 C  CG2 . ILE A 1 218 ? 6.34522   13.63637  3.37544   1.000 157.06338 ? 317 ILE A CG2 1 
ATOM   924 C  CD1 . ILE A 1 218 ? 4.57318   15.53172  6.25068   1.000 140.65920 ? 317 ILE A CD1 1 
ATOM   925 N  N   . PRO A 1 219 ? 8.30718   16.51788  4.31305   1.000 177.76668 ? 318 PRO A N   1 
ATOM   926 C  CA  . PRO A 1 219 ? 9.76410   16.57247  4.14773   1.000 178.07852 ? 318 PRO A CA  1 
ATOM   927 C  C   . PRO A 1 219 ? 10.35518  15.35296  3.44276   1.000 176.80735 ? 318 PRO A C   1 
ATOM   928 O  O   . PRO A 1 219 ? 11.27297  14.73897  3.98663   1.000 190.85135 ? 318 PRO A O   1 
ATOM   929 C  CB  . PRO A 1 219 ? 10.26223  16.64837  5.58855   1.000 181.83663 ? 318 PRO A CB  1 
ATOM   930 C  CG  . PRO A 1 219 ? 9.20286   17.42585  6.28840   1.000 177.04434 ? 318 PRO A CG  1 
ATOM   931 C  CD  . PRO A 1 219 ? 7.89081   17.09391  5.60547   1.000 172.48175 ? 318 PRO A CD  1 
# 
